data_6L3N
#
_entry.id   6L3N
#
_cell.length_a   213.803
_cell.length_b   100.094
_cell.length_c   103.152
_cell.angle_alpha   90.000
_cell.angle_beta   113.400
_cell.angle_gamma   90.000
#
_symmetry.space_group_name_H-M   'C 1 2 1'
#
loop_
_entity.id
_entity.type
_entity.pdbx_description
1 polymer 'polyketide synthase'
2 non-polymer 'METHYLMALONIC ACID'
3 non-polymer GLYCEROL
4 non-polymer 'PHOSPHATE ION'
5 water water
#
_entity_poly.entity_id   1
_entity_poly.type   'polypeptide(L)'
_entity_poly.pdbx_seq_one_letter_code
;DAPVPVPVPVPVPVAVSGATTAGLRAQAARLAGHLRERPALGPEAVARPLLLSRAQRERRAVVVAADRDSLLTGLDALAG
GEAGPRLASGAADVTGRVVLVFPGQGAHWTGVAERLWREAPVFADSMARCADVLRDLAGWELREVLVDPVALERVDVLQP
VSFAVVVSLAALWASVGVRPDAVVGHSQGEVAAAHVAGALTLAEAARIVVLRSALIARELSGRGAMLTVVADVERVTALL
AGFEGRVCVAAVNGPASVTVSGEDGAVREFERVLSARRMLRWRLPGVDFAGHSPQVDALRAELLAALGDIASREPEIPLL
STVTGEPATRLDAEHWYRNLREPVRFADAVTALLDRGHRVFVEVSPHPVLTTSVVDLAAPHRTAVVGTLRRDEGGLDRFL
LSAAELHVRGVPVDLARHAGAGTAEVPTTVFQ
;
_entity_poly.pdbx_strand_id   A,B,C,D
#
# COMPACT_ATOMS: atom_id res chain seq x y z
N VAL A 8 -27.55 -35.83 14.46
CA VAL A 8 -27.17 -34.75 13.50
C VAL A 8 -27.22 -35.27 12.06
N PRO A 9 -28.10 -34.68 11.23
CA PRO A 9 -28.12 -35.17 9.84
C PRO A 9 -26.82 -34.89 9.07
N VAL A 10 -26.56 -35.73 8.08
CA VAL A 10 -25.36 -35.67 7.28
C VAL A 10 -25.67 -35.02 5.92
N PRO A 11 -24.77 -34.14 5.45
CA PRO A 11 -25.08 -33.44 4.22
C PRO A 11 -24.94 -34.36 3.02
N VAL A 12 -25.84 -34.22 2.06
CA VAL A 12 -25.74 -34.93 0.79
C VAL A 12 -25.79 -33.96 -0.38
N PRO A 13 -25.13 -34.31 -1.49
CA PRO A 13 -25.20 -33.44 -2.65
C PRO A 13 -26.41 -33.76 -3.49
N VAL A 14 -27.30 -32.77 -3.63
CA VAL A 14 -28.55 -32.96 -4.39
C VAL A 14 -28.42 -32.25 -5.74
N ALA A 15 -28.33 -33.07 -6.81
CA ALA A 15 -27.96 -32.62 -8.12
C ALA A 15 -29.19 -32.42 -9.03
N VAL A 16 -29.21 -31.32 -9.77
CA VAL A 16 -30.19 -31.09 -10.81
C VAL A 16 -29.50 -30.49 -12.02
N SER A 17 -30.05 -30.74 -13.21
CA SER A 17 -29.44 -30.19 -14.40
C SER A 17 -30.46 -29.98 -15.52
N GLY A 18 -30.07 -29.15 -16.49
CA GLY A 18 -30.87 -28.93 -17.70
C GLY A 18 -30.00 -28.65 -18.90
N ALA A 19 -30.61 -28.66 -20.09
CA ALA A 19 -29.89 -28.34 -21.30
C ALA A 19 -29.54 -26.83 -21.38
N THR A 20 -30.27 -26.02 -20.61
CA THR A 20 -30.08 -24.58 -20.60
C THR A 20 -30.21 -24.10 -19.16
N THR A 21 -29.83 -22.88 -18.91
CA THR A 21 -29.98 -22.28 -17.60
C THR A 21 -31.43 -22.15 -17.20
N ALA A 22 -32.28 -21.78 -18.14
CA ALA A 22 -33.70 -21.73 -17.83
C ALA A 22 -34.28 -23.11 -17.52
N GLY A 23 -33.78 -24.14 -18.21
CA GLY A 23 -34.22 -25.50 -17.94
C GLY A 23 -33.75 -25.95 -16.55
N LEU A 24 -32.53 -25.58 -16.19
CA LEU A 24 -31.95 -25.91 -14.88
C LEU A 24 -32.79 -25.28 -13.77
N ARG A 25 -33.17 -24.03 -13.95
CA ARG A 25 -33.99 -23.34 -12.94
C ARG A 25 -35.38 -23.91 -12.84
N ALA A 26 -35.94 -24.33 -13.97
CA ALA A 26 -37.24 -24.96 -13.94
C ALA A 26 -37.19 -26.30 -13.21
N GLN A 27 -36.13 -27.09 -13.47
CA GLN A 27 -35.95 -28.37 -12.78
C GLN A 27 -35.84 -28.16 -11.27
N ALA A 28 -35.17 -27.09 -10.86
CA ALA A 28 -35.09 -26.77 -9.44
C ALA A 28 -36.45 -26.49 -8.83
N ALA A 29 -37.25 -25.68 -9.52
CA ALA A 29 -38.63 -25.41 -9.10
C ALA A 29 -39.50 -26.66 -9.01
N ARG A 30 -39.37 -27.53 -10.01
CA ARG A 30 -40.12 -28.79 -10.07
C ARG A 30 -39.77 -29.72 -8.89
N LEU A 31 -38.49 -29.79 -8.55
CA LEU A 31 -38.06 -30.63 -7.46
C LEU A 31 -38.54 -30.07 -6.11
N ALA A 32 -38.44 -28.75 -5.94
CA ALA A 32 -38.92 -28.12 -4.74
C ALA A 32 -40.43 -28.40 -4.57
N GLY A 33 -41.18 -28.28 -5.66
CA GLY A 33 -42.64 -28.53 -5.63
C GLY A 33 -42.97 -29.95 -5.22
N HIS A 34 -42.25 -30.90 -5.82
CA HIS A 34 -42.38 -32.32 -5.49
C HIS A 34 -42.10 -32.59 -4.02
N LEU A 35 -41.06 -31.96 -3.50
CA LEU A 35 -40.73 -32.09 -2.08
C LEU A 35 -41.81 -31.48 -1.19
N ARG A 36 -42.36 -30.34 -1.59
CA ARG A 36 -43.35 -29.67 -0.74
C ARG A 36 -44.66 -30.43 -0.72
N GLU A 37 -44.92 -31.21 -1.77
CA GLU A 37 -46.08 -32.12 -1.80
C GLU A 37 -45.88 -33.34 -0.92
N ARG A 38 -44.63 -33.63 -0.55
CA ARG A 38 -44.32 -34.88 0.16
C ARG A 38 -43.48 -34.60 1.38
N PRO A 39 -44.12 -34.15 2.48
CA PRO A 39 -43.45 -33.55 3.63
C PRO A 39 -42.44 -34.47 4.31
N ALA A 40 -42.58 -35.77 4.16
CA ALA A 40 -41.67 -36.73 4.82
C ALA A 40 -40.36 -36.94 4.03
N LEU A 41 -40.30 -36.44 2.80
CA LEU A 41 -39.19 -36.73 1.90
C LEU A 41 -37.98 -35.85 2.21
N GLY A 42 -36.85 -36.47 2.56
CA GLY A 42 -35.61 -35.72 2.83
C GLY A 42 -34.60 -35.72 1.70
N PRO A 43 -33.57 -34.83 1.78
CA PRO A 43 -32.52 -34.86 0.75
C PRO A 43 -31.86 -36.26 0.61
N GLU A 44 -31.71 -36.96 1.73
CA GLU A 44 -31.04 -38.26 1.73
C GLU A 44 -31.85 -39.35 1.01
N ALA A 45 -33.15 -39.09 0.82
CA ALA A 45 -33.99 -40.03 0.07
C ALA A 45 -33.86 -39.88 -1.43
N VAL A 46 -33.57 -38.67 -1.91
CA VAL A 46 -33.59 -38.40 -3.35
C VAL A 46 -32.21 -38.20 -3.97
N ALA A 47 -31.18 -37.95 -3.16
CA ALA A 47 -29.88 -37.58 -3.73
C ALA A 47 -29.29 -38.65 -4.64
N ARG A 48 -29.31 -39.92 -4.21
CA ARG A 48 -28.63 -40.96 -4.98
C ARG A 48 -29.24 -41.15 -6.39
N PRO A 49 -30.55 -41.25 -6.48
CA PRO A 49 -31.12 -41.40 -7.85
C PRO A 49 -30.96 -40.16 -8.73
N LEU A 50 -30.90 -38.99 -8.13
CA LEU A 50 -30.65 -37.77 -8.92
C LEU A 50 -29.29 -37.75 -9.55
N LEU A 51 -28.32 -38.44 -8.95
CA LEU A 51 -27.01 -38.57 -9.59
C LEU A 51 -26.95 -39.76 -10.52
N LEU A 52 -27.50 -40.89 -10.10
CA LEU A 52 -27.21 -42.16 -10.75
C LEU A 52 -28.26 -42.50 -11.81
N SER A 53 -29.47 -41.98 -11.66
CA SER A 53 -30.58 -42.32 -12.58
C SER A 53 -30.98 -41.20 -13.55
N ARG A 54 -30.28 -40.06 -13.52
CA ARG A 54 -30.63 -38.91 -14.38
C ARG A 54 -29.41 -38.47 -15.16
N ALA A 55 -29.63 -38.07 -16.40
CA ALA A 55 -28.58 -37.47 -17.20
C ALA A 55 -28.05 -36.19 -16.52
N GLN A 56 -26.75 -35.99 -16.60
CA GLN A 56 -26.11 -34.78 -16.08
C GLN A 56 -25.80 -33.84 -17.25
N ARG A 57 -26.64 -32.84 -17.41
CA ARG A 57 -26.72 -32.11 -18.68
C ARG A 57 -25.83 -30.88 -18.64
N GLU A 58 -26.04 -29.98 -19.59
CA GLU A 58 -25.06 -28.95 -19.90
C GLU A 58 -24.99 -27.85 -18.85
N ARG A 59 -26.09 -27.64 -18.14
CA ARG A 59 -26.14 -26.61 -17.09
C ARG A 59 -26.54 -27.30 -15.81
N ARG A 60 -25.64 -27.25 -14.84
CA ARG A 60 -25.72 -28.10 -13.65
C ARG A 60 -25.73 -27.30 -12.36
N ALA A 61 -26.39 -27.86 -11.35
CA ALA A 61 -26.35 -27.31 -9.98
C ALA A 61 -26.29 -28.47 -8.99
N VAL A 62 -25.77 -28.15 -7.81
CA VAL A 62 -25.86 -29.03 -6.67
C VAL A 62 -26.20 -28.17 -5.46
N VAL A 63 -27.18 -28.63 -4.68
CA VAL A 63 -27.39 -28.10 -3.34
C VAL A 63 -26.89 -29.13 -2.33
N VAL A 64 -25.93 -28.72 -1.51
CA VAL A 64 -25.43 -29.58 -0.44
C VAL A 64 -26.23 -29.32 0.82
N ALA A 65 -27.05 -30.30 1.22
CA ALA A 65 -28.02 -30.10 2.26
C ALA A 65 -28.17 -31.36 3.11
N ALA A 66 -28.35 -31.15 4.41
CA ALA A 66 -28.55 -32.24 5.36
C ALA A 66 -30.03 -32.43 5.70
N ASP A 67 -30.83 -31.41 5.47
CA ASP A 67 -32.25 -31.48 5.80
C ASP A 67 -33.11 -30.82 4.76
N ARG A 68 -34.42 -31.06 4.86
CA ARG A 68 -35.40 -30.54 3.94
C ARG A 68 -35.30 -29.04 3.77
N ASP A 69 -35.36 -28.33 4.90
CA ASP A 69 -35.49 -26.87 4.87
C ASP A 69 -34.29 -26.27 4.13
N SER A 70 -33.10 -26.77 4.40
CA SER A 70 -31.92 -26.23 3.75
C SER A 70 -31.88 -26.61 2.24
N LEU A 71 -32.37 -27.79 1.88
CA LEU A 71 -32.46 -28.15 0.48
C LEU A 71 -33.45 -27.22 -0.25
N LEU A 72 -34.60 -26.97 0.38
CA LEU A 72 -35.65 -26.15 -0.23
C LEU A 72 -35.19 -24.70 -0.36
N THR A 73 -34.44 -24.22 0.62
CA THR A 73 -33.85 -22.89 0.55
C THR A 73 -32.93 -22.78 -0.67
N GLY A 74 -32.11 -23.80 -0.86
CA GLY A 74 -31.18 -23.82 -1.97
C GLY A 74 -31.89 -23.90 -3.31
N LEU A 75 -32.90 -24.76 -3.39
CA LEU A 75 -33.63 -24.97 -4.64
C LEU A 75 -34.45 -23.73 -5.03
N ASP A 76 -35.01 -23.05 -4.04
CA ASP A 76 -35.76 -21.81 -4.29
C ASP A 76 -34.80 -20.75 -4.85
N ALA A 77 -33.61 -20.63 -4.26
CA ALA A 77 -32.60 -19.69 -4.73
C ALA A 77 -32.21 -20.02 -6.17
N LEU A 78 -31.97 -21.29 -6.43
CA LEU A 78 -31.56 -21.72 -7.76
C LEU A 78 -32.68 -21.41 -8.78
N ALA A 79 -33.93 -21.75 -8.43
CA ALA A 79 -35.08 -21.51 -9.31
C ALA A 79 -35.21 -20.05 -9.67
N GLY A 80 -34.85 -19.18 -8.73
CA GLY A 80 -35.00 -17.73 -8.92
C GLY A 80 -33.76 -17.08 -9.45
N GLY A 81 -32.74 -17.89 -9.77
CA GLY A 81 -31.49 -17.38 -10.33
C GLY A 81 -30.61 -16.66 -9.33
N GLU A 82 -30.75 -16.96 -8.04
CA GLU A 82 -29.93 -16.30 -7.01
C GLU A 82 -28.84 -17.24 -6.52
N ALA A 83 -27.76 -16.67 -5.99
CA ALA A 83 -26.71 -17.46 -5.35
C ALA A 83 -27.17 -17.89 -3.96
N GLY A 84 -26.58 -18.96 -3.46
CA GLY A 84 -26.83 -19.40 -2.09
C GLY A 84 -25.58 -20.02 -1.51
N PRO A 85 -25.46 -20.02 -0.18
CA PRO A 85 -24.20 -20.45 0.44
C PRO A 85 -23.87 -21.95 0.27
N ARG A 86 -24.87 -22.78 0.01
CA ARG A 86 -24.61 -24.22 -0.24
C ARG A 86 -25.16 -24.64 -1.61
N LEU A 87 -25.07 -23.71 -2.54
CA LEU A 87 -25.50 -23.91 -3.93
C LEU A 87 -24.31 -23.73 -4.85
N ALA A 88 -23.96 -24.74 -5.62
CA ALA A 88 -23.02 -24.56 -6.73
C ALA A 88 -23.74 -24.75 -8.07
N SER A 89 -23.36 -23.96 -9.06
CA SER A 89 -23.94 -24.12 -10.42
C SER A 89 -22.99 -23.62 -11.47
N GLY A 90 -23.13 -24.17 -12.66
CA GLY A 90 -22.19 -23.86 -13.70
C GLY A 90 -22.51 -24.51 -15.03
N ALA A 91 -21.65 -24.22 -15.99
CA ALA A 91 -21.68 -24.84 -17.30
C ALA A 91 -20.75 -26.02 -17.32
N ALA A 92 -21.26 -27.15 -17.76
CA ALA A 92 -20.49 -28.36 -17.80
C ALA A 92 -19.64 -28.44 -19.03
N ASP A 93 -18.60 -27.63 -19.09
CA ASP A 93 -17.86 -27.43 -20.33
C ASP A 93 -16.35 -27.58 -20.20
N VAL A 94 -15.87 -28.13 -19.08
CA VAL A 94 -14.41 -28.21 -18.85
C VAL A 94 -13.92 -29.60 -19.14
N THR A 95 -12.90 -29.68 -20.00
CA THR A 95 -12.19 -30.92 -20.22
C THR A 95 -10.70 -30.64 -20.05
N GLY A 96 -9.96 -31.68 -19.76
CA GLY A 96 -8.52 -31.55 -19.63
C GLY A 96 -8.01 -32.17 -18.34
N ARG A 97 -6.70 -32.09 -18.14
CA ARG A 97 -6.07 -32.85 -17.07
C ARG A 97 -6.15 -32.05 -15.74
N VAL A 98 -5.91 -32.76 -14.65
CA VAL A 98 -6.22 -32.29 -13.30
C VAL A 98 -4.92 -32.04 -12.55
N VAL A 99 -4.85 -30.88 -11.90
CA VAL A 99 -3.73 -30.53 -11.05
C VAL A 99 -4.21 -30.34 -9.59
N LEU A 100 -3.51 -30.96 -8.66
CA LEU A 100 -3.65 -30.58 -7.25
C LEU A 100 -2.59 -29.58 -6.88
N VAL A 101 -3.04 -28.46 -6.32
CA VAL A 101 -2.16 -27.38 -5.89
C VAL A 101 -2.10 -27.41 -4.36
N PHE A 102 -0.90 -27.40 -3.84
CA PHE A 102 -0.69 -27.44 -2.42
C PHE A 102 -0.15 -26.06 -2.00
N PRO A 103 -0.84 -25.38 -1.10
CA PRO A 103 -0.42 -24.08 -0.65
C PRO A 103 0.84 -24.18 0.20
N GLY A 104 1.45 -23.05 0.45
CA GLY A 104 2.50 -22.94 1.44
C GLY A 104 1.94 -22.34 2.70
N GLN A 105 2.32 -21.09 2.98
CA GLN A 105 1.89 -20.41 4.18
C GLN A 105 0.58 -19.71 3.96
N GLY A 106 -0.10 -19.40 5.07
CA GLY A 106 -1.12 -18.34 5.07
C GLY A 106 -2.54 -18.81 4.83
N ALA A 107 -2.75 -20.12 4.71
CA ALA A 107 -4.08 -20.65 4.45
C ALA A 107 -4.72 -21.25 5.69
N HIS A 108 -3.90 -21.58 6.69
CA HIS A 108 -4.41 -22.37 7.79
C HIS A 108 -5.26 -21.49 8.68
N TRP A 109 -6.24 -22.06 9.35
CA TRP A 109 -7.00 -21.31 10.38
C TRP A 109 -7.24 -22.19 11.58
N THR A 110 -7.19 -21.60 12.77
CA THR A 110 -7.18 -22.39 14.00
C THR A 110 -8.51 -23.12 14.18
N GLY A 111 -8.44 -24.42 14.38
CA GLY A 111 -9.65 -25.24 14.48
C GLY A 111 -9.92 -26.09 13.24
N VAL A 112 -9.30 -25.74 12.11
CA VAL A 112 -9.55 -26.52 10.89
C VAL A 112 -9.04 -27.95 11.08
N ALA A 113 -9.81 -28.87 10.50
CA ALA A 113 -9.55 -30.31 10.48
C ALA A 113 -10.22 -31.07 11.60
N GLU A 114 -10.59 -30.40 12.68
CA GLU A 114 -11.19 -31.13 13.81
C GLU A 114 -12.59 -31.61 13.41
N ARG A 115 -13.40 -30.72 12.84
CA ARG A 115 -14.75 -31.07 12.42
C ARG A 115 -14.72 -32.13 11.33
N LEU A 116 -13.81 -31.97 10.38
CA LEU A 116 -13.71 -32.91 9.28
C LEU A 116 -13.24 -34.30 9.71
N TRP A 117 -12.36 -34.33 10.73
CA TRP A 117 -11.94 -35.59 11.36
C TRP A 117 -13.18 -36.34 11.90
N ARG A 118 -14.11 -35.60 12.51
CA ARG A 118 -15.33 -36.20 13.04
C ARG A 118 -16.28 -36.67 11.95
N GLU A 119 -16.26 -36.00 10.79
CA GLU A 119 -17.33 -36.16 9.82
C GLU A 119 -16.96 -37.05 8.62
N ALA A 120 -15.68 -37.24 8.36
CA ALA A 120 -15.26 -37.89 7.11
C ALA A 120 -14.21 -38.94 7.38
N PRO A 121 -14.59 -40.22 7.36
CA PRO A 121 -13.69 -41.29 7.77
C PRO A 121 -12.40 -41.42 6.99
N VAL A 122 -12.42 -41.09 5.71
CA VAL A 122 -11.18 -41.17 4.93
C VAL A 122 -10.19 -40.08 5.42
N PHE A 123 -10.72 -38.90 5.70
CA PHE A 123 -9.91 -37.78 6.22
C PHE A 123 -9.41 -38.08 7.66
N ALA A 124 -10.30 -38.64 8.47
CA ALA A 124 -9.93 -39.11 9.80
C ALA A 124 -8.78 -40.10 9.74
N ASP A 125 -8.88 -41.07 8.84
CA ASP A 125 -7.84 -42.07 8.76
C ASP A 125 -6.50 -41.44 8.40
N SER A 126 -6.51 -40.62 7.38
CA SER A 126 -5.25 -40.01 6.93
C SER A 126 -4.67 -39.16 8.04
N MET A 127 -5.52 -38.41 8.75
CA MET A 127 -5.04 -37.58 9.84
C MET A 127 -4.40 -38.43 10.98
N ALA A 128 -5.00 -39.57 11.26
CA ALA A 128 -4.44 -40.49 12.27
C ALA A 128 -3.12 -41.09 11.85
N ARG A 129 -3.01 -41.45 10.58
CA ARG A 129 -1.74 -41.89 10.01
C ARG A 129 -0.66 -40.77 10.15
N CYS A 130 -1.06 -39.52 9.87
CA CYS A 130 -0.16 -38.37 10.05
C CYS A 130 0.24 -38.24 11.53
N ALA A 131 -0.73 -38.40 12.42
CA ALA A 131 -0.49 -38.27 13.85
C ALA A 131 0.55 -39.27 14.32
N ASP A 132 0.48 -40.49 13.81
CA ASP A 132 1.46 -41.53 14.17
C ASP A 132 2.87 -41.07 13.80
N VAL A 133 3.05 -40.59 12.58
CA VAL A 133 4.36 -40.19 12.11
C VAL A 133 4.85 -38.96 12.88
N LEU A 134 3.97 -38.03 13.16
CA LEU A 134 4.37 -36.81 13.84
C LEU A 134 4.64 -37.05 15.36
N ARG A 135 3.92 -37.99 15.95
CA ARG A 135 4.14 -38.35 17.34
C ARG A 135 5.58 -38.83 17.55
N ASP A 136 6.05 -39.70 16.64
CA ASP A 136 7.42 -40.22 16.66
C ASP A 136 8.44 -39.07 16.53
N LEU A 137 8.21 -38.17 15.58
CA LEU A 137 9.19 -37.16 15.19
C LEU A 137 9.23 -35.98 16.15
N ALA A 138 8.06 -35.46 16.49
CA ALA A 138 7.93 -34.14 17.10
C ALA A 138 7.47 -34.27 18.56
N GLY A 139 6.88 -35.40 18.89
CA GLY A 139 6.46 -35.68 20.25
C GLY A 139 4.99 -35.44 20.46
N TRP A 140 4.50 -34.29 19.96
CA TRP A 140 3.18 -33.81 20.35
C TRP A 140 2.08 -34.55 19.58
N GLU A 141 0.84 -34.29 19.97
CA GLU A 141 -0.30 -35.04 19.48
C GLU A 141 -1.13 -34.18 18.51
N LEU A 142 -1.13 -34.58 17.24
CA LEU A 142 -1.72 -33.77 16.16
C LEU A 142 -3.11 -33.26 16.48
N ARG A 143 -4.00 -34.13 16.93
CA ARG A 143 -5.39 -33.73 17.13
C ARG A 143 -5.52 -32.68 18.22
N GLU A 144 -4.64 -32.74 19.22
CA GLU A 144 -4.70 -31.76 20.34
C GLU A 144 -4.29 -30.37 19.91
N VAL A 145 -3.27 -30.32 19.06
CA VAL A 145 -2.73 -29.06 18.56
C VAL A 145 -3.65 -28.32 17.54
N LEU A 146 -4.57 -29.07 16.92
CA LEU A 146 -5.43 -28.49 15.87
C LEU A 146 -6.19 -27.30 16.35
N VAL A 147 -6.60 -27.35 17.62
CA VAL A 147 -7.49 -26.35 18.18
C VAL A 147 -6.79 -25.40 19.14
N ASP A 148 -5.46 -25.43 19.15
CA ASP A 148 -4.67 -24.62 20.11
C ASP A 148 -4.03 -23.42 19.39
N PRO A 149 -4.60 -22.22 19.56
CA PRO A 149 -4.12 -21.05 18.83
C PRO A 149 -2.74 -20.61 19.26
N VAL A 150 -2.31 -21.01 20.45
CA VAL A 150 -0.98 -20.62 20.93
C VAL A 150 0.08 -21.52 20.28
N ALA A 151 -0.18 -22.83 20.28
CA ALA A 151 0.70 -23.80 19.62
C ALA A 151 0.84 -23.51 18.10
N LEU A 152 -0.26 -23.09 17.46
CA LEU A 152 -0.26 -22.85 16.02
C LEU A 152 0.42 -21.56 15.60
N GLU A 153 0.80 -20.72 16.58
CA GLU A 153 1.63 -19.57 16.26
C GLU A 153 3.11 -19.95 16.33
N ARG A 154 3.43 -21.19 16.68
CA ARG A 154 4.78 -21.67 16.58
C ARG A 154 5.00 -22.38 15.25
N VAL A 155 6.03 -21.97 14.53
CA VAL A 155 6.30 -22.46 13.18
C VAL A 155 6.61 -23.96 13.14
N ASP A 156 7.24 -24.47 14.19
CA ASP A 156 7.54 -25.89 14.29
C ASP A 156 6.30 -26.79 14.53
N VAL A 157 5.20 -26.20 15.01
CA VAL A 157 3.94 -26.90 15.17
C VAL A 157 3.06 -26.67 13.91
N LEU A 158 2.94 -25.41 13.51
CA LEU A 158 2.05 -25.06 12.38
C LEU A 158 2.43 -25.77 11.09
N GLN A 159 3.72 -25.80 10.75
CA GLN A 159 4.09 -26.34 9.46
C GLN A 159 3.77 -27.81 9.34
N PRO A 160 4.13 -28.61 10.37
CA PRO A 160 3.76 -30.04 10.23
C PRO A 160 2.25 -30.29 10.33
N VAL A 161 1.55 -29.51 11.13
CA VAL A 161 0.08 -29.60 11.21
C VAL A 161 -0.53 -29.27 9.84
N SER A 162 -0.02 -28.22 9.21
CA SER A 162 -0.49 -27.75 7.93
C SER A 162 -0.26 -28.82 6.84
N PHE A 163 0.92 -29.43 6.88
CA PHE A 163 1.27 -30.54 6.04
C PHE A 163 0.28 -31.72 6.21
N ALA A 164 0.01 -32.09 7.46
CA ALA A 164 -0.89 -33.21 7.72
C ALA A 164 -2.28 -32.95 7.14
N VAL A 165 -2.79 -31.73 7.35
CA VAL A 165 -4.12 -31.38 6.89
C VAL A 165 -4.20 -31.44 5.34
N VAL A 166 -3.22 -30.88 4.64
CA VAL A 166 -3.30 -30.86 3.17
C VAL A 166 -3.11 -32.24 2.51
N VAL A 167 -2.24 -33.05 3.09
CA VAL A 167 -2.07 -34.40 2.67
C VAL A 167 -3.37 -35.20 2.88
N SER A 168 -4.05 -34.94 3.99
CA SER A 168 -5.25 -35.66 4.34
C SER A 168 -6.45 -35.17 3.50
N LEU A 169 -6.45 -33.90 3.14
CA LEU A 169 -7.46 -33.41 2.21
C LEU A 169 -7.26 -34.02 0.83
N ALA A 170 -6.01 -34.20 0.41
CA ALA A 170 -5.73 -34.88 -0.87
C ALA A 170 -6.27 -36.30 -0.87
N ALA A 171 -6.09 -37.00 0.24
CA ALA A 171 -6.65 -38.35 0.38
C ALA A 171 -8.17 -38.35 0.28
N LEU A 172 -8.82 -37.36 0.88
CA LEU A 172 -10.26 -37.23 0.81
C LEU A 172 -10.74 -36.95 -0.63
N TRP A 173 -10.04 -36.07 -1.33
CA TRP A 173 -10.30 -35.86 -2.78
C TRP A 173 -10.17 -37.19 -3.58
N ALA A 174 -9.14 -37.96 -3.28
CA ALA A 174 -8.91 -39.19 -4.00
C ALA A 174 -10.08 -40.15 -3.78
N SER A 175 -10.67 -40.12 -2.58
CA SER A 175 -11.73 -41.06 -2.25
C SER A 175 -13.02 -40.74 -3.01
N VAL A 176 -13.13 -39.52 -3.55
CA VAL A 176 -14.25 -39.21 -4.44
C VAL A 176 -13.78 -39.11 -5.90
N GLY A 177 -12.69 -39.78 -6.20
CA GLY A 177 -12.26 -39.99 -7.57
C GLY A 177 -11.59 -38.77 -8.20
N VAL A 178 -11.16 -37.81 -7.37
CA VAL A 178 -10.41 -36.67 -7.89
C VAL A 178 -8.94 -36.86 -7.58
N ARG A 179 -8.22 -37.34 -8.58
CA ARG A 179 -6.80 -37.65 -8.45
C ARG A 179 -5.99 -36.79 -9.40
N PRO A 180 -4.81 -36.35 -8.97
CA PRO A 180 -4.00 -35.48 -9.81
C PRO A 180 -3.37 -36.20 -11.00
N ASP A 181 -3.40 -35.56 -12.16
CA ASP A 181 -2.49 -35.91 -13.28
C ASP A 181 -1.13 -35.25 -13.11
N ALA A 182 -1.09 -34.18 -12.31
CA ALA A 182 0.16 -33.46 -11.99
C ALA A 182 -0.06 -32.71 -10.67
N VAL A 183 1.02 -32.40 -9.97
CA VAL A 183 0.92 -31.63 -8.74
C VAL A 183 1.89 -30.45 -8.74
N VAL A 184 1.54 -29.43 -7.99
CA VAL A 184 2.44 -28.31 -7.77
C VAL A 184 2.25 -27.82 -6.34
N GLY A 185 3.36 -27.62 -5.65
CA GLY A 185 3.33 -27.18 -4.27
C GLY A 185 4.12 -25.89 -4.08
N HIS A 186 3.48 -24.95 -3.43
CA HIS A 186 4.06 -23.63 -3.18
C HIS A 186 4.86 -23.71 -1.87
N SER A 187 6.16 -23.42 -1.94
CA SER A 187 6.99 -23.38 -0.72
C SER A 187 6.82 -24.73 0.03
N GLN A 188 6.43 -24.75 1.31
CA GLN A 188 6.36 -26.04 2.06
C GLN A 188 5.37 -27.01 1.42
N GLY A 189 4.44 -26.47 0.63
CA GLY A 189 3.52 -27.32 -0.13
C GLY A 189 4.21 -28.28 -1.08
N GLU A 190 5.42 -27.94 -1.51
CA GLU A 190 6.17 -28.83 -2.37
C GLU A 190 6.45 -30.18 -1.67
N VAL A 191 6.62 -30.17 -0.36
CA VAL A 191 6.88 -31.43 0.34
C VAL A 191 5.62 -32.31 0.31
N ALA A 192 4.46 -31.71 0.56
CA ALA A 192 3.19 -32.43 0.47
C ALA A 192 2.98 -32.93 -0.98
N ALA A 193 3.23 -32.07 -1.95
CA ALA A 193 3.06 -32.44 -3.36
C ALA A 193 3.93 -33.65 -3.72
N ALA A 194 5.20 -33.62 -3.30
CA ALA A 194 6.11 -34.72 -3.55
C ALA A 194 5.58 -36.03 -2.94
N HIS A 195 5.04 -35.96 -1.74
CA HIS A 195 4.49 -37.15 -1.11
C HIS A 195 3.27 -37.65 -1.89
N VAL A 196 2.34 -36.75 -2.21
CA VAL A 196 1.12 -37.14 -2.92
C VAL A 196 1.45 -37.68 -4.29
N ALA A 197 2.54 -37.23 -4.88
CA ALA A 197 2.99 -37.71 -6.21
C ALA A 197 3.70 -39.05 -6.15
N GLY A 198 3.94 -39.54 -4.93
CA GLY A 198 4.63 -40.82 -4.72
C GLY A 198 6.16 -40.78 -4.65
N ALA A 199 6.74 -39.57 -4.64
CA ALA A 199 8.21 -39.43 -4.56
C ALA A 199 8.77 -39.59 -3.13
N LEU A 200 7.91 -39.35 -2.12
CA LEU A 200 8.30 -39.50 -0.71
C LEU A 200 7.25 -40.28 0.01
N THR A 201 7.68 -41.11 0.96
CA THR A 201 6.75 -41.71 1.90
C THR A 201 6.20 -40.63 2.83
N LEU A 202 5.08 -40.94 3.48
CA LEU A 202 4.53 -40.05 4.46
C LEU A 202 5.57 -39.74 5.53
N ALA A 203 6.24 -40.78 6.02
CA ALA A 203 7.25 -40.59 7.09
C ALA A 203 8.38 -39.65 6.67
N GLU A 204 8.90 -39.84 5.47
CA GLU A 204 10.04 -39.08 5.01
C GLU A 204 9.65 -37.62 4.73
N ALA A 205 8.48 -37.40 4.14
CA ALA A 205 7.97 -36.06 3.94
C ALA A 205 7.74 -35.36 5.27
N ALA A 206 7.12 -36.03 6.22
CA ALA A 206 6.91 -35.45 7.54
C ALA A 206 8.24 -35.10 8.20
N ARG A 207 9.25 -35.93 8.01
CA ARG A 207 10.56 -35.67 8.63
C ARG A 207 11.17 -34.40 8.08
N ILE A 208 11.05 -34.19 6.77
CA ILE A 208 11.56 -32.99 6.15
C ILE A 208 10.87 -31.76 6.75
N VAL A 209 9.54 -31.78 6.82
CA VAL A 209 8.83 -30.59 7.29
C VAL A 209 9.13 -30.35 8.77
N VAL A 210 9.10 -31.42 9.56
CA VAL A 210 9.36 -31.33 11.01
C VAL A 210 10.78 -30.76 11.27
N LEU A 211 11.79 -31.30 10.60
CA LEU A 211 13.20 -30.86 10.84
C LEU A 211 13.45 -29.43 10.34
N ARG A 212 12.89 -29.12 9.17
CA ARG A 212 13.07 -27.81 8.60
C ARG A 212 12.32 -26.74 9.36
N SER A 213 11.09 -27.00 9.74
CA SER A 213 10.30 -26.04 10.48
C SER A 213 10.87 -25.77 11.89
N ALA A 214 11.39 -26.82 12.53
CA ALA A 214 12.01 -26.65 13.85
C ALA A 214 13.26 -25.79 13.74
N LEU A 215 14.04 -25.96 12.69
CA LEU A 215 15.23 -25.14 12.46
C LEU A 215 14.86 -23.68 12.19
N ILE A 216 13.83 -23.46 11.39
CA ILE A 216 13.31 -22.11 11.14
C ILE A 216 12.91 -21.46 12.46
N ALA A 217 12.21 -22.20 13.30
CA ALA A 217 11.73 -21.66 14.55
C ALA A 217 12.92 -21.30 15.47
N ARG A 218 13.95 -22.14 15.48
CA ARG A 218 15.10 -21.91 16.35
C ARG A 218 15.93 -20.71 15.88
N GLU A 219 16.06 -20.53 14.57
CA GLU A 219 17.06 -19.57 14.04
C GLU A 219 16.45 -18.34 13.40
N LEU A 220 15.25 -18.44 12.82
CA LEU A 220 14.69 -17.32 12.02
C LEU A 220 13.47 -16.67 12.65
N SER A 221 12.66 -17.43 13.39
CA SER A 221 11.44 -16.90 13.94
C SER A 221 11.76 -15.67 14.81
N GLY A 222 10.96 -14.63 14.67
CA GLY A 222 11.19 -13.37 15.37
C GLY A 222 12.13 -12.41 14.67
N ARG A 223 12.69 -12.81 13.52
CA ARG A 223 13.70 -12.01 12.82
C ARG A 223 13.25 -11.57 11.43
N GLY A 224 11.97 -11.76 11.13
CA GLY A 224 11.45 -11.42 9.83
C GLY A 224 9.96 -11.53 9.66
N ALA A 225 9.51 -11.26 8.45
CA ALA A 225 8.11 -11.24 8.11
C ALA A 225 7.99 -11.44 6.60
N MET A 226 6.80 -11.79 6.16
CA MET A 226 6.51 -11.95 4.74
C MET A 226 5.20 -11.27 4.40
N LEU A 227 5.15 -10.70 3.21
CA LEU A 227 4.08 -9.80 2.84
C LEU A 227 3.68 -10.10 1.41
N THR A 228 2.41 -10.39 1.18
CA THR A 228 1.91 -10.57 -0.17
C THR A 228 1.24 -9.31 -0.66
N VAL A 229 1.52 -8.96 -1.92
CA VAL A 229 1.14 -7.69 -2.50
C VAL A 229 0.34 -7.96 -3.76
N VAL A 230 -0.73 -7.19 -3.94
CA VAL A 230 -1.53 -7.32 -5.14
C VAL A 230 -0.94 -6.43 -6.23
N ALA A 231 -0.02 -7.01 -7.00
CA ALA A 231 0.76 -6.28 -8.00
C ALA A 231 1.54 -7.32 -8.73
N ASP A 232 2.11 -6.96 -9.90
CA ASP A 232 3.02 -7.87 -10.59
C ASP A 232 4.48 -7.65 -10.19
N VAL A 233 5.33 -8.59 -10.53
CA VAL A 233 6.68 -8.60 -10.04
C VAL A 233 7.49 -7.42 -10.59
N GLU A 234 7.13 -6.95 -11.78
CA GLU A 234 7.80 -5.77 -12.40
C GLU A 234 7.56 -4.55 -11.54
N ARG A 235 6.31 -4.35 -11.15
CA ARG A 235 5.94 -3.24 -10.30
C ARG A 235 6.55 -3.34 -8.89
N VAL A 236 6.55 -4.53 -8.32
CA VAL A 236 7.11 -4.71 -6.96
C VAL A 236 8.64 -4.47 -6.99
N THR A 237 9.27 -4.94 -8.05
CA THR A 237 10.71 -4.77 -8.18
C THR A 237 11.08 -3.28 -8.28
N ALA A 238 10.28 -2.52 -9.01
CA ALA A 238 10.46 -1.07 -9.11
C ALA A 238 10.32 -0.41 -7.75
N LEU A 239 9.33 -0.84 -6.98
CA LEU A 239 9.09 -0.22 -5.69
C LEU A 239 10.12 -0.64 -4.66
N LEU A 240 10.90 -1.69 -4.95
CA LEU A 240 11.93 -2.16 -4.02
C LEU A 240 13.27 -1.41 -4.24
N ALA A 241 13.28 -0.45 -5.15
CA ALA A 241 14.42 0.47 -5.26
C ALA A 241 14.70 1.12 -3.90
N GLY A 242 15.94 0.94 -3.43
CA GLY A 242 16.37 1.40 -2.11
C GLY A 242 16.16 0.40 -1.01
N PHE A 243 15.63 -0.76 -1.34
CA PHE A 243 15.45 -1.83 -0.35
C PHE A 243 16.40 -3.02 -0.61
N GLU A 244 17.35 -2.82 -1.52
CA GLU A 244 18.29 -3.90 -1.90
C GLU A 244 18.94 -4.51 -0.67
N GLY A 245 18.86 -5.82 -0.55
CA GLY A 245 19.35 -6.54 0.62
C GLY A 245 18.58 -6.29 1.91
N ARG A 246 17.42 -5.67 1.84
CA ARG A 246 16.59 -5.52 3.06
C ARG A 246 15.22 -6.16 2.88
N VAL A 247 14.64 -6.02 1.71
CA VAL A 247 13.37 -6.65 1.39
C VAL A 247 13.49 -7.21 0.00
N CYS A 248 13.25 -8.51 -0.15
CA CYS A 248 13.40 -9.15 -1.46
C CYS A 248 12.12 -9.84 -1.94
N VAL A 249 12.07 -10.14 -3.22
CA VAL A 249 10.97 -10.92 -3.75
C VAL A 249 11.13 -12.37 -3.33
N ALA A 250 10.08 -12.91 -2.71
CA ALA A 250 10.10 -14.26 -2.17
C ALA A 250 9.21 -15.24 -2.97
N ALA A 251 8.23 -14.70 -3.70
CA ALA A 251 7.36 -15.52 -4.52
C ALA A 251 6.71 -14.69 -5.61
N VAL A 252 6.55 -15.32 -6.77
CA VAL A 252 5.79 -14.76 -7.86
C VAL A 252 4.65 -15.71 -8.18
N ASN A 253 3.47 -15.33 -7.75
CA ASN A 253 2.29 -16.22 -7.76
C ASN A 253 1.39 -16.00 -8.95
N GLY A 254 1.41 -14.79 -9.50
CA GLY A 254 0.56 -14.47 -10.63
C GLY A 254 0.75 -13.01 -11.01
N PRO A 255 -0.07 -12.53 -11.94
CA PRO A 255 0.09 -11.13 -12.38
C PRO A 255 -0.36 -10.13 -11.33
N ALA A 256 -1.05 -10.61 -10.29
CA ALA A 256 -1.51 -9.74 -9.22
C ALA A 256 -1.26 -10.35 -7.84
N SER A 257 -0.17 -11.09 -7.70
CA SER A 257 0.22 -11.62 -6.40
C SER A 257 1.71 -11.91 -6.35
N VAL A 258 2.42 -11.12 -5.57
CA VAL A 258 3.85 -11.27 -5.40
C VAL A 258 4.13 -11.12 -3.91
N THR A 259 4.97 -11.99 -3.39
CA THR A 259 5.28 -11.95 -1.95
C THR A 259 6.70 -11.46 -1.74
N VAL A 260 6.90 -10.62 -0.73
CA VAL A 260 8.24 -10.16 -0.37
C VAL A 260 8.58 -10.54 1.07
N SER A 261 9.84 -10.45 1.42
CA SER A 261 10.35 -11.00 2.66
C SER A 261 11.50 -10.15 3.21
N GLY A 262 11.57 -10.01 4.53
CA GLY A 262 12.73 -9.38 5.16
C GLY A 262 12.49 -9.12 6.62
N GLU A 263 13.38 -8.35 7.24
CA GLU A 263 13.25 -7.99 8.65
C GLU A 263 11.97 -7.20 8.84
N ASP A 264 11.37 -7.29 10.02
CA ASP A 264 10.06 -6.71 10.28
C ASP A 264 10.03 -5.21 9.97
N GLY A 265 11.03 -4.48 10.48
CA GLY A 265 11.09 -3.05 10.28
C GLY A 265 11.18 -2.67 8.82
N ALA A 266 12.01 -3.39 8.09
CA ALA A 266 12.20 -3.11 6.69
C ALA A 266 10.89 -3.39 5.92
N VAL A 267 10.19 -4.45 6.30
CA VAL A 267 8.94 -4.78 5.65
C VAL A 267 7.89 -3.71 5.98
N ARG A 268 7.90 -3.23 7.22
CA ARG A 268 7.03 -2.11 7.61
C ARG A 268 7.28 -0.85 6.76
N GLU A 269 8.54 -0.56 6.46
CA GLU A 269 8.90 0.54 5.58
C GLU A 269 8.38 0.34 4.17
N PHE A 270 8.46 -0.87 3.68
CA PHE A 270 7.91 -1.16 2.37
C PHE A 270 6.37 -1.06 2.34
N GLU A 271 5.71 -1.46 3.43
CA GLU A 271 4.26 -1.34 3.51
C GLU A 271 3.81 0.13 3.40
N ARG A 272 4.61 1.04 3.93
CA ARG A 272 4.31 2.48 3.81
C ARG A 272 4.41 2.97 2.39
N VAL A 273 5.38 2.43 1.65
CA VAL A 273 5.49 2.68 0.21
C VAL A 273 4.23 2.21 -0.53
N LEU A 274 3.77 1.01 -0.18
CA LEU A 274 2.57 0.47 -0.80
C LEU A 274 1.32 1.27 -0.41
N SER A 275 1.21 1.55 0.86
CA SER A 275 0.05 2.24 1.37
C SER A 275 -0.19 3.58 0.69
N ALA A 276 0.90 4.32 0.44
CA ALA A 276 0.80 5.67 -0.10
C ALA A 276 0.29 5.61 -1.53
N ARG A 277 0.57 4.48 -2.18
CA ARG A 277 0.18 4.27 -3.56
C ARG A 277 -1.13 3.47 -3.67
N ARG A 278 -1.84 3.36 -2.55
CA ARG A 278 -3.13 2.66 -2.51
C ARG A 278 -3.01 1.23 -3.05
N MET A 279 -1.96 0.52 -2.67
CA MET A 279 -1.82 -0.83 -3.12
C MET A 279 -2.19 -1.80 -2.00
N LEU A 280 -2.83 -2.90 -2.39
CA LEU A 280 -3.32 -3.86 -1.42
C LEU A 280 -2.21 -4.83 -1.04
N ARG A 281 -2.17 -5.23 0.21
CA ARG A 281 -1.13 -6.12 0.72
C ARG A 281 -1.52 -6.64 2.09
N TRP A 282 -0.89 -7.73 2.52
CA TRP A 282 -1.13 -8.28 3.86
C TRP A 282 0.04 -9.13 4.29
N ARG A 283 0.34 -9.14 5.59
CA ARG A 283 1.29 -10.08 6.16
C ARG A 283 0.72 -11.51 6.01
N LEU A 284 1.60 -12.49 5.81
CA LEU A 284 1.21 -13.89 5.84
C LEU A 284 0.98 -14.31 7.28
N PRO A 285 -0.24 -14.79 7.58
CA PRO A 285 -0.52 -15.36 8.90
C PRO A 285 0.37 -16.56 9.20
N GLY A 286 0.83 -16.69 10.44
CA GLY A 286 1.62 -17.86 10.85
C GLY A 286 3.09 -17.78 10.54
N VAL A 287 3.51 -16.64 9.98
CA VAL A 287 4.87 -16.47 9.50
C VAL A 287 5.52 -15.34 10.28
N ASP A 288 6.61 -15.67 10.99
CA ASP A 288 7.35 -14.68 11.78
C ASP A 288 8.81 -14.70 11.42
N PHE A 289 9.07 -15.05 10.16
CA PHE A 289 10.41 -15.17 9.66
C PHE A 289 10.48 -14.79 8.19
N ALA A 290 11.67 -14.45 7.73
CA ALA A 290 11.90 -14.02 6.34
C ALA A 290 12.28 -15.22 5.48
N GLY A 291 11.27 -16.01 5.12
CA GLY A 291 11.46 -17.06 4.12
C GLY A 291 12.02 -16.55 2.80
N HIS A 292 12.76 -17.41 2.11
CA HIS A 292 13.21 -17.14 0.74
C HIS A 292 14.05 -15.85 0.69
N SER A 293 14.88 -15.65 1.72
CA SER A 293 15.74 -14.48 1.84
C SER A 293 17.16 -14.90 2.18
N PRO A 294 18.10 -13.96 2.15
CA PRO A 294 19.47 -14.26 2.55
C PRO A 294 19.61 -14.68 4.02
N GLN A 295 18.60 -14.40 4.87
CA GLN A 295 18.59 -14.91 6.25
C GLN A 295 18.67 -16.44 6.30
N VAL A 296 18.24 -17.08 5.21
CA VAL A 296 18.20 -18.54 5.14
C VAL A 296 19.59 -19.15 4.91
N ASP A 297 20.53 -18.35 4.40
CA ASP A 297 21.89 -18.81 4.13
C ASP A 297 22.53 -19.48 5.35
N ALA A 298 22.31 -18.89 6.51
CA ALA A 298 22.86 -19.43 7.75
C ALA A 298 22.28 -20.79 8.07
N LEU A 299 21.04 -21.01 7.65
CA LEU A 299 20.36 -22.28 7.88
C LEU A 299 20.58 -23.25 6.73
N ARG A 300 21.80 -23.28 6.21
CA ARG A 300 22.15 -24.17 5.11
C ARG A 300 22.92 -25.39 5.59
N ALA A 301 23.95 -25.15 6.40
CA ALA A 301 24.78 -26.24 6.94
C ALA A 301 24.02 -27.15 7.90
N GLU A 302 23.29 -26.59 8.87
CA GLU A 302 22.55 -27.42 9.83
C GLU A 302 21.39 -28.17 9.14
N LEU A 303 20.74 -27.54 8.17
CA LEU A 303 19.64 -28.22 7.45
C LEU A 303 20.18 -29.42 6.66
N LEU A 304 21.26 -29.22 5.91
CA LEU A 304 21.84 -30.32 5.09
C LEU A 304 22.28 -31.47 5.99
N ALA A 305 22.78 -31.14 7.17
CA ALA A 305 23.18 -32.17 8.14
C ALA A 305 21.97 -32.88 8.75
N ALA A 306 20.98 -32.13 9.20
CA ALA A 306 19.81 -32.75 9.79
C ALA A 306 19.10 -33.66 8.79
N LEU A 307 18.92 -33.17 7.57
CA LEU A 307 18.21 -33.96 6.55
C LEU A 307 19.03 -35.16 6.13
N GLY A 308 20.33 -34.96 5.93
CA GLY A 308 21.21 -36.05 5.50
C GLY A 308 20.79 -36.56 4.14
N ASP A 309 20.79 -37.88 3.95
CA ASP A 309 20.30 -38.47 2.71
C ASP A 309 18.77 -38.57 2.76
N ILE A 310 18.12 -38.08 1.71
CA ILE A 310 16.67 -38.18 1.61
C ILE A 310 16.32 -39.50 0.93
N ALA A 311 15.41 -40.25 1.51
CA ALA A 311 14.80 -41.40 0.84
C ALA A 311 13.71 -40.90 -0.10
N SER A 312 13.98 -40.94 -1.39
CA SER A 312 13.01 -40.50 -2.39
C SER A 312 13.05 -41.40 -3.58
N ARG A 313 12.03 -41.30 -4.42
CA ARG A 313 12.01 -42.02 -5.67
C ARG A 313 11.35 -41.16 -6.75
N GLU A 314 11.35 -41.66 -7.97
CA GLU A 314 10.72 -40.95 -9.07
C GLU A 314 9.24 -40.75 -8.79
N PRO A 315 8.75 -39.51 -8.97
CA PRO A 315 7.30 -39.32 -8.77
C PRO A 315 6.48 -40.09 -9.80
N GLU A 316 5.37 -40.67 -9.37
CA GLU A 316 4.53 -41.46 -10.24
C GLU A 316 3.69 -40.57 -11.16
N ILE A 317 3.59 -39.29 -10.84
CA ILE A 317 3.03 -38.29 -11.76
C ILE A 317 3.89 -37.03 -11.75
N PRO A 318 3.75 -36.18 -12.75
CA PRO A 318 4.63 -35.03 -12.84
C PRO A 318 4.48 -34.11 -11.62
N LEU A 319 5.62 -33.78 -11.06
CA LEU A 319 5.75 -32.81 -9.99
C LEU A 319 6.44 -31.59 -10.53
N LEU A 320 5.68 -30.50 -10.69
CA LEU A 320 6.23 -29.23 -11.18
C LEU A 320 6.76 -28.44 -9.99
N SER A 321 8.08 -28.32 -9.90
CA SER A 321 8.70 -27.69 -8.75
C SER A 321 8.50 -26.20 -8.82
N THR A 322 8.27 -25.58 -7.67
CA THR A 322 8.28 -24.14 -7.59
C THR A 322 9.67 -23.61 -7.24
N VAL A 323 10.66 -24.48 -7.11
CA VAL A 323 12.06 -24.03 -7.03
C VAL A 323 12.53 -23.60 -8.43
N THR A 324 12.19 -24.40 -9.43
CA THR A 324 12.71 -24.19 -10.79
C THR A 324 11.63 -23.71 -11.75
N GLY A 325 10.36 -23.97 -11.42
CA GLY A 325 9.28 -23.78 -12.35
C GLY A 325 9.21 -24.88 -13.42
N GLU A 326 9.94 -25.98 -13.20
CA GLU A 326 10.02 -27.09 -14.17
C GLU A 326 9.80 -28.44 -13.48
N PRO A 327 9.62 -29.51 -14.26
CA PRO A 327 9.52 -30.82 -13.63
C PRO A 327 10.70 -31.13 -12.71
N ALA A 328 10.41 -31.67 -11.55
CA ALA A 328 11.41 -31.79 -10.50
C ALA A 328 12.40 -32.84 -10.88
N THR A 329 13.64 -32.64 -10.47
CA THR A 329 14.68 -33.63 -10.66
C THR A 329 14.95 -34.39 -9.34
N ARG A 330 16.17 -34.34 -8.84
CA ARG A 330 16.50 -35.06 -7.65
C ARG A 330 15.89 -34.30 -6.45
N LEU A 331 15.15 -34.99 -5.59
CA LEU A 331 14.62 -34.37 -4.37
C LEU A 331 15.52 -34.65 -3.16
N ASP A 332 16.77 -34.21 -3.26
CA ASP A 332 17.76 -34.42 -2.22
C ASP A 332 17.75 -33.27 -1.22
N ALA A 333 18.63 -33.31 -0.22
CA ALA A 333 18.62 -32.33 0.83
C ALA A 333 18.81 -30.94 0.26
N GLU A 334 19.65 -30.83 -0.78
CA GLU A 334 19.93 -29.53 -1.38
C GLU A 334 18.64 -28.94 -2.00
N HIS A 335 17.83 -29.80 -2.62
CA HIS A 335 16.51 -29.36 -3.15
C HIS A 335 15.65 -28.77 -2.04
N TRP A 336 15.59 -29.46 -0.91
CA TRP A 336 14.78 -28.99 0.21
C TRP A 336 15.35 -27.77 0.91
N TYR A 337 16.66 -27.56 0.82
CA TYR A 337 17.23 -26.26 1.15
C TYR A 337 16.74 -25.17 0.19
N ARG A 338 16.87 -25.40 -1.10
CA ARG A 338 16.51 -24.39 -2.08
C ARG A 338 15.00 -24.07 -2.08
N ASN A 339 14.21 -25.02 -1.61
CA ASN A 339 12.76 -24.90 -1.45
C ASN A 339 12.47 -23.79 -0.44
N LEU A 340 13.35 -23.62 0.52
CA LEU A 340 13.25 -22.54 1.53
C LEU A 340 14.02 -21.28 1.15
N ARG A 341 15.14 -21.41 0.47
CA ARG A 341 16.01 -20.25 0.18
C ARG A 341 15.53 -19.46 -1.06
N GLU A 342 15.18 -20.20 -2.11
CA GLU A 342 14.95 -19.60 -3.41
C GLU A 342 13.52 -19.10 -3.51
N PRO A 343 13.30 -18.04 -4.29
CA PRO A 343 11.95 -17.55 -4.51
C PRO A 343 11.02 -18.62 -5.11
N VAL A 344 9.75 -18.52 -4.77
CA VAL A 344 8.78 -19.49 -5.22
C VAL A 344 8.28 -19.12 -6.62
N ARG A 345 8.49 -20.01 -7.56
CA ARG A 345 8.12 -19.78 -8.93
C ARG A 345 6.75 -20.44 -9.24
N PHE A 346 5.75 -20.03 -8.49
CA PHE A 346 4.43 -20.61 -8.59
C PHE A 346 3.78 -20.30 -9.94
N ALA A 347 3.82 -19.04 -10.37
CA ALA A 347 3.20 -18.67 -11.66
C ALA A 347 3.84 -19.47 -12.79
N ASP A 348 5.15 -19.61 -12.76
CA ASP A 348 5.86 -20.35 -13.78
C ASP A 348 5.40 -21.79 -13.84
N ALA A 349 5.28 -22.44 -12.69
CA ALA A 349 4.88 -23.84 -12.64
C ALA A 349 3.46 -24.04 -13.17
N VAL A 350 2.55 -23.15 -12.78
CA VAL A 350 1.14 -23.24 -13.20
C VAL A 350 1.00 -23.01 -14.73
N THR A 351 1.77 -22.06 -15.23
CA THR A 351 1.81 -21.74 -16.66
C THR A 351 2.35 -22.92 -17.49
N ALA A 352 3.36 -23.61 -16.96
CA ALA A 352 3.89 -24.79 -17.62
C ALA A 352 2.81 -25.88 -17.72
N LEU A 353 1.98 -26.00 -16.68
CA LEU A 353 0.88 -26.97 -16.70
C LEU A 353 -0.26 -26.57 -17.64
N LEU A 354 -0.58 -25.28 -17.68
CA LEU A 354 -1.61 -24.78 -18.60
C LEU A 354 -1.18 -25.05 -20.04
N ASP A 355 0.13 -24.97 -20.29
CA ASP A 355 0.65 -25.13 -21.64
C ASP A 355 0.72 -26.60 -22.04
N ARG A 356 0.49 -27.49 -21.07
CA ARG A 356 0.44 -28.91 -21.33
C ARG A 356 -0.96 -29.50 -21.10
N GLY A 357 -1.99 -28.69 -21.28
CA GLY A 357 -3.35 -29.22 -21.37
C GLY A 357 -4.01 -29.45 -20.02
N HIS A 358 -3.49 -28.83 -18.95
CA HIS A 358 -4.16 -28.92 -17.63
C HIS A 358 -5.18 -27.82 -17.48
N ARG A 359 -6.41 -28.20 -17.12
CA ARG A 359 -7.53 -27.27 -17.09
C ARG A 359 -8.34 -27.34 -15.80
N VAL A 360 -7.96 -28.25 -14.89
CA VAL A 360 -8.68 -28.41 -13.63
C VAL A 360 -7.66 -28.25 -12.51
N PHE A 361 -7.90 -27.28 -11.64
CA PHE A 361 -6.93 -26.99 -10.55
C PHE A 361 -7.65 -27.01 -9.21
N VAL A 362 -7.22 -27.91 -8.34
CA VAL A 362 -7.84 -28.11 -7.05
C VAL A 362 -6.83 -27.68 -5.99
N GLU A 363 -7.12 -26.56 -5.32
CA GLU A 363 -6.28 -26.14 -4.20
C GLU A 363 -6.68 -26.93 -2.96
N VAL A 364 -5.72 -27.69 -2.45
CA VAL A 364 -5.92 -28.61 -1.37
C VAL A 364 -5.56 -27.93 -0.05
N SER A 365 -6.44 -27.06 0.39
CA SER A 365 -6.10 -26.11 1.47
C SER A 365 -7.27 -25.87 2.39
N PRO A 366 -7.01 -25.33 3.60
CA PRO A 366 -8.05 -24.90 4.53
C PRO A 366 -8.82 -23.70 4.08
N HIS A 367 -8.20 -22.88 3.23
CA HIS A 367 -8.80 -21.65 2.71
C HIS A 367 -8.05 -21.24 1.43
N PRO A 368 -8.79 -20.74 0.44
CA PRO A 368 -8.12 -20.60 -0.87
C PRO A 368 -7.22 -19.38 -0.88
N VAL A 369 -5.95 -19.59 -1.15
CA VAL A 369 -5.01 -18.50 -1.17
C VAL A 369 -4.29 -18.32 -2.51
N LEU A 370 -4.34 -19.33 -3.35
CA LEU A 370 -3.70 -19.23 -4.66
C LEU A 370 -4.71 -19.36 -5.85
N THR A 371 -5.98 -19.59 -5.54
CA THR A 371 -6.98 -19.83 -6.61
C THR A 371 -7.10 -18.60 -7.52
N THR A 372 -7.11 -17.39 -6.94
CA THR A 372 -7.29 -16.22 -7.81
C THR A 372 -6.08 -16.03 -8.75
N SER A 373 -4.89 -16.42 -8.31
CA SER A 373 -3.74 -16.41 -9.21
C SER A 373 -3.85 -17.46 -10.31
N VAL A 374 -4.33 -18.66 -9.97
CA VAL A 374 -4.52 -19.69 -10.99
C VAL A 374 -5.56 -19.22 -12.03
N VAL A 375 -6.63 -18.59 -11.55
CA VAL A 375 -7.66 -18.06 -12.42
C VAL A 375 -7.09 -17.01 -13.37
N ASP A 376 -6.28 -16.10 -12.82
CA ASP A 376 -5.63 -15.00 -13.62
C ASP A 376 -4.73 -15.59 -14.71
N LEU A 377 -3.97 -16.64 -14.35
CA LEU A 377 -3.02 -17.27 -15.23
C LEU A 377 -3.70 -18.09 -16.32
N ALA A 378 -4.86 -18.68 -15.97
CA ALA A 378 -5.53 -19.60 -16.84
C ALA A 378 -6.26 -18.89 -17.99
N ALA A 379 -6.60 -17.62 -17.81
CA ALA A 379 -7.39 -16.87 -18.84
C ALA A 379 -6.60 -16.89 -20.17
N PRO A 380 -7.28 -17.21 -21.28
CA PRO A 380 -8.74 -17.23 -21.35
C PRO A 380 -9.31 -18.63 -21.51
N HIS A 381 -8.56 -19.64 -21.10
CA HIS A 381 -8.97 -21.04 -21.25
C HIS A 381 -10.19 -21.37 -20.39
N ARG A 382 -10.99 -22.33 -20.83
CA ARG A 382 -12.09 -22.87 -20.01
C ARG A 382 -11.45 -23.77 -18.94
N THR A 383 -11.57 -23.36 -17.69
CA THR A 383 -10.92 -24.09 -16.59
C THR A 383 -11.86 -24.13 -15.39
N ALA A 384 -11.69 -25.17 -14.57
CA ALA A 384 -12.38 -25.28 -13.30
C ALA A 384 -11.31 -25.09 -12.21
N VAL A 385 -11.48 -24.09 -11.35
CA VAL A 385 -10.52 -23.82 -10.30
C VAL A 385 -11.28 -23.75 -8.99
N VAL A 386 -10.95 -24.66 -8.08
CA VAL A 386 -11.66 -24.75 -6.82
C VAL A 386 -10.65 -24.87 -5.66
N GLY A 387 -11.10 -24.49 -4.47
CA GLY A 387 -10.38 -24.84 -3.25
C GLY A 387 -11.05 -26.03 -2.59
N THR A 388 -10.85 -26.17 -1.29
CA THR A 388 -11.35 -27.32 -0.57
C THR A 388 -12.18 -26.87 0.62
N LEU A 389 -11.54 -26.30 1.66
CA LEU A 389 -12.28 -25.69 2.76
C LEU A 389 -12.19 -24.17 2.72
N ARG A 390 -12.91 -23.52 3.62
CA ARG A 390 -12.74 -22.08 3.83
C ARG A 390 -12.62 -21.81 5.34
N ARG A 391 -12.06 -20.66 5.67
CA ARG A 391 -12.04 -20.10 7.03
C ARG A 391 -13.40 -20.33 7.69
N ASP A 392 -13.41 -20.93 8.86
CA ASP A 392 -14.62 -21.16 9.65
C ASP A 392 -15.63 -22.10 8.98
N GLU A 393 -15.21 -22.79 7.93
CA GLU A 393 -16.08 -23.74 7.26
C GLU A 393 -15.31 -24.99 6.99
N GLY A 394 -15.25 -25.87 8.00
CA GLY A 394 -14.40 -27.04 7.98
C GLY A 394 -15.18 -28.33 7.95
N GLY A 395 -16.47 -28.23 7.66
CA GLY A 395 -17.31 -29.42 7.64
C GLY A 395 -17.22 -30.25 6.37
N LEU A 396 -17.77 -31.47 6.42
CA LEU A 396 -17.94 -32.31 5.23
C LEU A 396 -18.82 -31.57 4.18
N ASP A 397 -19.73 -30.74 4.66
CA ASP A 397 -20.60 -29.96 3.78
C ASP A 397 -19.80 -29.01 2.87
N ARG A 398 -18.77 -28.35 3.44
CA ARG A 398 -17.94 -27.46 2.67
C ARG A 398 -17.10 -28.27 1.71
N PHE A 399 -16.59 -29.42 2.15
CA PHE A 399 -15.84 -30.27 1.23
C PHE A 399 -16.72 -30.66 0.02
N LEU A 400 -17.92 -31.13 0.32
CA LEU A 400 -18.84 -31.58 -0.74
C LEU A 400 -19.23 -30.44 -1.69
N LEU A 401 -19.36 -29.22 -1.17
CA LEU A 401 -19.63 -28.08 -2.04
C LEU A 401 -18.47 -27.84 -2.99
N SER A 402 -17.25 -28.04 -2.53
CA SER A 402 -16.08 -27.89 -3.43
C SER A 402 -16.08 -29.00 -4.51
N ALA A 403 -16.42 -30.22 -4.09
CA ALA A 403 -16.53 -31.33 -5.05
C ALA A 403 -17.66 -31.00 -6.05
N ALA A 404 -18.74 -30.41 -5.56
CA ALA A 404 -19.86 -30.01 -6.44
C ALA A 404 -19.43 -28.95 -7.44
N GLU A 405 -18.55 -28.04 -7.03
CA GLU A 405 -18.05 -27.01 -7.92
C GLU A 405 -17.30 -27.61 -9.11
N LEU A 406 -16.68 -28.76 -8.92
CA LEU A 406 -16.09 -29.49 -10.02
C LEU A 406 -17.16 -30.18 -10.89
N HIS A 407 -18.08 -30.88 -10.24
CA HIS A 407 -19.15 -31.57 -10.94
C HIS A 407 -19.89 -30.65 -11.91
N VAL A 408 -20.24 -29.46 -11.45
CA VAL A 408 -21.09 -28.59 -12.25
C VAL A 408 -20.34 -28.01 -13.47
N ARG A 409 -19.01 -28.15 -13.50
CA ARG A 409 -18.20 -27.76 -14.65
C ARG A 409 -17.88 -28.95 -15.53
N GLY A 410 -18.48 -30.09 -15.23
CA GLY A 410 -18.31 -31.30 -16.04
C GLY A 410 -17.10 -32.14 -15.73
N VAL A 411 -16.47 -31.88 -14.60
CA VAL A 411 -15.30 -32.65 -14.19
C VAL A 411 -15.82 -33.90 -13.48
N PRO A 412 -15.28 -35.09 -13.82
CA PRO A 412 -15.65 -36.32 -13.14
C PRO A 412 -15.32 -36.29 -11.64
N VAL A 413 -16.32 -36.51 -10.83
CA VAL A 413 -16.15 -36.64 -9.40
C VAL A 413 -17.27 -37.53 -8.90
N ASP A 414 -16.93 -38.38 -7.96
CA ASP A 414 -17.89 -39.36 -7.43
C ASP A 414 -18.66 -38.76 -6.27
N LEU A 415 -19.56 -37.83 -6.57
CA LEU A 415 -20.45 -37.27 -5.55
C LEU A 415 -21.30 -38.39 -4.92
N ALA A 416 -21.60 -39.42 -5.71
CA ALA A 416 -22.51 -40.49 -5.23
C ALA A 416 -21.91 -41.21 -4.01
N ARG A 417 -20.60 -41.16 -3.85
CA ARG A 417 -19.98 -41.74 -2.68
C ARG A 417 -20.56 -41.19 -1.39
N HIS A 418 -21.00 -39.94 -1.43
CA HIS A 418 -21.55 -39.29 -0.25
C HIS A 418 -23.04 -38.95 -0.38
N ALA A 419 -23.74 -39.58 -1.33
CA ALA A 419 -25.12 -39.22 -1.61
C ALA A 419 -26.13 -40.05 -0.82
N GLY A 420 -25.64 -41.07 -0.11
CA GLY A 420 -26.50 -41.91 0.71
C GLY A 420 -27.08 -43.10 -0.04
N ALA A 421 -28.20 -43.61 0.46
CA ALA A 421 -28.76 -44.90 -0.02
C ALA A 421 -30.23 -44.73 -0.45
N GLY A 422 -30.59 -43.52 -0.86
CA GLY A 422 -31.97 -43.21 -1.23
C GLY A 422 -32.44 -43.95 -2.47
N THR A 423 -33.70 -44.35 -2.47
CA THR A 423 -34.30 -44.96 -3.65
C THR A 423 -35.53 -44.16 -4.16
N ALA A 424 -35.82 -43.03 -3.55
CA ALA A 424 -37.01 -42.26 -3.91
C ALA A 424 -36.84 -41.60 -5.26
N GLU A 425 -37.77 -41.83 -6.16
CA GLU A 425 -37.63 -41.39 -7.56
C GLU A 425 -38.32 -40.06 -7.82
N VAL A 426 -37.96 -39.39 -8.93
CA VAL A 426 -38.61 -38.14 -9.46
C VAL A 426 -38.85 -37.11 -8.39
N VAL B 8 21.18 49.12 8.09
CA VAL B 8 20.92 47.68 8.47
C VAL B 8 21.62 46.74 7.48
N PRO B 9 22.59 45.94 7.98
CA PRO B 9 23.31 45.07 7.02
C PRO B 9 22.40 44.00 6.40
N VAL B 10 22.74 43.60 5.18
CA VAL B 10 21.94 42.65 4.42
C VAL B 10 22.60 41.26 4.48
N PRO B 11 21.80 40.21 4.66
CA PRO B 11 22.39 38.91 4.81
C PRO B 11 22.89 38.39 3.47
N VAL B 12 24.03 37.72 3.50
CA VAL B 12 24.56 37.06 2.33
C VAL B 12 24.91 35.60 2.63
N PRO B 13 24.86 34.75 1.61
CA PRO B 13 25.22 33.35 1.83
C PRO B 13 26.71 33.14 1.65
N VAL B 14 27.37 32.69 2.73
CA VAL B 14 28.80 32.47 2.70
C VAL B 14 29.06 30.96 2.61
N ALA B 15 29.58 30.53 1.45
CA ALA B 15 29.69 29.13 1.10
C ALA B 15 31.09 28.58 1.33
N VAL B 16 31.14 27.35 1.84
CA VAL B 16 32.36 26.62 2.15
C VAL B 16 32.12 25.17 1.71
N SER B 17 33.12 24.49 1.19
CA SER B 17 32.93 23.08 0.88
C SER B 17 34.24 22.27 0.99
N GLY B 18 34.09 20.96 1.05
CA GLY B 18 35.23 20.03 0.95
C GLY B 18 34.85 18.71 0.33
N ALA B 19 35.85 17.88 0.07
CA ALA B 19 35.61 16.55 -0.49
C ALA B 19 35.02 15.62 0.57
N THR B 20 35.19 15.96 1.83
CA THR B 20 34.74 15.15 2.95
C THR B 20 34.23 16.09 4.02
N THR B 21 33.57 15.55 5.00
CA THR B 21 33.07 16.34 6.11
C THR B 21 34.18 16.90 6.94
N ALA B 22 35.24 16.13 7.15
CA ALA B 22 36.37 16.67 7.87
C ALA B 22 37.05 17.81 7.07
N GLY B 23 37.08 17.69 5.74
CA GLY B 23 37.65 18.74 4.92
C GLY B 23 36.78 20.01 5.00
N LEU B 24 35.48 19.81 4.99
CA LEU B 24 34.52 20.92 5.09
C LEU B 24 34.71 21.67 6.39
N ARG B 25 34.87 20.93 7.49
CA ARG B 25 35.09 21.55 8.80
C ARG B 25 36.41 22.27 8.89
N ALA B 26 37.44 21.72 8.24
CA ALA B 26 38.75 22.36 8.22
C ALA B 26 38.68 23.66 7.44
N GLN B 27 37.99 23.64 6.31
CA GLN B 27 37.82 24.85 5.50
C GLN B 27 37.08 25.94 6.28
N ALA B 28 36.10 25.53 7.07
CA ALA B 28 35.39 26.49 7.93
C ALA B 28 36.33 27.14 8.92
N ALA B 29 37.14 26.33 9.60
CA ALA B 29 38.15 26.84 10.53
C ALA B 29 39.17 27.77 9.87
N ARG B 30 39.59 27.43 8.68
CA ARG B 30 40.58 28.21 7.92
C ARG B 30 40.00 29.58 7.53
N LEU B 31 38.73 29.60 7.13
CA LEU B 31 38.09 30.86 6.76
C LEU B 31 37.88 31.72 8.03
N ALA B 32 37.46 31.11 9.12
CA ALA B 32 37.30 31.86 10.35
C ALA B 32 38.64 32.50 10.78
N GLY B 33 39.72 31.73 10.68
CA GLY B 33 41.08 32.23 11.00
C GLY B 33 41.48 33.43 10.15
N HIS B 34 41.24 33.30 8.85
CA HIS B 34 41.50 34.35 7.87
C HIS B 34 40.71 35.61 8.19
N LEU B 35 39.44 35.44 8.57
CA LEU B 35 38.62 36.58 8.95
C LEU B 35 39.09 37.24 10.23
N ARG B 36 39.54 36.42 11.19
CA ARG B 36 39.97 36.97 12.47
C ARG B 36 41.28 37.75 12.33
N GLU B 37 42.07 37.40 11.33
CA GLU B 37 43.29 38.13 11.01
C GLU B 37 43.00 39.44 10.29
N ARG B 38 41.79 39.59 9.76
CA ARG B 38 41.45 40.77 8.93
C ARG B 38 40.16 41.41 9.40
N PRO B 39 40.23 42.18 10.50
CA PRO B 39 39.04 42.61 11.26
C PRO B 39 38.05 43.44 10.46
N ALA B 40 38.48 44.08 9.38
CA ALA B 40 37.60 44.93 8.56
C ALA B 40 36.77 44.12 7.56
N LEU B 41 37.08 42.83 7.39
CA LEU B 41 36.44 42.00 6.37
C LEU B 41 35.05 41.56 6.83
N GLY B 42 34.02 41.96 6.09
CA GLY B 42 32.65 41.48 6.36
C GLY B 42 32.23 40.33 5.47
N PRO B 43 31.10 39.66 5.81
CA PRO B 43 30.60 38.60 4.91
C PRO B 43 30.36 39.13 3.49
N GLU B 44 29.89 40.37 3.36
CA GLU B 44 29.56 40.93 2.05
C GLU B 44 30.80 41.18 1.17
N ALA B 45 31.97 41.22 1.79
CA ALA B 45 33.22 41.37 1.06
C ALA B 45 33.70 40.06 0.44
N VAL B 46 33.38 38.93 1.06
CA VAL B 46 33.94 37.65 0.65
C VAL B 46 32.92 36.69 0.04
N ALA B 47 31.62 36.91 0.22
CA ALA B 47 30.64 35.92 -0.21
C ALA B 47 30.70 35.63 -1.71
N ARG B 48 30.73 36.68 -2.54
CA ARG B 48 30.65 36.48 -3.98
C ARG B 48 31.84 35.62 -4.52
N PRO B 49 33.06 35.96 -4.16
CA PRO B 49 34.17 35.13 -4.67
C PRO B 49 34.18 33.69 -4.14
N LEU B 50 33.67 33.48 -2.94
CA LEU B 50 33.60 32.13 -2.38
C LEU B 50 32.62 31.25 -3.14
N LEU B 51 31.61 31.86 -3.76
CA LEU B 51 30.71 31.10 -4.62
C LEU B 51 31.22 30.96 -6.02
N LEU B 52 31.75 32.04 -6.57
CA LEU B 52 32.02 32.11 -8.00
C LEU B 52 33.44 31.67 -8.35
N SER B 53 34.37 31.77 -7.40
CA SER B 53 35.78 31.42 -7.66
C SER B 53 36.26 30.11 -7.05
N ARG B 54 35.39 29.39 -6.34
CA ARG B 54 35.78 28.13 -5.72
C ARG B 54 34.88 26.98 -6.11
N ALA B 55 35.46 25.81 -6.35
CA ALA B 55 34.68 24.64 -6.67
C ALA B 55 33.73 24.33 -5.51
N GLN B 56 32.52 23.90 -5.83
CA GLN B 56 31.54 23.49 -4.82
C GLN B 56 31.52 21.96 -4.72
N ARG B 57 32.17 21.44 -3.69
CA ARG B 57 32.56 20.05 -3.67
C ARG B 57 31.48 19.20 -2.96
N GLU B 58 31.84 17.99 -2.58
CA GLU B 58 30.85 16.97 -2.26
C GLU B 58 30.16 17.22 -0.90
N ARG B 59 30.85 17.89 0.00
CA ARG B 59 30.30 18.21 1.33
C ARG B 59 30.29 19.71 1.49
N ARG B 60 29.07 20.26 1.61
CA ARG B 60 28.85 21.70 1.48
C ARG B 60 28.20 22.30 2.70
N ALA B 61 28.52 23.56 2.95
CA ALA B 61 27.87 24.36 3.97
C ALA B 61 27.67 25.79 3.48
N VAL B 62 26.65 26.45 4.03
CA VAL B 62 26.49 27.86 3.86
C VAL B 62 26.16 28.45 5.22
N VAL B 63 26.83 29.54 5.56
CA VAL B 63 26.37 30.40 6.67
C VAL B 63 25.73 31.66 6.09
N VAL B 64 24.46 31.87 6.42
CA VAL B 64 23.77 33.11 6.02
C VAL B 64 23.95 34.13 7.12
N ALA B 65 24.70 35.20 6.80
CA ALA B 65 25.12 36.17 7.79
C ALA B 65 25.14 37.56 7.20
N ALA B 66 24.73 38.55 8.01
CA ALA B 66 24.79 39.96 7.62
C ALA B 66 26.00 40.67 8.20
N ASP B 67 26.60 40.10 9.22
CA ASP B 67 27.76 40.71 9.85
C ASP B 67 28.82 39.73 10.24
N ARG B 68 30.00 40.26 10.56
CA ARG B 68 31.13 39.45 10.95
C ARG B 68 30.84 38.48 12.06
N ASP B 69 30.32 39.01 13.16
CA ASP B 69 30.17 38.22 14.38
C ASP B 69 29.29 37.00 14.11
N SER B 70 28.19 37.22 13.38
CA SER B 70 27.28 36.13 13.08
C SER B 70 27.92 35.12 12.09
N LEU B 71 28.70 35.60 11.15
CA LEU B 71 29.44 34.67 10.26
C LEU B 71 30.41 33.81 11.06
N LEU B 72 31.16 34.44 11.96
CA LEU B 72 32.19 33.72 12.73
C LEU B 72 31.55 32.71 13.69
N THR B 73 30.40 33.08 14.25
CA THR B 73 29.64 32.16 15.09
C THR B 73 29.25 30.91 14.29
N GLY B 74 28.76 31.13 13.07
CA GLY B 74 28.37 30.05 12.19
C GLY B 74 29.53 29.16 11.82
N LEU B 75 30.66 29.80 11.46
CA LEU B 75 31.84 29.07 11.00
C LEU B 75 32.45 28.23 12.16
N ASP B 76 32.46 28.78 13.36
CA ASP B 76 32.99 28.08 14.52
C ASP B 76 32.12 26.82 14.79
N ALA B 77 30.80 26.97 14.69
CA ALA B 77 29.88 25.85 14.87
C ALA B 77 30.15 24.78 13.82
N LEU B 78 30.28 25.20 12.58
CA LEU B 78 30.53 24.28 11.49
C LEU B 78 31.88 23.54 11.72
N ALA B 79 32.93 24.29 12.07
CA ALA B 79 34.25 23.71 12.29
C ALA B 79 34.22 22.65 13.40
N GLY B 80 33.33 22.84 14.36
CA GLY B 80 33.24 21.92 15.51
C GLY B 80 32.19 20.86 15.32
N GLY B 81 31.55 20.85 14.15
CA GLY B 81 30.54 19.86 13.83
C GLY B 81 29.22 20.06 14.57
N GLU B 82 28.91 21.29 14.95
CA GLU B 82 27.66 21.60 15.63
C GLU B 82 26.67 22.25 14.66
N ALA B 83 25.39 22.12 14.98
CA ALA B 83 24.35 22.82 14.23
C ALA B 83 24.33 24.29 14.64
N GLY B 84 23.81 25.13 13.75
CA GLY B 84 23.65 26.55 14.06
C GLY B 84 22.42 27.07 13.37
N PRO B 85 21.78 28.10 13.92
CA PRO B 85 20.50 28.56 13.37
C PRO B 85 20.56 29.15 11.93
N ARG B 86 21.74 29.60 11.51
CA ARG B 86 21.91 30.15 10.16
C ARG B 86 23.00 29.39 9.40
N LEU B 87 23.09 28.10 9.70
CA LEU B 87 24.06 27.21 9.08
C LEU B 87 23.30 26.08 8.39
N ALA B 88 23.50 25.93 7.08
CA ALA B 88 23.05 24.73 6.39
C ALA B 88 24.26 23.92 5.94
N SER B 89 24.13 22.59 5.98
CA SER B 89 25.19 21.72 5.47
C SER B 89 24.63 20.39 5.03
N GLY B 90 25.31 19.77 4.08
CA GLY B 90 24.82 18.55 3.55
C GLY B 90 25.77 17.87 2.59
N ALA B 91 25.30 16.76 2.07
CA ALA B 91 25.96 16.04 0.99
C ALA B 91 25.40 16.46 -0.32
N ALA B 92 26.27 16.83 -1.24
CA ALA B 92 25.84 17.31 -2.54
C ALA B 92 25.60 16.14 -3.47
N ASP B 93 24.52 15.43 -3.23
CA ASP B 93 24.28 14.16 -3.92
C ASP B 93 22.89 14.01 -4.53
N VAL B 94 22.13 15.11 -4.65
CA VAL B 94 20.76 15.02 -5.16
C VAL B 94 20.68 15.43 -6.60
N THR B 95 20.08 14.55 -7.41
CA THR B 95 19.76 14.85 -8.78
C THR B 95 18.32 14.50 -9.02
N GLY B 96 17.73 15.11 -10.03
CA GLY B 96 16.35 14.81 -10.37
C GLY B 96 15.49 16.06 -10.46
N ARG B 97 14.23 15.87 -10.81
CA ARG B 97 13.38 16.98 -11.18
C ARG B 97 12.79 17.65 -9.92
N VAL B 98 12.33 18.89 -10.11
CA VAL B 98 12.01 19.81 -9.01
C VAL B 98 10.49 19.98 -8.96
N VAL B 99 9.95 19.86 -7.76
CA VAL B 99 8.54 20.08 -7.49
C VAL B 99 8.38 21.27 -6.51
N LEU B 100 7.52 22.22 -6.85
CA LEU B 100 7.03 23.18 -5.87
C LEU B 100 5.71 22.69 -5.28
N VAL B 101 5.67 22.67 -3.96
CA VAL B 101 4.54 22.23 -3.20
C VAL B 101 3.89 23.46 -2.57
N PHE B 102 2.58 23.60 -2.76
CA PHE B 102 1.87 24.73 -2.24
C PHE B 102 0.95 24.20 -1.13
N PRO B 103 1.12 24.71 0.08
CA PRO B 103 0.32 24.31 1.20
C PRO B 103 -1.12 24.76 1.03
N GLY B 104 -1.99 24.20 1.85
CA GLY B 104 -3.34 24.69 1.98
C GLY B 104 -3.45 25.51 3.24
N GLN B 105 -4.14 24.97 4.24
CA GLN B 105 -4.34 25.66 5.50
C GLN B 105 -3.22 25.37 6.45
N GLY B 106 -3.09 26.25 7.45
CA GLY B 106 -2.38 25.97 8.66
C GLY B 106 -0.93 26.39 8.69
N ALA B 107 -0.46 27.05 7.64
CA ALA B 107 0.95 27.43 7.56
C ALA B 107 1.17 28.90 7.90
N HIS B 108 0.14 29.71 7.76
CA HIS B 108 0.32 31.15 7.80
C HIS B 108 0.55 31.61 9.23
N TRP B 109 1.31 32.67 9.41
CA TRP B 109 1.45 33.26 10.75
C TRP B 109 1.40 34.77 10.63
N THR B 110 0.79 35.42 11.63
CA THR B 110 0.47 36.84 11.51
C THR B 110 1.74 37.68 11.49
N GLY B 111 1.84 38.53 10.48
CA GLY B 111 3.05 39.33 10.27
C GLY B 111 3.93 38.84 9.12
N VAL B 112 3.73 37.61 8.69
CA VAL B 112 4.55 37.08 7.60
C VAL B 112 4.31 37.90 6.33
N ALA B 113 5.41 38.10 5.60
CA ALA B 113 5.47 38.80 4.31
C ALA B 113 5.78 40.28 4.42
N GLU B 114 5.54 40.87 5.59
CA GLU B 114 5.81 42.31 5.73
C GLU B 114 7.33 42.56 5.67
N ARG B 115 8.10 41.79 6.43
CA ARG B 115 9.54 41.96 6.46
C ARG B 115 10.16 41.65 5.10
N LEU B 116 9.66 40.58 4.47
CA LEU B 116 10.18 40.17 3.17
C LEU B 116 9.85 41.19 2.07
N TRP B 117 8.69 41.83 2.18
CA TRP B 117 8.30 42.93 1.27
C TRP B 117 9.34 44.05 1.35
N ARG B 118 9.82 44.34 2.56
CA ARG B 118 10.84 45.37 2.74
C ARG B 118 12.21 44.96 2.22
N GLU B 119 12.50 43.67 2.23
CA GLU B 119 13.86 43.20 2.04
C GLU B 119 14.16 42.63 0.64
N ALA B 120 13.12 42.22 -0.09
CA ALA B 120 13.32 41.49 -1.33
C ALA B 120 12.44 42.07 -2.43
N PRO B 121 13.06 42.82 -3.36
CA PRO B 121 12.26 43.53 -4.39
C PRO B 121 11.43 42.65 -5.28
N VAL B 122 11.89 41.45 -5.62
CA VAL B 122 11.10 40.55 -6.45
C VAL B 122 9.82 40.13 -5.70
N PHE B 123 9.97 39.84 -4.42
CA PHE B 123 8.81 39.49 -3.57
C PHE B 123 7.86 40.68 -3.36
N ALA B 124 8.44 41.84 -3.14
CA ALA B 124 7.69 43.10 -3.08
C ALA B 124 6.88 43.34 -4.32
N ASP B 125 7.49 43.13 -5.49
CA ASP B 125 6.78 43.39 -6.72
C ASP B 125 5.58 42.45 -6.82
N SER B 126 5.82 41.16 -6.62
CA SER B 126 4.75 40.19 -6.76
C SER B 126 3.63 40.50 -5.78
N MET B 127 3.98 40.85 -4.56
CA MET B 127 2.98 41.18 -3.55
C MET B 127 2.14 42.40 -3.98
N ALA B 128 2.79 43.40 -4.56
CA ALA B 128 2.07 44.58 -5.06
C ALA B 128 1.14 44.28 -6.22
N ARG B 129 1.58 43.40 -7.12
CA ARG B 129 0.75 42.92 -8.19
C ARG B 129 -0.48 42.17 -7.61
N CYS B 130 -0.26 41.37 -6.55
CA CYS B 130 -1.36 40.68 -5.87
C CYS B 130 -2.31 41.71 -5.24
N ALA B 131 -1.73 42.72 -4.61
CA ALA B 131 -2.53 43.76 -3.94
C ALA B 131 -3.46 44.46 -4.93
N ASP B 132 -2.97 44.71 -6.14
CA ASP B 132 -3.81 45.35 -7.17
C ASP B 132 -5.04 44.47 -7.48
N VAL B 133 -4.82 43.20 -7.70
CA VAL B 133 -5.89 42.30 -8.06
C VAL B 133 -6.86 42.13 -6.89
N LEU B 134 -6.33 42.03 -5.67
CA LEU B 134 -7.19 41.83 -4.50
C LEU B 134 -7.96 43.10 -4.11
N ARG B 135 -7.38 44.26 -4.36
CA ARG B 135 -8.05 45.52 -4.10
C ARG B 135 -9.37 45.61 -4.88
N ASP B 136 -9.30 45.26 -6.16
CA ASP B 136 -10.46 45.22 -7.05
C ASP B 136 -11.52 44.24 -6.54
N LEU B 137 -11.08 43.03 -6.18
CA LEU B 137 -11.98 41.91 -5.91
C LEU B 137 -12.59 41.98 -4.52
N ALA B 138 -11.76 42.25 -3.53
CA ALA B 138 -12.11 42.05 -2.14
C ALA B 138 -12.29 43.37 -1.41
N GLY B 139 -11.70 44.43 -1.94
CA GLY B 139 -11.85 45.77 -1.40
C GLY B 139 -11.21 45.95 -0.06
N TRP B 140 -10.10 45.28 0.18
CA TRP B 140 -9.19 45.66 1.25
C TRP B 140 -7.76 45.71 0.72
N GLU B 141 -6.87 46.21 1.55
CA GLU B 141 -5.49 46.48 1.16
C GLU B 141 -4.54 45.40 1.73
N LEU B 142 -3.96 44.61 0.82
CA LEU B 142 -3.14 43.44 1.21
C LEU B 142 -2.11 43.75 2.28
N ARG B 143 -1.33 44.81 2.07
CA ARG B 143 -0.23 45.07 2.98
C ARG B 143 -0.72 45.41 4.37
N GLU B 144 -1.89 46.04 4.47
CA GLU B 144 -2.42 46.43 5.78
C GLU B 144 -2.87 45.23 6.59
N VAL B 145 -3.50 44.26 5.90
CA VAL B 145 -4.04 43.09 6.59
C VAL B 145 -2.96 42.04 6.99
N LEU B 146 -1.77 42.15 6.41
CA LEU B 146 -0.67 41.21 6.73
C LEU B 146 -0.39 41.15 8.19
N VAL B 147 -0.47 42.29 8.88
CA VAL B 147 -0.10 42.39 10.27
C VAL B 147 -1.30 42.50 11.22
N ASP B 148 -2.48 42.22 10.72
CA ASP B 148 -3.72 42.38 11.53
C ASP B 148 -4.26 41.00 11.96
N PRO B 149 -4.03 40.63 13.24
CA PRO B 149 -4.38 39.29 13.71
C PRO B 149 -5.88 39.05 13.72
N VAL B 150 -6.67 40.13 13.77
CA VAL B 150 -8.11 39.97 13.82
C VAL B 150 -8.65 39.69 12.42
N ALA B 151 -8.19 40.48 11.45
CA ALA B 151 -8.53 40.25 10.03
C ALA B 151 -8.13 38.86 9.54
N LEU B 152 -6.97 38.37 9.99
CA LEU B 152 -6.44 37.10 9.53
C LEU B 152 -7.14 35.88 10.15
N GLU B 153 -8.01 36.10 11.14
CA GLU B 153 -8.85 35.02 11.63
C GLU B 153 -10.15 34.94 10.84
N ARG B 154 -10.33 35.82 9.85
CA ARG B 154 -11.45 35.69 8.95
C ARG B 154 -11.01 34.95 7.69
N VAL B 155 -11.76 33.91 7.32
CA VAL B 155 -11.40 33.02 6.23
C VAL B 155 -11.36 33.76 4.86
N ASP B 156 -12.23 34.73 4.69
CA ASP B 156 -12.26 35.52 3.45
C ASP B 156 -11.05 36.49 3.28
N VAL B 157 -10.36 36.79 4.38
CA VAL B 157 -9.13 37.59 4.34
C VAL B 157 -7.90 36.65 4.29
N LEU B 158 -7.87 35.68 5.18
CA LEU B 158 -6.72 34.78 5.29
C LEU B 158 -6.43 34.03 3.99
N GLN B 159 -7.46 33.50 3.35
CA GLN B 159 -7.20 32.65 2.21
C GLN B 159 -6.58 33.42 1.06
N PRO B 160 -7.14 34.61 0.72
CA PRO B 160 -6.50 35.35 -0.36
C PRO B 160 -5.13 35.92 0.02
N VAL B 161 -4.96 36.30 1.26
CA VAL B 161 -3.65 36.76 1.74
C VAL B 161 -2.62 35.61 1.64
N SER B 162 -3.04 34.42 2.05
CA SER B 162 -2.20 33.24 2.00
C SER B 162 -1.81 32.89 0.56
N PHE B 163 -2.78 32.98 -0.34
CA PHE B 163 -2.56 32.81 -1.77
C PHE B 163 -1.53 33.83 -2.31
N ALA B 164 -1.68 35.10 -1.94
CA ALA B 164 -0.76 36.14 -2.40
C ALA B 164 0.68 35.83 -1.95
N VAL B 165 0.83 35.43 -0.68
CA VAL B 165 2.13 35.21 -0.11
C VAL B 165 2.81 34.01 -0.81
N VAL B 166 2.10 32.90 -1.03
CA VAL B 166 2.74 31.73 -1.63
C VAL B 166 3.07 31.92 -3.10
N VAL B 167 2.20 32.62 -3.82
CA VAL B 167 2.48 32.97 -5.21
C VAL B 167 3.72 33.87 -5.29
N SER B 168 3.86 34.77 -4.33
CA SER B 168 4.96 35.73 -4.33
C SER B 168 6.28 35.08 -3.87
N LEU B 169 6.18 34.09 -2.97
CA LEU B 169 7.34 33.29 -2.63
C LEU B 169 7.80 32.47 -3.83
N ALA B 170 6.87 31.96 -4.61
CA ALA B 170 7.23 31.22 -5.82
C ALA B 170 7.98 32.10 -6.81
N ALA B 171 7.54 33.35 -6.95
CA ALA B 171 8.26 34.31 -7.78
C ALA B 171 9.67 34.57 -7.27
N LEU B 172 9.83 34.64 -5.96
CA LEU B 172 11.14 34.85 -5.36
C LEU B 172 12.05 33.66 -5.59
N TRP B 173 11.53 32.44 -5.43
CA TRP B 173 12.27 31.22 -5.81
C TRP B 173 12.71 31.25 -7.30
N ALA B 174 11.81 31.67 -8.18
CA ALA B 174 12.11 31.70 -9.59
C ALA B 174 13.29 32.64 -9.84
N SER B 175 13.35 33.76 -9.11
CA SER B 175 14.36 34.76 -9.34
C SER B 175 15.75 34.28 -8.92
N VAL B 176 15.83 33.21 -8.11
CA VAL B 176 17.10 32.57 -7.84
C VAL B 176 17.24 31.24 -8.57
N GLY B 177 16.51 31.11 -9.67
CA GLY B 177 16.69 30.01 -10.59
C GLY B 177 16.10 28.68 -10.11
N VAL B 178 15.19 28.73 -9.11
CA VAL B 178 14.49 27.54 -8.67
C VAL B 178 13.08 27.56 -9.24
N ARG B 179 12.91 26.83 -10.33
CA ARG B 179 11.64 26.78 -11.05
C ARG B 179 11.13 25.35 -11.06
N PRO B 180 9.82 25.17 -10.92
CA PRO B 180 9.26 23.82 -10.88
C PRO B 180 9.29 23.12 -12.24
N ASP B 181 9.63 21.84 -12.21
CA ASP B 181 9.33 20.92 -13.32
C ASP B 181 7.91 20.37 -13.21
N ALA B 182 7.35 20.44 -11.99
CA ALA B 182 5.96 20.03 -11.73
C ALA B 182 5.49 20.76 -10.45
N VAL B 183 4.19 20.95 -10.30
CA VAL B 183 3.65 21.54 -9.09
C VAL B 183 2.54 20.68 -8.48
N VAL B 184 2.41 20.75 -7.18
CA VAL B 184 1.31 20.13 -6.48
C VAL B 184 0.83 21.08 -5.39
N GLY B 185 -0.48 21.29 -5.33
CA GLY B 185 -1.08 22.16 -4.33
C GLY B 185 -2.11 21.43 -3.49
N HIS B 186 -2.00 21.62 -2.18
CA HIS B 186 -2.84 20.95 -1.19
C HIS B 186 -4.06 21.88 -0.95
N SER B 187 -5.26 21.36 -1.21
CA SER B 187 -6.47 22.13 -0.96
C SER B 187 -6.35 23.53 -1.66
N GLN B 188 -6.48 24.65 -0.95
CA GLN B 188 -6.46 25.98 -1.66
C GLN B 188 -5.15 26.21 -2.38
N GLY B 189 -4.10 25.49 -1.95
CA GLY B 189 -2.81 25.54 -2.66
C GLY B 189 -2.89 25.14 -4.11
N GLU B 190 -3.88 24.33 -4.48
CA GLU B 190 -4.06 23.94 -5.85
C GLU B 190 -4.33 25.17 -6.74
N VAL B 191 -4.98 26.20 -6.21
CA VAL B 191 -5.23 27.39 -7.01
C VAL B 191 -3.91 28.13 -7.30
N ALA B 192 -3.09 28.28 -6.28
CA ALA B 192 -1.77 28.87 -6.45
C ALA B 192 -0.92 28.03 -7.44
N ALA B 193 -0.94 26.72 -7.26
CA ALA B 193 -0.17 25.82 -8.12
C ALA B 193 -0.59 25.99 -9.59
N ALA B 194 -1.90 26.01 -9.83
CA ALA B 194 -2.42 26.20 -11.18
C ALA B 194 -1.92 27.51 -11.80
N HIS B 195 -1.92 28.59 -11.01
CA HIS B 195 -1.43 29.85 -11.51
C HIS B 195 0.07 29.76 -11.83
N VAL B 196 0.85 29.23 -10.89
CA VAL B 196 2.31 29.18 -11.08
C VAL B 196 2.64 28.28 -12.27
N ALA B 197 1.81 27.30 -12.54
CA ALA B 197 2.00 26.38 -13.68
C ALA B 197 1.58 27.00 -15.01
N GLY B 198 0.96 28.18 -14.96
CA GLY B 198 0.54 28.90 -16.16
C GLY B 198 -0.87 28.60 -16.65
N ALA B 199 -1.65 27.86 -15.87
CA ALA B 199 -3.02 27.49 -16.26
C ALA B 199 -4.05 28.59 -15.98
N LEU B 200 -3.74 29.45 -15.02
CA LEU B 200 -4.59 30.58 -14.64
C LEU B 200 -3.77 31.83 -14.56
N THR B 201 -4.35 32.95 -14.97
CA THR B 201 -3.75 34.24 -14.71
C THR B 201 -3.81 34.56 -13.22
N LEU B 202 -2.98 35.50 -12.77
CA LEU B 202 -3.04 35.94 -11.41
C LEU B 202 -4.45 36.39 -11.05
N ALA B 203 -5.05 37.20 -11.93
CA ALA B 203 -6.40 37.74 -11.67
C ALA B 203 -7.45 36.62 -11.51
N GLU B 204 -7.43 35.65 -12.39
CA GLU B 204 -8.43 34.60 -12.39
C GLU B 204 -8.26 33.67 -11.16
N ALA B 205 -7.01 33.35 -10.83
CA ALA B 205 -6.73 32.55 -9.65
C ALA B 205 -7.17 33.30 -8.39
N ALA B 206 -6.86 34.58 -8.30
CA ALA B 206 -7.29 35.37 -7.15
C ALA B 206 -8.80 35.40 -7.05
N ARG B 207 -9.48 35.49 -8.18
CA ARG B 207 -10.94 35.53 -8.18
C ARG B 207 -11.54 34.24 -7.61
N ILE B 208 -10.95 33.09 -7.98
CA ILE B 208 -11.39 31.82 -7.45
C ILE B 208 -11.25 31.79 -5.91
N VAL B 209 -10.07 32.17 -5.41
CA VAL B 209 -9.83 32.08 -3.98
C VAL B 209 -10.72 33.06 -3.23
N VAL B 210 -10.79 34.29 -3.74
CA VAL B 210 -11.61 35.35 -3.11
C VAL B 210 -13.09 34.93 -3.05
N LEU B 211 -13.65 34.45 -4.16
CA LEU B 211 -15.09 34.12 -4.19
C LEU B 211 -15.40 32.86 -3.35
N ARG B 212 -14.51 31.86 -3.42
CA ARG B 212 -14.69 30.66 -2.66
C ARG B 212 -14.54 30.89 -1.16
N SER B 213 -13.51 31.62 -0.76
CA SER B 213 -13.28 31.86 0.65
C SER B 213 -14.37 32.74 1.28
N ALA B 214 -14.88 33.70 0.51
CA ALA B 214 -15.97 34.55 1.02
C ALA B 214 -17.23 33.71 1.23
N LEU B 215 -17.50 32.77 0.34
CA LEU B 215 -18.65 31.89 0.46
C LEU B 215 -18.50 30.96 1.68
N ILE B 216 -17.28 30.45 1.90
CA ILE B 216 -17.00 29.63 3.06
C ILE B 216 -17.25 30.43 4.33
N ALA B 217 -16.77 31.66 4.35
CA ALA B 217 -16.94 32.51 5.52
C ALA B 217 -18.44 32.77 5.80
N ARG B 218 -19.21 33.00 4.76
CA ARG B 218 -20.63 33.34 4.92
C ARG B 218 -21.44 32.13 5.39
N GLU B 219 -21.10 30.94 4.92
CA GLU B 219 -21.97 29.79 5.08
C GLU B 219 -21.41 28.71 6.03
N LEU B 220 -20.08 28.55 6.11
CA LEU B 220 -19.48 27.41 6.86
C LEU B 220 -18.74 27.82 8.11
N SER B 221 -18.15 29.02 8.12
CA SER B 221 -17.36 29.47 9.25
C SER B 221 -18.20 29.42 10.52
N GLY B 222 -17.63 28.92 11.61
CA GLY B 222 -18.34 28.74 12.88
C GLY B 222 -19.10 27.44 12.99
N ARG B 223 -19.09 26.61 11.95
CA ARG B 223 -19.90 25.38 11.95
C ARG B 223 -19.06 24.11 11.84
N GLY B 224 -17.75 24.26 11.99
CA GLY B 224 -16.87 23.11 11.88
C GLY B 224 -15.43 23.38 12.24
N ALA B 225 -14.63 22.34 12.07
CA ALA B 225 -13.24 22.36 12.48
C ALA B 225 -12.49 21.32 11.67
N MET B 226 -11.18 21.45 11.63
CA MET B 226 -10.32 20.47 10.97
C MET B 226 -9.13 20.14 11.86
N LEU B 227 -8.74 18.88 11.86
CA LEU B 227 -7.81 18.36 12.81
C LEU B 227 -6.83 17.46 12.09
N THR B 228 -5.55 17.75 12.22
CA THR B 228 -4.53 16.89 11.65
C THR B 228 -3.97 15.96 12.71
N VAL B 229 -3.79 14.70 12.34
CA VAL B 229 -3.47 13.63 13.27
C VAL B 229 -2.19 12.95 12.83
N VAL B 230 -1.31 12.65 13.78
CA VAL B 230 -0.07 12.00 13.46
C VAL B 230 -0.30 10.47 13.48
N ALA B 231 -0.69 9.94 12.34
CA ALA B 231 -1.10 8.54 12.20
C ALA B 231 -1.34 8.35 10.76
N ASP B 232 -1.43 7.08 10.35
CA ASP B 232 -1.75 6.76 8.96
C ASP B 232 -3.23 6.57 8.74
N VAL B 233 -3.62 6.56 7.47
CA VAL B 233 -5.01 6.60 7.11
C VAL B 233 -5.74 5.32 7.58
N GLU B 234 -5.01 4.20 7.60
CA GLU B 234 -5.58 2.91 8.04
C GLU B 234 -6.01 3.03 9.52
N ARG B 235 -5.12 3.57 10.33
CA ARG B 235 -5.37 3.72 11.74
C ARG B 235 -6.47 4.77 12.03
N VAL B 236 -6.46 5.88 11.30
CA VAL B 236 -7.48 6.90 11.51
C VAL B 236 -8.86 6.38 11.11
N THR B 237 -8.90 5.65 10.01
CA THR B 237 -10.16 5.10 9.54
C THR B 237 -10.74 4.12 10.58
N ALA B 238 -9.87 3.31 11.19
CA ALA B 238 -10.30 2.39 12.26
C ALA B 238 -10.85 3.16 13.46
N LEU B 239 -10.20 4.25 13.82
CA LEU B 239 -10.64 5.00 14.97
C LEU B 239 -11.90 5.80 14.71
N LEU B 240 -12.26 5.96 13.44
CA LEU B 240 -13.48 6.71 13.10
C LEU B 240 -14.73 5.81 13.11
N ALA B 241 -14.54 4.54 13.49
CA ALA B 241 -15.70 3.67 13.78
C ALA B 241 -16.61 4.34 14.80
N GLY B 242 -17.88 4.52 14.41
CA GLY B 242 -18.85 5.22 15.25
C GLY B 242 -18.93 6.72 15.00
N PHE B 243 -18.11 7.22 14.09
CA PHE B 243 -18.16 8.63 13.72
C PHE B 243 -18.68 8.84 12.28
N GLU B 244 -19.23 7.78 11.68
CA GLU B 244 -19.76 7.84 10.32
C GLU B 244 -20.72 9.01 10.16
N GLY B 245 -20.45 9.84 9.15
CA GLY B 245 -21.24 11.04 8.92
C GLY B 245 -21.09 12.14 9.96
N ARG B 246 -20.12 12.02 10.87
CA ARG B 246 -19.91 13.10 11.83
C ARG B 246 -18.48 13.65 11.73
N VAL B 247 -17.52 12.77 11.51
CA VAL B 247 -16.13 13.19 11.34
C VAL B 247 -15.58 12.35 10.22
N CYS B 248 -15.08 13.01 9.17
CA CYS B 248 -14.58 12.28 8.00
C CYS B 248 -13.12 12.61 7.70
N VAL B 249 -12.48 11.72 6.95
CA VAL B 249 -11.15 11.97 6.47
C VAL B 249 -11.19 13.07 5.40
N ALA B 250 -10.39 14.11 5.63
CA ALA B 250 -10.36 15.28 4.74
C ALA B 250 -9.05 15.35 3.93
N ALA B 251 -7.99 14.72 4.42
CA ALA B 251 -6.73 14.70 3.71
C ALA B 251 -5.88 13.53 4.13
N VAL B 252 -5.19 12.95 3.15
CA VAL B 252 -4.19 11.95 3.40
C VAL B 252 -2.84 12.49 2.91
N ASN B 253 -2.01 12.90 3.86
CA ASN B 253 -0.79 13.65 3.56
C ASN B 253 0.44 12.76 3.54
N GLY B 254 0.42 11.69 4.33
CA GLY B 254 1.55 10.81 4.44
C GLY B 254 1.29 9.72 5.45
N PRO B 255 2.29 8.88 5.73
CA PRO B 255 2.11 7.78 6.67
C PRO B 255 1.98 8.24 8.11
N ALA B 256 2.24 9.52 8.39
CA ALA B 256 2.06 10.05 9.72
C ALA B 256 1.36 11.44 9.72
N SER B 257 0.48 11.66 8.77
CA SER B 257 -0.32 12.88 8.71
C SER B 257 -1.61 12.67 7.94
N VAL B 258 -2.72 12.68 8.68
CA VAL B 258 -4.04 12.56 8.09
C VAL B 258 -4.92 13.61 8.75
N THR B 259 -5.73 14.29 7.96
CA THR B 259 -6.58 15.35 8.51
C THR B 259 -8.02 14.90 8.47
N VAL B 260 -8.77 15.22 9.53
CA VAL B 260 -10.20 14.95 9.59
C VAL B 260 -10.99 16.25 9.78
N SER B 261 -12.28 16.17 9.54
CA SER B 261 -13.11 17.33 9.46
C SER B 261 -14.52 17.03 9.97
N GLY B 262 -15.13 18.00 10.62
CA GLY B 262 -16.55 17.89 11.03
C GLY B 262 -16.95 18.98 11.99
N GLU B 263 -18.14 18.84 12.56
CA GLU B 263 -18.63 19.84 13.51
C GLU B 263 -17.73 19.82 14.73
N ASP B 264 -17.63 20.96 15.42
CA ASP B 264 -16.69 21.15 16.47
C ASP B 264 -16.83 20.09 17.57
N GLY B 265 -18.06 19.87 18.02
CA GLY B 265 -18.31 18.90 19.07
C GLY B 265 -17.90 17.50 18.68
N ALA B 266 -18.22 17.11 17.47
CA ALA B 266 -17.85 15.78 17.00
C ALA B 266 -16.32 15.63 16.91
N VAL B 267 -15.64 16.70 16.46
CA VAL B 267 -14.20 16.66 16.38
C VAL B 267 -13.59 16.59 17.79
N ARG B 268 -14.18 17.30 18.74
CA ARG B 268 -13.76 17.23 20.14
C ARG B 268 -13.90 15.79 20.71
N GLU B 269 -14.97 15.10 20.32
CA GLU B 269 -15.17 13.70 20.70
C GLU B 269 -14.10 12.79 20.12
N PHE B 270 -13.74 13.04 18.88
CA PHE B 270 -12.68 12.28 18.26
C PHE B 270 -11.31 12.58 18.89
N GLU B 271 -11.08 13.83 19.28
CA GLU B 271 -9.84 14.17 19.97
C GLU B 271 -9.66 13.39 21.27
N ARG B 272 -10.75 13.13 21.97
CA ARG B 272 -10.69 12.32 23.21
C ARG B 272 -10.31 10.89 22.93
N VAL B 273 -10.77 10.37 21.80
CA VAL B 273 -10.37 9.04 21.33
C VAL B 273 -8.86 9.00 21.05
N LEU B 274 -8.37 10.05 20.40
CA LEU B 274 -6.94 10.14 20.13
C LEU B 274 -6.12 10.31 21.39
N SER B 275 -6.56 11.21 22.25
CA SER B 275 -5.84 11.53 23.44
C SER B 275 -5.61 10.28 24.31
N ALA B 276 -6.64 9.45 24.43
CA ALA B 276 -6.58 8.30 25.33
C ALA B 276 -5.56 7.28 24.81
N ARG B 277 -5.34 7.32 23.49
CA ARG B 277 -4.41 6.44 22.85
C ARG B 277 -3.04 7.11 22.62
N ARG B 278 -2.81 8.22 23.31
CA ARG B 278 -1.56 8.96 23.20
C ARG B 278 -1.19 9.29 21.77
N MET B 279 -2.15 9.72 20.99
CA MET B 279 -1.85 10.09 19.62
C MET B 279 -1.79 11.62 19.50
N LEU B 280 -0.87 12.09 18.69
CA LEU B 280 -0.65 13.51 18.54
C LEU B 280 -1.59 14.09 17.52
N ARG B 281 -2.06 15.30 17.75
CA ARG B 281 -3.00 15.93 16.83
C ARG B 281 -3.10 17.41 17.15
N TRP B 282 -3.62 18.19 16.20
CA TRP B 282 -3.83 19.63 16.46
C TRP B 282 -4.88 20.15 15.50
N ARG B 283 -5.66 21.14 15.97
CA ARG B 283 -6.56 21.86 15.08
C ARG B 283 -5.74 22.67 14.05
N LEU B 284 -6.27 22.82 12.85
CA LEU B 284 -5.65 23.69 11.84
C LEU B 284 -5.88 25.14 12.20
N PRO B 285 -4.79 25.90 12.38
CA PRO B 285 -4.91 27.35 12.59
C PRO B 285 -5.61 28.03 11.42
N GLY B 286 -6.48 29.00 11.70
CA GLY B 286 -7.14 29.78 10.65
C GLY B 286 -8.36 29.11 10.02
N VAL B 287 -8.74 27.95 10.56
CA VAL B 287 -9.82 27.16 10.00
C VAL B 287 -10.92 27.02 11.04
N ASP B 288 -12.11 27.50 10.70
CA ASP B 288 -13.28 27.43 11.58
C ASP B 288 -14.44 26.80 10.86
N PHE B 289 -14.13 25.92 9.93
CA PHE B 289 -15.13 25.27 9.11
C PHE B 289 -14.71 23.85 8.74
N ALA B 290 -15.68 23.02 8.36
CA ALA B 290 -15.43 21.61 8.04
C ALA B 290 -15.17 21.45 6.56
N GLY B 291 -13.97 21.82 6.11
CA GLY B 291 -13.56 21.57 4.74
C GLY B 291 -13.64 20.09 4.37
N HIS B 292 -13.88 19.82 3.09
CA HIS B 292 -13.80 18.46 2.54
C HIS B 292 -14.79 17.53 3.27
N SER B 293 -15.96 18.07 3.59
CA SER B 293 -17.02 17.33 4.29
C SER B 293 -18.35 17.51 3.59
N PRO B 294 -19.37 16.75 4.01
CA PRO B 294 -20.71 16.96 3.45
C PRO B 294 -21.31 18.34 3.73
N GLN B 295 -20.76 19.09 4.68
CA GLN B 295 -21.20 20.49 4.89
C GLN B 295 -20.99 21.34 3.63
N VAL B 296 -20.05 20.91 2.78
CA VAL B 296 -19.71 21.65 1.56
C VAL B 296 -20.79 21.48 0.46
N ASP B 297 -21.57 20.39 0.55
CA ASP B 297 -22.65 20.12 -0.45
C ASP B 297 -23.57 21.33 -0.63
N ALA B 298 -23.91 21.98 0.46
CA ALA B 298 -24.83 23.11 0.46
C ALA B 298 -24.30 24.30 -0.31
N LEU B 299 -22.98 24.38 -0.51
CA LEU B 299 -22.37 25.54 -1.18
C LEU B 299 -22.31 25.37 -2.69
N ARG B 300 -22.50 24.14 -3.16
CA ARG B 300 -22.19 23.80 -4.52
C ARG B 300 -22.85 24.76 -5.52
N ALA B 301 -24.16 24.93 -5.38
CA ALA B 301 -24.90 25.74 -6.34
C ALA B 301 -24.41 27.20 -6.39
N GLU B 302 -24.25 27.86 -5.23
CA GLU B 302 -23.79 29.27 -5.20
C GLU B 302 -22.33 29.38 -5.72
N LEU B 303 -21.49 28.39 -5.39
CA LEU B 303 -20.09 28.44 -5.87
C LEU B 303 -20.04 28.31 -7.41
N LEU B 304 -20.76 27.34 -7.96
CA LEU B 304 -20.77 27.13 -9.44
C LEU B 304 -21.29 28.37 -10.16
N ALA B 305 -22.27 29.04 -9.55
CA ALA B 305 -22.80 30.29 -10.10
C ALA B 305 -21.81 31.42 -9.99
N ALA B 306 -21.22 31.61 -8.81
CA ALA B 306 -20.30 32.72 -8.63
C ALA B 306 -19.09 32.57 -9.55
N LEU B 307 -18.54 31.36 -9.64
CA LEU B 307 -17.35 31.12 -10.46
C LEU B 307 -17.70 31.26 -11.94
N GLY B 308 -18.84 30.68 -12.35
CA GLY B 308 -19.26 30.74 -13.73
C GLY B 308 -18.26 30.02 -14.62
N ASP B 309 -17.94 30.61 -15.77
CA ASP B 309 -16.90 30.05 -16.65
C ASP B 309 -15.52 30.50 -16.15
N ILE B 310 -14.62 29.55 -16.00
CA ILE B 310 -13.25 29.83 -15.58
C ILE B 310 -12.42 30.07 -16.85
N ALA B 311 -11.68 31.16 -16.86
CA ALA B 311 -10.67 31.39 -17.89
C ALA B 311 -9.39 30.64 -17.52
N SER B 312 -9.13 29.59 -18.26
CA SER B 312 -7.97 28.75 -17.98
C SER B 312 -7.35 28.28 -19.27
N ARG B 313 -6.15 27.73 -19.16
CA ARG B 313 -5.48 27.13 -20.29
C ARG B 313 -4.66 25.97 -19.82
N GLU B 314 -4.11 25.23 -20.77
CA GLU B 314 -3.26 24.10 -20.45
C GLU B 314 -2.06 24.55 -19.62
N PRO B 315 -1.78 23.85 -18.51
CA PRO B 315 -0.59 24.22 -17.73
C PRO B 315 0.69 24.00 -18.53
N GLU B 316 1.64 24.91 -18.38
CA GLU B 316 2.89 24.81 -19.10
C GLU B 316 3.83 23.77 -18.47
N ILE B 317 3.54 23.36 -17.24
CA ILE B 317 4.21 22.20 -16.63
C ILE B 317 3.19 21.34 -15.92
N PRO B 318 3.55 20.09 -15.59
CA PRO B 318 2.55 19.20 -15.02
C PRO B 318 2.03 19.73 -13.69
N LEU B 319 0.72 19.76 -13.59
CA LEU B 319 0.01 20.07 -12.39
C LEU B 319 -0.64 18.80 -11.87
N LEU B 320 -0.12 18.28 -10.78
CA LEU B 320 -0.64 17.06 -10.16
C LEU B 320 -1.73 17.47 -9.17
N SER B 321 -2.98 17.16 -9.51
CA SER B 321 -4.10 17.59 -8.69
C SER B 321 -4.17 16.77 -7.43
N THR B 322 -4.50 17.41 -6.31
CA THR B 322 -4.80 16.68 -5.11
C THR B 322 -6.31 16.36 -5.01
N VAL B 323 -7.09 16.73 -6.01
CA VAL B 323 -8.46 16.21 -6.13
C VAL B 323 -8.44 14.74 -6.57
N THR B 324 -7.60 14.43 -7.53
CA THR B 324 -7.58 13.10 -8.15
C THR B 324 -6.30 12.33 -7.79
N GLY B 325 -5.23 13.04 -7.41
CA GLY B 325 -3.93 12.44 -7.30
C GLY B 325 -3.24 12.18 -8.64
N GLU B 326 -3.80 12.78 -9.70
CA GLU B 326 -3.30 12.58 -11.08
C GLU B 326 -3.14 13.90 -11.80
N PRO B 327 -2.48 13.88 -12.97
CA PRO B 327 -2.37 15.16 -13.70
C PRO B 327 -3.75 15.77 -13.95
N ALA B 328 -3.85 17.08 -13.77
CA ALA B 328 -5.14 17.75 -13.75
C ALA B 328 -5.70 17.76 -15.14
N THR B 329 -7.02 17.70 -15.25
CA THR B 329 -7.70 17.87 -16.52
C THR B 329 -8.29 19.29 -16.60
N ARG B 330 -9.59 19.40 -16.83
CA ARG B 330 -10.18 20.69 -17.04
C ARG B 330 -10.26 21.41 -15.67
N LEU B 331 -9.79 22.66 -15.61
CA LEU B 331 -9.91 23.44 -14.38
C LEU B 331 -11.14 24.34 -14.40
N ASP B 332 -12.31 23.71 -14.52
CA ASP B 332 -13.57 24.42 -14.59
C ASP B 332 -14.13 24.62 -13.18
N ALA B 333 -15.30 25.25 -13.08
CA ALA B 333 -15.88 25.57 -11.80
C ALA B 333 -16.07 24.31 -10.97
N GLU B 334 -16.45 23.22 -11.64
CA GLU B 334 -16.74 21.97 -10.94
C GLU B 334 -15.43 21.44 -10.28
N HIS B 335 -14.30 21.58 -10.96
CA HIS B 335 -13.00 21.21 -10.38
C HIS B 335 -12.77 22.00 -9.09
N TRP B 336 -13.00 23.30 -9.13
CA TRP B 336 -12.78 24.15 -7.96
C TRP B 336 -13.79 23.91 -6.84
N TYR B 337 -14.97 23.41 -7.18
CA TYR B 337 -15.86 22.86 -6.18
C TYR B 337 -15.26 21.60 -5.54
N ARG B 338 -14.84 20.65 -6.37
CA ARG B 338 -14.34 19.38 -5.84
C ARG B 338 -13.04 19.57 -5.03
N ASN B 339 -12.29 20.60 -5.35
CA ASN B 339 -11.07 20.99 -4.66
C ASN B 339 -11.41 21.27 -3.16
N LEU B 340 -12.62 21.78 -2.90
CA LEU B 340 -13.10 22.04 -1.54
C LEU B 340 -13.90 20.87 -0.95
N ARG B 341 -14.64 20.13 -1.78
CA ARG B 341 -15.54 19.08 -1.27
C ARG B 341 -14.78 17.77 -1.01
N GLU B 342 -13.93 17.39 -1.96
CA GLU B 342 -13.32 16.07 -1.94
C GLU B 342 -12.09 16.05 -1.06
N PRO B 343 -11.79 14.89 -0.46
CA PRO B 343 -10.57 14.78 0.35
C PRO B 343 -9.30 15.09 -0.46
N VAL B 344 -8.29 15.60 0.22
CA VAL B 344 -7.05 15.97 -0.43
C VAL B 344 -6.16 14.75 -0.55
N ARG B 345 -5.84 14.41 -1.78
CA ARG B 345 -5.04 13.25 -2.05
C ARG B 345 -3.55 13.65 -2.22
N PHE B 346 -2.98 14.22 -1.17
CA PHE B 346 -1.65 14.78 -1.23
C PHE B 346 -0.58 13.69 -1.33
N ALA B 347 -0.66 12.65 -0.49
CA ALA B 347 0.30 11.56 -0.55
C ALA B 347 0.28 10.92 -1.94
N ASP B 348 -0.91 10.76 -2.52
CA ASP B 348 -1.03 10.19 -3.84
C ASP B 348 -0.29 11.01 -4.87
N ALA B 349 -0.49 12.33 -4.84
CA ALA B 349 0.11 13.21 -5.83
C ALA B 349 1.64 13.21 -5.71
N VAL B 350 2.14 13.25 -4.47
CA VAL B 350 3.57 13.32 -4.22
C VAL B 350 4.25 11.99 -4.65
N THR B 351 3.58 10.87 -4.38
CA THR B 351 4.14 9.58 -4.82
C THR B 351 4.08 9.36 -6.31
N ALA B 352 3.10 9.94 -6.99
CA ALA B 352 3.07 9.92 -8.45
C ALA B 352 4.31 10.64 -9.02
N LEU B 353 4.67 11.75 -8.37
CA LEU B 353 5.88 12.51 -8.78
C LEU B 353 7.18 11.78 -8.43
N LEU B 354 7.23 11.17 -7.25
CA LEU B 354 8.41 10.41 -6.85
C LEU B 354 8.65 9.27 -7.85
N ASP B 355 7.56 8.72 -8.38
CA ASP B 355 7.65 7.54 -9.26
C ASP B 355 8.00 7.98 -10.68
N ARG B 356 8.02 9.28 -10.93
CA ARG B 356 8.43 9.84 -12.20
C ARG B 356 9.71 10.69 -12.08
N GLY B 357 10.57 10.35 -11.12
CA GLY B 357 11.93 10.88 -11.10
C GLY B 357 12.04 12.27 -10.46
N HIS B 358 11.05 12.68 -9.67
CA HIS B 358 11.17 13.96 -8.93
C HIS B 358 11.83 13.72 -7.59
N ARG B 359 12.88 14.51 -7.30
CA ARG B 359 13.69 14.31 -6.11
C ARG B 359 13.94 15.59 -5.30
N VAL B 360 13.42 16.70 -5.78
CA VAL B 360 13.61 17.99 -5.10
C VAL B 360 12.23 18.59 -4.85
N PHE B 361 11.92 18.84 -3.58
CA PHE B 361 10.58 19.32 -3.19
C PHE B 361 10.72 20.60 -2.36
N VAL B 362 10.17 21.69 -2.87
CA VAL B 362 10.25 22.96 -2.25
C VAL B 362 8.84 23.37 -1.79
N GLU B 363 8.61 23.39 -0.48
CA GLU B 363 7.35 23.88 0.05
C GLU B 363 7.38 25.40 0.10
N VAL B 364 6.47 26.00 -0.65
CA VAL B 364 6.42 27.43 -0.84
C VAL B 364 5.45 28.02 0.18
N SER B 365 5.90 28.13 1.41
CA SER B 365 4.99 28.42 2.53
C SER B 365 5.65 29.32 3.57
N PRO B 366 4.84 29.97 4.43
CA PRO B 366 5.32 30.73 5.56
C PRO B 366 5.95 29.89 6.65
N HIS B 367 5.55 28.61 6.72
CA HIS B 367 6.06 27.68 7.72
C HIS B 367 5.81 26.24 7.23
N PRO B 368 6.76 25.34 7.47
CA PRO B 368 6.65 24.06 6.77
C PRO B 368 5.61 23.17 7.42
N VAL B 369 4.61 22.78 6.67
CA VAL B 369 3.55 21.94 7.21
C VAL B 369 3.39 20.60 6.51
N LEU B 370 3.97 20.47 5.32
CA LEU B 370 3.90 19.22 4.59
C LEU B 370 5.29 18.60 4.34
N THR B 371 6.36 19.26 4.76
CA THR B 371 7.71 18.78 4.45
C THR B 371 7.94 17.41 5.12
N THR B 372 7.51 17.23 6.35
CA THR B 372 7.79 15.95 7.02
C THR B 372 7.07 14.80 6.35
N SER B 373 5.88 15.06 5.80
CA SER B 373 5.20 14.06 4.98
C SER B 373 5.94 13.78 3.68
N VAL B 374 6.45 14.80 3.02
CA VAL B 374 7.17 14.58 1.76
C VAL B 374 8.45 13.77 2.04
N VAL B 375 9.13 14.07 3.16
CA VAL B 375 10.31 13.32 3.56
C VAL B 375 9.95 11.85 3.81
N ASP B 376 8.84 11.62 4.51
CA ASP B 376 8.39 10.22 4.85
C ASP B 376 8.07 9.44 3.57
N LEU B 377 7.43 10.10 2.61
CA LEU B 377 7.03 9.48 1.38
C LEU B 377 8.21 9.21 0.46
N ALA B 378 9.20 10.08 0.52
CA ALA B 378 10.33 10.02 -0.39
C ALA B 378 11.31 8.89 -0.03
N ALA B 379 11.32 8.46 1.24
CA ALA B 379 12.26 7.40 1.69
C ALA B 379 12.01 6.12 0.87
N PRO B 380 13.08 5.52 0.32
CA PRO B 380 14.44 5.77 0.77
C PRO B 380 15.28 6.48 -0.29
N HIS B 381 14.62 7.18 -1.22
CA HIS B 381 15.30 7.88 -2.30
C HIS B 381 16.14 9.04 -1.77
N ARG B 382 17.15 9.40 -2.54
CA ARG B 382 18.02 10.51 -2.26
C ARG B 382 17.27 11.78 -2.67
N THR B 383 16.85 12.61 -1.72
CA THR B 383 15.95 13.74 -2.06
C THR B 383 16.31 14.96 -1.20
N ALA B 384 16.03 16.14 -1.73
CA ALA B 384 16.18 17.39 -1.00
C ALA B 384 14.76 17.92 -0.77
N VAL B 385 14.40 18.16 0.48
CA VAL B 385 13.08 18.68 0.80
C VAL B 385 13.26 19.88 1.71
N VAL B 386 12.78 21.04 1.27
CA VAL B 386 12.95 22.26 2.02
C VAL B 386 11.62 23.02 2.06
N GLY B 387 11.49 23.89 3.06
CA GLY B 387 10.43 24.90 3.07
C GLY B 387 10.99 26.23 2.60
N THR B 388 10.33 27.32 2.99
CA THR B 388 10.74 28.63 2.55
C THR B 388 10.94 29.57 3.74
N LEU B 389 9.86 29.94 4.42
CA LEU B 389 9.99 30.66 5.69
C LEU B 389 9.61 29.78 6.89
N ARG B 390 9.78 30.32 8.09
CA ARG B 390 9.26 29.71 9.31
C ARG B 390 8.54 30.77 10.15
N ARG B 391 7.69 30.28 11.03
CA ARG B 391 7.04 31.09 12.09
C ARG B 391 8.05 32.05 12.70
N ASP B 392 7.72 33.33 12.71
CA ASP B 392 8.58 34.36 13.32
C ASP B 392 9.91 34.58 12.59
N GLU B 393 10.07 33.98 11.42
CA GLU B 393 11.29 34.14 10.67
C GLU B 393 10.95 34.42 9.22
N GLY B 394 10.67 35.70 8.94
CA GLY B 394 10.14 36.12 7.65
C GLY B 394 11.10 36.98 6.87
N GLY B 395 12.35 36.99 7.31
CA GLY B 395 13.36 37.79 6.65
C GLY B 395 13.95 37.17 5.40
N LEU B 396 14.65 37.99 4.61
CA LEU B 396 15.43 37.51 3.48
C LEU B 396 16.48 36.47 3.94
N ASP B 397 16.94 36.60 5.17
CA ASP B 397 17.90 35.66 5.75
C ASP B 397 17.33 34.24 5.82
N ARG B 398 16.07 34.12 6.23
CA ARG B 398 15.43 32.81 6.28
C ARG B 398 15.21 32.29 4.89
N PHE B 399 14.82 33.16 3.96
CA PHE B 399 14.66 32.70 2.58
C PHE B 399 15.99 32.14 2.05
N LEU B 400 17.06 32.89 2.25
CA LEU B 400 18.38 32.48 1.76
C LEU B 400 18.87 31.18 2.41
N LEU B 401 18.55 30.98 3.69
CA LEU B 401 18.90 29.71 4.34
C LEU B 401 18.18 28.55 3.70
N SER B 402 16.92 28.75 3.27
CA SER B 402 16.19 27.69 2.57
C SER B 402 16.84 27.42 1.18
N ALA B 403 17.23 28.49 0.49
CA ALA B 403 17.92 28.33 -0.79
C ALA B 403 19.26 27.60 -0.55
N ALA B 404 19.92 27.93 0.56
CA ALA B 404 21.18 27.24 0.91
C ALA B 404 20.97 25.74 1.17
N GLU B 405 19.83 25.40 1.76
CA GLU B 405 19.52 24.00 2.03
C GLU B 405 19.41 23.20 0.72
N LEU B 406 19.03 23.84 -0.37
CA LEU B 406 19.06 23.21 -1.67
C LEU B 406 20.51 23.11 -2.20
N HIS B 407 21.23 24.23 -2.14
CA HIS B 407 22.60 24.28 -2.62
C HIS B 407 23.47 23.19 -2.02
N VAL B 408 23.37 22.98 -0.72
CA VAL B 408 24.26 22.05 -0.04
C VAL B 408 23.96 20.57 -0.41
N ARG B 409 22.81 20.32 -1.03
CA ARG B 409 22.44 19.00 -1.51
C ARG B 409 22.72 18.86 -3.00
N GLY B 410 23.38 19.87 -3.58
CA GLY B 410 23.78 19.82 -4.99
C GLY B 410 22.73 20.25 -5.99
N VAL B 411 21.68 20.89 -5.51
CA VAL B 411 20.63 21.37 -6.38
C VAL B 411 21.05 22.74 -6.88
N PRO B 412 20.90 22.99 -8.20
CA PRO B 412 21.19 24.31 -8.77
C PRO B 412 20.30 25.40 -8.17
N VAL B 413 20.93 26.42 -7.64
CA VAL B 413 20.23 27.61 -7.17
C VAL B 413 21.22 28.76 -7.24
N ASP B 414 20.73 29.91 -7.67
CA ASP B 414 21.58 31.07 -7.92
C ASP B 414 21.74 31.87 -6.62
N LEU B 415 22.52 31.32 -5.68
CA LEU B 415 22.81 32.03 -4.44
C LEU B 415 23.56 33.35 -4.75
N ALA B 416 24.32 33.35 -5.83
CA ALA B 416 25.14 34.53 -6.16
C ALA B 416 24.27 35.78 -6.42
N ARG B 417 23.01 35.57 -6.78
CA ARG B 417 22.11 36.70 -6.97
C ARG B 417 22.01 37.56 -5.72
N HIS B 418 22.16 36.94 -4.56
CA HIS B 418 22.07 37.65 -3.29
C HIS B 418 23.38 37.65 -2.49
N ALA B 419 24.49 37.39 -3.17
CA ALA B 419 25.78 37.25 -2.46
C ALA B 419 26.55 38.57 -2.39
N GLY B 420 25.98 39.60 -3.01
CA GLY B 420 26.53 40.96 -2.96
C GLY B 420 27.60 41.20 -4.03
N ALA B 421 28.47 42.17 -3.77
CA ALA B 421 29.38 42.70 -4.80
C ALA B 421 30.84 42.63 -4.34
N GLY B 422 31.14 41.68 -3.45
CA GLY B 422 32.45 41.54 -2.87
C GLY B 422 33.51 41.10 -3.87
N THR B 423 34.70 41.68 -3.74
CA THR B 423 35.83 41.29 -4.55
C THR B 423 37.03 40.94 -3.67
N ALA B 424 36.86 40.92 -2.35
CA ALA B 424 37.95 40.51 -1.46
C ALA B 424 38.23 39.03 -1.66
N GLU B 425 39.49 38.70 -1.90
CA GLU B 425 39.87 37.29 -2.12
C GLU B 425 40.29 36.63 -0.81
N VAL B 426 39.95 35.36 -0.66
CA VAL B 426 40.66 34.47 0.28
C VAL B 426 41.70 33.67 -0.52
N PRO B 427 42.98 33.63 -0.05
CA PRO B 427 44.00 32.88 -0.84
C PRO B 427 43.95 31.36 -0.64
N VAL C 8 31.53 24.47 -34.83
CA VAL C 8 31.40 22.99 -34.65
C VAL C 8 32.27 22.28 -35.68
N PRO C 9 33.23 21.46 -35.24
CA PRO C 9 33.93 20.62 -36.23
C PRO C 9 32.98 19.60 -36.90
N VAL C 10 33.31 19.22 -38.12
CA VAL C 10 32.53 18.27 -38.90
C VAL C 10 33.15 16.87 -38.83
N PRO C 11 32.32 15.84 -38.68
CA PRO C 11 32.87 14.49 -38.51
C PRO C 11 33.41 13.98 -39.82
N VAL C 12 34.55 13.28 -39.75
CA VAL C 12 35.07 12.57 -40.90
C VAL C 12 35.29 11.08 -40.58
N PRO C 13 35.21 10.23 -41.59
CA PRO C 13 35.48 8.83 -41.35
C PRO C 13 36.96 8.56 -41.50
N VAL C 14 37.58 8.09 -40.42
CA VAL C 14 39.01 7.79 -40.41
C VAL C 14 39.22 6.27 -40.48
N ALA C 15 39.73 5.82 -41.63
CA ALA C 15 39.77 4.41 -41.95
C ALA C 15 41.16 3.80 -41.70
N VAL C 16 41.18 2.60 -41.13
CA VAL C 16 42.41 1.81 -40.99
C VAL C 16 42.06 0.36 -41.29
N SER C 17 43.04 -0.39 -41.80
CA SER C 17 42.79 -1.78 -42.11
C SER C 17 44.08 -2.61 -42.08
N GLY C 18 43.89 -3.92 -41.94
CA GLY C 18 45.01 -4.88 -41.95
C GLY C 18 44.59 -6.20 -42.58
N ALA C 19 45.57 -7.06 -42.85
CA ALA C 19 45.28 -8.38 -43.39
C ALA C 19 44.69 -9.29 -42.32
N THR C 20 44.89 -8.94 -41.05
CA THR C 20 44.42 -9.71 -39.93
C THR C 20 43.91 -8.75 -38.88
N THR C 21 43.18 -9.28 -37.91
CA THR C 21 42.70 -8.47 -36.81
C THR C 21 43.83 -7.93 -35.98
N ALA C 22 44.85 -8.74 -35.75
CA ALA C 22 45.99 -8.24 -34.99
C ALA C 22 46.72 -7.13 -35.75
N GLY C 23 46.77 -7.23 -37.08
CA GLY C 23 47.40 -6.18 -37.88
C GLY C 23 46.57 -4.91 -37.83
N LEU C 24 45.25 -5.06 -37.90
CA LEU C 24 44.32 -3.91 -37.83
C LEU C 24 44.50 -3.17 -36.49
N ARG C 25 44.59 -3.93 -35.40
CA ARG C 25 44.78 -3.31 -34.08
C ARG C 25 46.13 -2.64 -33.95
N ALA C 26 47.15 -3.23 -34.55
CA ALA C 26 48.47 -2.61 -34.56
C ALA C 26 48.47 -1.30 -35.35
N GLN C 27 47.82 -1.30 -36.52
CA GLN C 27 47.71 -0.09 -37.33
C GLN C 27 47.01 1.03 -36.53
N ALA C 28 46.01 0.66 -35.76
CA ALA C 28 45.30 1.64 -34.93
C ALA C 28 46.23 2.27 -33.91
N ALA C 29 47.00 1.43 -33.20
CA ALA C 29 48.02 1.90 -32.27
C ALA C 29 49.08 2.81 -32.92
N ARG C 30 49.55 2.43 -34.09
CA ARG C 30 50.55 3.20 -34.84
C ARG C 30 50.03 4.60 -35.20
N LEU C 31 48.77 4.66 -35.63
CA LEU C 31 48.18 5.94 -36.03
C LEU C 31 47.97 6.83 -34.78
N ALA C 32 47.49 6.23 -33.70
CA ALA C 32 47.30 6.99 -32.47
C ALA C 32 48.64 7.57 -31.99
N GLY C 33 49.71 6.77 -32.07
CA GLY C 33 51.03 7.22 -31.65
C GLY C 33 51.53 8.38 -32.50
N HIS C 34 51.36 8.26 -33.82
CA HIS C 34 51.74 9.31 -34.75
C HIS C 34 50.97 10.61 -34.46
N LEU C 35 49.68 10.48 -34.17
CA LEU C 35 48.89 11.64 -33.75
C LEU C 35 49.38 12.26 -32.45
N ARG C 36 49.73 11.43 -31.48
CA ARG C 36 50.16 11.95 -30.19
C ARG C 36 51.52 12.62 -30.26
N GLU C 37 52.32 12.25 -31.24
CA GLU C 37 53.59 12.93 -31.51
C GLU C 37 53.38 14.26 -32.23
N ARG C 38 52.19 14.48 -32.80
CA ARG C 38 51.95 15.68 -33.59
C ARG C 38 50.68 16.35 -33.17
N PRO C 39 50.73 17.14 -32.07
CA PRO C 39 49.55 17.65 -31.38
C PRO C 39 48.62 18.51 -32.24
N ALA C 40 49.14 19.09 -33.31
CA ALA C 40 48.31 19.94 -34.19
C ALA C 40 47.47 19.11 -35.21
N LEU C 41 47.80 17.82 -35.36
CA LEU C 41 47.21 17.00 -36.43
C LEU C 41 45.79 16.56 -36.07
N GLY C 42 44.80 16.96 -36.88
CA GLY C 42 43.41 16.53 -36.64
C GLY C 42 42.92 15.40 -37.55
N PRO C 43 41.75 14.80 -37.20
CA PRO C 43 41.18 13.78 -38.08
C PRO C 43 40.99 14.26 -39.52
N GLU C 44 40.61 15.53 -39.67
CA GLU C 44 40.32 16.10 -41.00
C GLU C 44 41.58 16.20 -41.89
N ALA C 45 42.75 16.17 -41.27
CA ALA C 45 44.01 16.20 -42.01
C ALA C 45 44.39 14.85 -42.58
N VAL C 46 44.03 13.75 -41.90
CA VAL C 46 44.52 12.43 -42.30
C VAL C 46 43.45 11.54 -42.95
N ALA C 47 42.17 11.88 -42.81
CA ALA C 47 41.11 10.98 -43.29
C ALA C 47 41.19 10.70 -44.80
N ARG C 48 41.40 11.72 -45.61
CA ARG C 48 41.33 11.51 -47.07
C ARG C 48 42.42 10.57 -47.59
N PRO C 49 43.68 10.77 -47.18
CA PRO C 49 44.70 9.83 -47.68
C PRO C 49 44.57 8.42 -47.12
N LEU C 50 44.01 8.28 -45.92
CA LEU C 50 43.76 6.95 -45.39
C LEU C 50 42.73 6.15 -46.19
N LEU C 51 41.82 6.85 -46.87
CA LEU C 51 40.90 6.16 -47.76
C LEU C 51 41.45 6.00 -49.16
N LEU C 52 42.09 7.04 -49.66
CA LEU C 52 42.40 7.10 -51.08
C LEU C 52 43.79 6.61 -51.40
N SER C 53 44.71 6.67 -50.43
CA SER C 53 46.11 6.29 -50.68
C SER C 53 46.54 4.96 -50.06
N ARG C 54 45.62 4.27 -49.35
CA ARG C 54 45.97 3.02 -48.66
C ARG C 54 45.04 1.90 -49.14
N ALA C 55 45.60 0.71 -49.28
CA ALA C 55 44.82 -0.47 -49.57
C ALA C 55 43.77 -0.68 -48.46
N GLN C 56 42.57 -1.09 -48.84
CA GLN C 56 41.51 -1.43 -47.86
C GLN C 56 41.44 -2.95 -47.74
N ARG C 57 42.02 -3.47 -46.68
CA ARG C 57 42.37 -4.86 -46.60
C ARG C 57 41.26 -5.67 -45.92
N GLU C 58 41.57 -6.89 -45.51
CA GLU C 58 40.57 -7.88 -45.17
C GLU C 58 39.86 -7.58 -43.83
N ARG C 59 40.55 -6.91 -42.92
CA ARG C 59 39.99 -6.56 -41.62
C ARG C 59 40.04 -5.06 -41.48
N ARG C 60 38.85 -4.45 -41.37
CA ARG C 60 38.69 -3.02 -41.55
C ARG C 60 38.04 -2.37 -40.32
N ALA C 61 38.41 -1.12 -40.08
CA ALA C 61 37.74 -0.29 -39.07
C ALA C 61 37.60 1.13 -39.60
N VAL C 62 36.61 1.85 -39.05
CA VAL C 62 36.51 3.26 -39.24
C VAL C 62 36.17 3.90 -37.90
N VAL C 63 36.86 4.98 -37.57
CA VAL C 63 36.41 5.85 -36.47
C VAL C 63 35.83 7.14 -37.07
N VAL C 64 34.56 7.42 -36.77
CA VAL C 64 33.94 8.68 -37.20
C VAL C 64 34.12 9.73 -36.15
N ALA C 65 34.95 10.72 -36.44
CA ALA C 65 35.42 11.68 -35.44
C ALA C 65 35.52 13.07 -36.03
N ALA C 66 35.12 14.05 -35.23
CA ALA C 66 35.24 15.46 -35.63
C ALA C 66 36.47 16.12 -35.03
N ASP C 67 37.02 15.53 -33.96
CA ASP C 67 38.20 16.10 -33.32
C ASP C 67 39.20 15.06 -32.89
N ARG C 68 40.38 15.54 -32.50
CA ARG C 68 41.46 14.69 -32.04
C ARG C 68 41.04 13.74 -30.94
N ASP C 69 40.47 14.28 -29.88
CA ASP C 69 40.17 13.49 -28.69
C ASP C 69 39.25 12.32 -29.01
N SER C 70 38.22 12.60 -29.80
CA SER C 70 37.29 11.57 -30.25
C SER C 70 37.99 10.50 -31.11
N LEU C 71 38.86 10.94 -32.01
CA LEU C 71 39.58 10.00 -32.86
C LEU C 71 40.48 9.10 -31.99
N LEU C 72 41.20 9.70 -31.05
CA LEU C 72 42.14 8.96 -30.23
C LEU C 72 41.41 8.00 -29.31
N THR C 73 40.24 8.39 -28.80
CA THR C 73 39.39 7.50 -28.02
C THR C 73 39.02 6.27 -28.83
N GLY C 74 38.62 6.49 -30.07
CA GLY C 74 38.19 5.42 -30.93
C GLY C 74 39.36 4.50 -31.28
N LEU C 75 40.52 5.10 -31.59
CA LEU C 75 41.69 4.33 -32.01
C LEU C 75 42.22 3.49 -30.85
N ASP C 76 42.23 4.06 -29.65
CA ASP C 76 42.69 3.34 -28.46
C ASP C 76 41.78 2.13 -28.21
N ALA C 77 40.46 2.33 -28.35
CA ALA C 77 39.51 1.23 -28.19
C ALA C 77 39.77 0.14 -29.22
N LEU C 78 39.95 0.55 -30.46
CA LEU C 78 40.20 -0.38 -31.54
C LEU C 78 41.52 -1.18 -31.25
N ALA C 79 42.58 -0.47 -30.87
CA ALA C 79 43.88 -1.09 -30.60
C ALA C 79 43.77 -2.14 -29.48
N GLY C 80 42.86 -1.90 -28.54
CA GLY C 80 42.71 -2.77 -27.38
C GLY C 80 41.64 -3.81 -27.58
N GLY C 81 41.04 -3.85 -28.76
CA GLY C 81 39.99 -4.80 -29.07
C GLY C 81 38.66 -4.53 -28.35
N GLU C 82 38.38 -3.27 -28.02
CA GLU C 82 37.10 -2.92 -27.39
C GLU C 82 36.15 -2.26 -28.41
N ALA C 83 34.86 -2.36 -28.16
CA ALA C 83 33.88 -1.60 -28.94
C ALA C 83 33.86 -0.16 -28.49
N GLY C 84 33.45 0.72 -29.40
CA GLY C 84 33.35 2.14 -29.10
C GLY C 84 32.16 2.71 -29.82
N PRO C 85 31.58 3.78 -29.28
CA PRO C 85 30.34 4.32 -29.85
C PRO C 85 30.48 4.93 -31.26
N ARG C 86 31.69 5.32 -31.66
CA ARG C 86 31.90 5.85 -33.00
C ARG C 86 32.96 5.03 -33.76
N LEU C 87 32.97 3.74 -33.47
CA LEU C 87 33.88 2.78 -34.09
C LEU C 87 33.10 1.70 -34.82
N ALA C 88 33.35 1.52 -36.10
CA ALA C 88 32.90 0.33 -36.80
C ALA C 88 34.08 -0.55 -37.21
N SER C 89 33.90 -1.87 -37.16
CA SER C 89 34.94 -2.79 -37.62
C SER C 89 34.34 -4.10 -38.03
N GLY C 90 35.04 -4.80 -38.91
CA GLY C 90 34.49 -5.97 -39.51
C GLY C 90 35.44 -6.68 -40.43
N ALA C 91 34.95 -7.80 -40.96
CA ALA C 91 35.62 -8.54 -42.00
C ALA C 91 35.06 -8.13 -43.32
N ALA C 92 35.96 -7.80 -44.24
CA ALA C 92 35.56 -7.34 -45.55
C ALA C 92 35.28 -8.51 -46.44
N ASP C 93 34.16 -9.19 -46.21
CA ASP C 93 33.90 -10.46 -46.86
C ASP C 93 32.53 -10.57 -47.56
N VAL C 94 31.85 -9.44 -47.76
CA VAL C 94 30.52 -9.46 -48.32
C VAL C 94 30.53 -9.05 -49.77
N THR C 95 29.94 -9.89 -50.61
CA THR C 95 29.60 -9.53 -51.97
C THR C 95 28.14 -9.88 -52.21
N GLY C 96 27.54 -9.22 -53.19
CA GLY C 96 26.17 -9.50 -53.53
C GLY C 96 25.36 -8.22 -53.70
N ARG C 97 24.11 -8.39 -54.07
CA ARG C 97 23.26 -7.27 -54.44
C ARG C 97 22.67 -6.56 -53.21
N VAL C 98 22.21 -5.34 -53.42
CA VAL C 98 21.89 -4.40 -52.33
C VAL C 98 20.38 -4.20 -52.26
N VAL C 99 19.85 -4.28 -51.05
CA VAL C 99 18.44 -4.03 -50.79
C VAL C 99 18.32 -2.84 -49.82
N LEU C 100 17.46 -1.89 -50.16
CA LEU C 100 17.00 -0.92 -49.18
C LEU C 100 15.66 -1.38 -48.57
N VAL C 101 15.65 -1.41 -47.26
CA VAL C 101 14.51 -1.81 -46.47
C VAL C 101 13.87 -0.57 -45.86
N PHE C 102 12.58 -0.39 -46.06
CA PHE C 102 11.88 0.74 -45.53
C PHE C 102 10.97 0.24 -44.40
N PRO C 103 11.14 0.79 -43.21
CA PRO C 103 10.35 0.37 -42.08
C PRO C 103 8.91 0.84 -42.20
N GLY C 104 8.07 0.28 -41.36
CA GLY C 104 6.71 0.77 -41.20
C GLY C 104 6.66 1.65 -39.96
N GLN C 105 5.97 1.16 -38.95
CA GLN C 105 5.80 1.89 -37.70
C GLN C 105 6.93 1.61 -36.75
N GLY C 106 7.09 2.49 -35.77
CA GLY C 106 7.79 2.15 -34.56
C GLY C 106 9.25 2.60 -34.52
N ALA C 107 9.71 3.23 -35.60
CA ALA C 107 11.11 3.59 -35.70
C ALA C 107 11.34 5.07 -35.44
N HIS C 108 10.31 5.88 -35.64
CA HIS C 108 10.48 7.32 -35.64
C HIS C 108 10.68 7.80 -34.22
N TRP C 109 11.43 8.87 -34.05
CA TRP C 109 11.58 9.48 -32.72
C TRP C 109 11.57 11.00 -32.86
N THR C 110 10.98 11.66 -31.87
CA THR C 110 10.71 13.09 -31.96
C THR C 110 12.00 13.91 -32.00
N GLY C 111 12.15 14.73 -33.04
CA GLY C 111 13.37 15.49 -33.25
C GLY C 111 14.23 14.96 -34.41
N VAL C 112 14.01 13.73 -34.80
CA VAL C 112 14.80 13.16 -35.90
C VAL C 112 14.61 13.96 -37.17
N ALA C 113 15.71 14.11 -37.92
CA ALA C 113 15.77 14.81 -39.19
C ALA C 113 16.13 16.29 -39.09
N GLU C 114 15.91 16.91 -37.95
CA GLU C 114 16.23 18.34 -37.81
C GLU C 114 17.74 18.55 -37.89
N ARG C 115 18.48 17.78 -37.12
CA ARG C 115 19.94 17.93 -37.09
C ARG C 115 20.54 17.57 -38.45
N LEU C 116 20.02 16.49 -39.05
CA LEU C 116 20.53 16.05 -40.34
C LEU C 116 20.21 17.05 -41.48
N TRP C 117 19.06 17.71 -41.38
CA TRP C 117 18.72 18.81 -42.30
C TRP C 117 19.79 19.90 -42.26
N ARG C 118 20.27 20.22 -41.07
CA ARG C 118 21.32 21.23 -40.91
C ARG C 118 22.67 20.76 -41.43
N GLU C 119 22.92 19.45 -41.38
CA GLU C 119 24.29 18.95 -41.51
C GLU C 119 24.58 18.29 -42.84
N ALA C 120 23.55 17.90 -43.58
CA ALA C 120 23.74 17.16 -44.82
C ALA C 120 22.90 17.74 -45.94
N PRO C 121 23.56 18.46 -46.87
CA PRO C 121 22.80 19.17 -47.90
C PRO C 121 21.95 18.32 -48.81
N VAL C 122 22.38 17.09 -49.09
CA VAL C 122 21.58 16.22 -49.94
C VAL C 122 20.26 15.84 -49.22
N PHE C 123 20.37 15.57 -47.93
CA PHE C 123 19.20 15.27 -47.09
C PHE C 123 18.28 16.51 -46.92
N ALA C 124 18.90 17.67 -46.73
CA ALA C 124 18.17 18.94 -46.70
C ALA C 124 17.38 19.16 -47.99
N ASP C 125 18.00 18.92 -49.13
CA ASP C 125 17.35 19.17 -50.38
C ASP C 125 16.11 18.27 -50.53
N SER C 126 16.30 16.99 -50.27
CA SER C 126 15.21 16.04 -50.38
C SER C 126 14.10 16.40 -49.42
N MET C 127 14.45 16.76 -48.19
CA MET C 127 13.44 17.13 -47.20
C MET C 127 12.65 18.37 -47.63
N ALA C 128 13.33 19.34 -48.25
CA ALA C 128 12.65 20.55 -48.76
C ALA C 128 11.70 20.23 -49.89
N ARG C 129 12.12 19.34 -50.79
CA ARG C 129 11.24 18.83 -51.82
C ARG C 129 10.00 18.11 -51.21
N CYS C 130 10.21 17.32 -50.16
CA CYS C 130 9.09 16.69 -49.44
C CYS C 130 8.20 17.76 -48.80
N ALA C 131 8.81 18.77 -48.21
CA ALA C 131 8.05 19.86 -47.56
C ALA C 131 7.10 20.54 -48.58
N ASP C 132 7.58 20.76 -49.79
CA ASP C 132 6.74 21.34 -50.85
C ASP C 132 5.49 20.48 -51.11
N VAL C 133 5.71 19.18 -51.27
CA VAL C 133 4.62 18.28 -51.58
C VAL C 133 3.65 18.18 -50.43
N LEU C 134 4.17 18.13 -49.20
CA LEU C 134 3.30 17.98 -48.04
C LEU C 134 2.56 19.29 -47.70
N ARG C 135 3.17 20.42 -48.01
CA ARG C 135 2.53 21.72 -47.78
C ARG C 135 1.22 21.80 -48.59
N ASP C 136 1.29 21.39 -49.86
CA ASP C 136 0.14 21.36 -50.77
C ASP C 136 -0.96 20.42 -50.24
N LEU C 137 -0.56 19.22 -49.79
CA LEU C 137 -1.51 18.16 -49.48
C LEU C 137 -2.11 18.33 -48.09
N ALA C 138 -1.27 18.62 -47.11
CA ALA C 138 -1.62 18.50 -45.70
C ALA C 138 -1.76 19.87 -45.03
N GLY C 139 -1.16 20.87 -45.64
CA GLY C 139 -1.21 22.23 -45.11
C GLY C 139 0.03 22.61 -44.33
N TRP C 140 0.47 21.72 -43.45
CA TRP C 140 1.44 22.08 -42.43
C TRP C 140 2.85 22.06 -42.96
N GLU C 141 3.78 22.56 -42.15
CA GLU C 141 5.15 22.78 -42.57
C GLU C 141 6.07 21.70 -41.96
N LEU C 142 6.63 20.87 -42.84
CA LEU C 142 7.35 19.66 -42.44
C LEU C 142 8.39 19.93 -41.34
N ARG C 143 9.22 20.94 -41.56
CA ARG C 143 10.32 21.19 -40.65
C ARG C 143 9.86 21.56 -39.25
N GLU C 144 8.70 22.21 -39.16
CA GLU C 144 8.18 22.66 -37.86
C GLU C 144 7.65 21.50 -37.06
N VAL C 145 6.97 20.58 -37.75
CA VAL C 145 6.37 19.40 -37.11
C VAL C 145 7.43 18.35 -36.63
N LEU C 146 8.64 18.41 -37.19
CA LEU C 146 9.70 17.44 -36.85
C LEU C 146 9.97 17.39 -35.38
N VAL C 147 9.88 18.54 -34.73
CA VAL C 147 10.25 18.66 -33.33
C VAL C 147 9.07 18.79 -32.38
N ASP C 148 7.86 18.52 -32.89
CA ASP C 148 6.64 18.69 -32.08
C ASP C 148 6.09 17.33 -31.60
N PRO C 149 6.33 17.00 -30.32
CA PRO C 149 5.97 15.68 -29.80
C PRO C 149 4.47 15.46 -29.75
N VAL C 150 3.71 16.55 -29.71
CA VAL C 150 2.24 16.40 -29.60
C VAL C 150 1.68 16.12 -30.99
N ALA C 151 2.13 16.88 -32.00
CA ALA C 151 1.75 16.64 -33.38
C ALA C 151 2.13 15.23 -33.88
N LEU C 152 3.29 14.74 -33.46
CA LEU C 152 3.79 13.46 -33.93
C LEU C 152 3.11 12.26 -33.26
N GLU C 153 2.26 12.52 -32.27
CA GLU C 153 1.41 11.46 -31.72
C GLU C 153 0.12 11.36 -32.51
N ARG C 154 -0.08 12.23 -33.49
CA ARG C 154 -1.20 12.07 -34.40
C ARG C 154 -0.75 11.32 -35.64
N VAL C 155 -1.49 10.29 -35.99
CA VAL C 155 -1.12 9.37 -37.08
C VAL C 155 -1.10 10.07 -38.45
N ASP C 156 -1.99 11.04 -38.63
CA ASP C 156 -2.03 11.81 -39.87
C ASP C 156 -0.84 12.79 -40.07
N VAL C 157 -0.12 13.11 -39.01
CA VAL C 157 1.08 13.91 -39.09
C VAL C 157 2.32 12.98 -39.12
N LEU C 158 2.35 12.01 -38.21
CA LEU C 158 3.52 11.10 -38.08
C LEU C 158 3.79 10.34 -39.38
N GLN C 159 2.76 9.80 -39.99
CA GLN C 159 2.99 8.92 -41.14
C GLN C 159 3.58 9.66 -42.31
N PRO C 160 3.02 10.85 -42.67
CA PRO C 160 3.67 11.55 -43.78
C PRO C 160 5.05 12.12 -43.44
N VAL C 161 5.24 12.53 -42.19
CA VAL C 161 6.57 12.96 -41.75
C VAL C 161 7.58 11.79 -41.86
N SER C 162 7.14 10.61 -41.42
CA SER C 162 7.98 9.41 -41.45
C SER C 162 8.37 9.04 -42.87
N PHE C 163 7.39 9.12 -43.77
CA PHE C 163 7.59 8.94 -45.19
C PHE C 163 8.65 9.91 -45.75
N ALA C 164 8.52 11.19 -45.43
CA ALA C 164 9.47 12.20 -45.93
C ALA C 164 10.91 11.88 -45.45
N VAL C 165 11.03 11.54 -44.18
CA VAL C 165 12.35 11.26 -43.59
C VAL C 165 13.01 10.02 -44.26
N VAL C 166 12.27 8.94 -44.46
CA VAL C 166 12.89 7.73 -45.02
C VAL C 166 13.23 7.88 -46.51
N VAL C 167 12.37 8.60 -47.25
CA VAL C 167 12.65 8.88 -48.63
C VAL C 167 13.92 9.74 -48.75
N SER C 168 14.08 10.68 -47.81
CA SER C 168 15.20 11.60 -47.85
C SER C 168 16.50 10.92 -47.36
N LEU C 169 16.37 9.96 -46.44
CA LEU C 169 17.51 9.14 -46.08
C LEU C 169 17.97 8.28 -47.27
N ALA C 170 17.03 7.78 -48.06
CA ALA C 170 17.39 6.99 -49.25
C ALA C 170 18.20 7.85 -50.26
N ALA C 171 17.78 9.10 -50.39
CA ALA C 171 18.51 10.04 -51.24
C ALA C 171 19.94 10.29 -50.73
N LEU C 172 20.09 10.39 -49.41
CA LEU C 172 21.38 10.60 -48.81
C LEU C 172 22.29 9.38 -49.01
N TRP C 173 21.74 8.18 -48.85
CA TRP C 173 22.49 6.96 -49.19
C TRP C 173 22.95 6.96 -50.67
N ALA C 174 22.06 7.38 -51.58
CA ALA C 174 22.39 7.38 -52.98
C ALA C 174 23.61 8.31 -53.22
N SER C 175 23.68 9.42 -52.48
CA SER C 175 24.74 10.39 -52.70
C SER C 175 26.12 9.86 -52.24
N VAL C 176 26.14 8.80 -51.43
CA VAL C 176 27.40 8.12 -51.14
C VAL C 176 27.50 6.77 -51.89
N GLY C 177 26.75 6.66 -52.96
CA GLY C 177 26.92 5.57 -53.90
C GLY C 177 26.26 4.27 -53.44
N VAL C 178 25.36 4.35 -52.46
CA VAL C 178 24.63 3.15 -51.99
C VAL C 178 23.21 3.20 -52.56
N ARG C 179 23.01 2.46 -53.64
CA ARG C 179 21.76 2.47 -54.39
C ARG C 179 21.17 1.06 -54.39
N PRO C 180 19.85 0.94 -54.31
CA PRO C 180 19.26 -0.38 -54.24
C PRO C 180 19.26 -1.10 -55.57
N ASP C 181 19.56 -2.39 -55.54
CA ASP C 181 19.24 -3.31 -56.63
C ASP C 181 17.80 -3.82 -56.50
N ALA C 182 17.23 -3.71 -55.29
CA ALA C 182 15.84 -4.11 -55.02
C ALA C 182 15.40 -3.39 -53.73
N VAL C 183 14.11 -3.20 -53.57
CA VAL C 183 13.60 -2.58 -52.35
C VAL C 183 12.50 -3.44 -51.73
N VAL C 184 12.32 -3.27 -50.43
CA VAL C 184 11.21 -3.87 -49.73
C VAL C 184 10.76 -2.92 -48.63
N GLY C 185 9.46 -2.71 -48.54
CA GLY C 185 8.89 -1.81 -47.53
C GLY C 185 7.88 -2.54 -46.66
N HIS C 186 8.02 -2.36 -45.36
CA HIS C 186 7.14 -2.96 -44.36
C HIS C 186 5.94 -2.02 -44.13
N SER C 187 4.75 -2.50 -44.38
CA SER C 187 3.53 -1.72 -44.07
C SER C 187 3.64 -0.34 -44.80
N GLN C 188 3.56 0.81 -44.11
CA GLN C 188 3.57 2.11 -44.82
C GLN C 188 4.86 2.31 -45.59
N GLY C 189 5.92 1.58 -45.17
CA GLY C 189 7.20 1.60 -45.90
C GLY C 189 7.10 1.18 -47.34
N GLU C 190 6.10 0.37 -47.67
CA GLU C 190 5.90 -0.04 -49.05
C GLU C 190 5.65 1.17 -49.96
N VAL C 191 4.99 2.21 -49.45
CA VAL C 191 4.76 3.37 -50.28
C VAL C 191 6.07 4.09 -50.59
N ALA C 192 6.92 4.25 -49.59
CA ALA C 192 8.25 4.82 -49.81
C ALA C 192 9.04 3.96 -50.79
N ALA C 193 9.03 2.65 -50.56
CA ALA C 193 9.79 1.73 -51.41
C ALA C 193 9.33 1.87 -52.88
N ALA C 194 8.01 1.92 -53.11
CA ALA C 194 7.48 2.07 -54.45
C ALA C 194 7.98 3.35 -55.11
N HIS C 195 8.03 4.42 -54.35
CA HIS C 195 8.54 5.68 -54.87
C HIS C 195 10.02 5.54 -55.21
N VAL C 196 10.82 5.04 -54.27
CA VAL C 196 12.26 4.94 -54.48
C VAL C 196 12.58 4.00 -55.65
N ALA C 197 11.72 3.03 -55.90
CA ALA C 197 11.87 2.10 -57.03
C ALA C 197 11.46 2.72 -58.36
N GLY C 198 10.84 3.90 -58.32
CA GLY C 198 10.41 4.60 -59.53
C GLY C 198 9.00 4.29 -60.01
N ALA C 199 8.22 3.53 -59.20
CA ALA C 199 6.84 3.20 -59.57
C ALA C 199 5.83 4.33 -59.30
N LEU C 200 6.17 5.21 -58.37
CA LEU C 200 5.36 6.37 -58.00
C LEU C 200 6.22 7.59 -57.95
N THR C 201 5.67 8.74 -58.37
CA THR C 201 6.31 10.02 -58.13
C THR C 201 6.24 10.35 -56.65
N LEU C 202 7.09 11.26 -56.21
CA LEU C 202 7.08 11.74 -54.83
C LEU C 202 5.70 12.25 -54.49
N ALA C 203 5.10 13.03 -55.38
CA ALA C 203 3.78 13.62 -55.10
C ALA C 203 2.71 12.55 -54.91
N GLU C 204 2.70 11.54 -55.78
CA GLU C 204 1.66 10.51 -55.74
C GLU C 204 1.82 9.62 -54.49
N ALA C 205 3.07 9.28 -54.17
CA ALA C 205 3.34 8.51 -52.97
C ALA C 205 2.94 9.29 -51.71
N ALA C 206 3.28 10.55 -51.66
CA ALA C 206 2.89 11.40 -50.51
C ALA C 206 1.38 11.50 -50.40
N ARG C 207 0.71 11.57 -51.54
CA ARG C 207 -0.77 11.66 -51.52
C ARG C 207 -1.38 10.39 -50.90
N ILE C 208 -0.85 9.22 -51.28
CA ILE C 208 -1.32 7.95 -50.70
C ILE C 208 -1.13 7.97 -49.18
N VAL C 209 0.05 8.32 -48.70
CA VAL C 209 0.32 8.26 -47.27
C VAL C 209 -0.55 9.28 -46.53
N VAL C 210 -0.61 10.49 -47.06
CA VAL C 210 -1.42 11.57 -46.43
C VAL C 210 -2.90 11.17 -46.34
N LEU C 211 -3.47 10.66 -47.43
CA LEU C 211 -4.91 10.30 -47.44
C LEU C 211 -5.21 9.10 -46.56
N ARG C 212 -4.34 8.08 -46.64
CA ARG C 212 -4.54 6.89 -45.86
C ARG C 212 -4.36 7.16 -44.37
N SER C 213 -3.31 7.87 -44.00
CA SER C 213 -3.08 8.15 -42.59
C SER C 213 -4.18 9.05 -41.97
N ALA C 214 -4.68 9.99 -42.74
CA ALA C 214 -5.79 10.83 -42.25
C ALA C 214 -7.06 10.01 -42.02
N LEU C 215 -7.32 9.05 -42.90
CA LEU C 215 -8.45 8.15 -42.73
C LEU C 215 -8.29 7.26 -41.49
N ILE C 216 -7.08 6.75 -41.27
CA ILE C 216 -6.78 5.96 -40.08
C ILE C 216 -7.03 6.79 -38.83
N ALA C 217 -6.58 8.02 -38.83
CA ALA C 217 -6.72 8.89 -37.69
C ALA C 217 -8.20 9.19 -37.40
N ARG C 218 -8.99 9.37 -38.45
CA ARG C 218 -10.41 9.69 -38.29
C ARG C 218 -11.20 8.48 -37.77
N GLU C 219 -10.85 7.27 -38.22
CA GLU C 219 -11.73 6.12 -38.01
C GLU C 219 -11.17 5.08 -37.03
N LEU C 220 -9.83 4.95 -36.96
CA LEU C 220 -9.21 3.84 -36.19
C LEU C 220 -8.47 4.27 -34.95
N SER C 221 -7.88 5.47 -34.99
CA SER C 221 -7.06 5.93 -33.89
C SER C 221 -7.89 5.94 -32.60
N GLY C 222 -7.31 5.49 -31.50
CA GLY C 222 -8.01 5.36 -30.23
C GLY C 222 -8.79 4.04 -30.07
N ARG C 223 -8.80 3.18 -31.08
CA ARG C 223 -9.60 1.95 -31.02
C ARG C 223 -8.77 0.66 -31.09
N GLY C 224 -7.45 0.82 -30.95
CA GLY C 224 -6.57 -0.33 -31.01
C GLY C 224 -5.13 -0.07 -30.69
N ALA C 225 -4.33 -1.13 -30.81
CA ALA C 225 -2.94 -1.12 -30.46
C ALA C 225 -2.24 -2.21 -31.27
N MET C 226 -0.92 -2.10 -31.35
CA MET C 226 -0.10 -3.11 -32.01
C MET C 226 1.08 -3.47 -31.13
N LEU C 227 1.45 -4.75 -31.16
CA LEU C 227 2.39 -5.27 -30.20
C LEU C 227 3.33 -6.22 -30.95
N THR C 228 4.62 -5.96 -30.86
CA THR C 228 5.62 -6.87 -31.43
C THR C 228 6.19 -7.81 -30.37
N VAL C 229 6.33 -9.08 -30.74
CA VAL C 229 6.65 -10.14 -29.81
C VAL C 229 7.88 -10.87 -30.32
N VAL C 230 8.79 -11.20 -29.40
CA VAL C 230 9.98 -11.94 -29.75
C VAL C 230 9.69 -13.43 -29.70
N ALA C 231 9.24 -13.98 -30.82
CA ALA C 231 8.79 -15.36 -30.94
C ALA C 231 8.52 -15.57 -32.40
N ASP C 232 8.34 -16.82 -32.83
CA ASP C 232 7.92 -17.09 -34.21
C ASP C 232 6.41 -17.20 -34.34
N VAL C 233 5.92 -17.20 -35.58
CA VAL C 233 4.50 -17.09 -35.80
C VAL C 233 3.74 -18.35 -35.31
N GLU C 234 4.42 -19.49 -35.34
CA GLU C 234 3.84 -20.75 -34.83
C GLU C 234 3.57 -20.64 -33.34
N ARG C 235 4.54 -20.13 -32.61
CA ARG C 235 4.39 -19.93 -31.17
C ARG C 235 3.36 -18.86 -30.82
N VAL C 236 3.35 -17.75 -31.57
CA VAL C 236 2.36 -16.69 -31.29
C VAL C 236 0.94 -17.17 -31.61
N THR C 237 0.80 -17.94 -32.68
CA THR C 237 -0.50 -18.48 -33.05
C THR C 237 -1.03 -19.43 -31.96
N ALA C 238 -0.15 -20.24 -31.38
CA ALA C 238 -0.51 -21.10 -30.24
C ALA C 238 -0.98 -20.28 -29.05
N LEU C 239 -0.28 -19.19 -28.79
CA LEU C 239 -0.62 -18.38 -27.63
C LEU C 239 -1.87 -17.56 -27.85
N LEU C 240 -2.32 -17.44 -29.10
CA LEU C 240 -3.52 -16.68 -29.40
C LEU C 240 -4.78 -17.56 -29.30
N ALA C 241 -4.61 -18.81 -28.88
CA ALA C 241 -5.77 -19.63 -28.48
C ALA C 241 -6.62 -18.88 -27.45
N GLY C 242 -7.91 -18.69 -27.78
CA GLY C 242 -8.81 -17.94 -26.94
C GLY C 242 -8.89 -16.48 -27.28
N PHE C 243 -8.09 -16.03 -28.25
CA PHE C 243 -8.12 -14.63 -28.68
C PHE C 243 -8.69 -14.47 -30.10
N GLU C 244 -9.26 -15.55 -30.63
CA GLU C 244 -9.80 -15.55 -32.01
C GLU C 244 -10.73 -14.37 -32.22
N GLY C 245 -10.46 -13.59 -33.27
CA GLY C 245 -11.23 -12.38 -33.55
C GLY C 245 -11.07 -11.26 -32.55
N ARG C 246 -10.09 -11.34 -31.64
CA ARG C 246 -9.84 -10.21 -30.73
C ARG C 246 -8.41 -9.68 -30.88
N VAL C 247 -7.46 -10.59 -31.08
CA VAL C 247 -6.08 -10.21 -31.33
C VAL C 247 -5.57 -11.09 -32.44
N CYS C 248 -5.06 -10.48 -33.52
CA CYS C 248 -4.63 -11.26 -34.68
C CYS C 248 -3.17 -10.99 -35.06
N VAL C 249 -2.59 -11.89 -35.83
CA VAL C 249 -1.25 -11.67 -36.38
C VAL C 249 -1.29 -10.59 -37.46
N ALA C 250 -0.47 -9.57 -37.27
CA ALA C 250 -0.43 -8.42 -38.18
C ALA C 250 0.85 -8.36 -39.04
N ALA C 251 1.90 -9.03 -38.59
CA ALA C 251 3.17 -9.04 -39.32
C ALA C 251 4.00 -10.23 -38.90
N VAL C 252 4.66 -10.84 -39.88
CA VAL C 252 5.65 -11.86 -39.63
C VAL C 252 6.99 -11.34 -40.16
N ASN C 253 7.85 -10.94 -39.24
CA ASN C 253 9.08 -10.20 -39.55
C ASN C 253 10.31 -11.09 -39.59
N GLY C 254 10.27 -12.18 -38.85
CA GLY C 254 11.38 -13.11 -38.82
C GLY C 254 11.10 -14.21 -37.84
N PRO C 255 12.10 -15.04 -37.57
CA PRO C 255 11.85 -16.20 -36.67
C PRO C 255 11.72 -15.79 -35.22
N ALA C 256 12.04 -14.53 -34.91
CA ALA C 256 11.90 -14.02 -33.55
C ALA C 256 11.28 -12.62 -33.52
N SER C 257 10.38 -12.36 -34.46
CA SER C 257 9.62 -11.09 -34.45
C SER C 257 8.30 -11.23 -35.20
N VAL C 258 7.21 -11.17 -34.45
CA VAL C 258 5.88 -11.26 -34.99
C VAL C 258 5.06 -10.17 -34.30
N THR C 259 4.25 -9.48 -35.07
CA THR C 259 3.44 -8.36 -34.51
C THR C 259 1.99 -8.76 -34.51
N VAL C 260 1.28 -8.43 -33.43
CA VAL C 260 -0.15 -8.68 -33.32
C VAL C 260 -0.91 -7.37 -33.11
N SER C 261 -2.23 -7.42 -33.29
CA SER C 261 -3.03 -6.21 -33.38
C SER C 261 -4.44 -6.47 -32.86
N GLY C 262 -4.99 -5.48 -32.17
CA GLY C 262 -6.40 -5.53 -31.76
C GLY C 262 -6.75 -4.41 -30.80
N GLU C 263 -7.94 -4.51 -30.22
CA GLU C 263 -8.38 -3.50 -29.25
C GLU C 263 -7.44 -3.52 -28.04
N ASP C 264 -7.30 -2.35 -27.40
CA ASP C 264 -6.34 -2.16 -26.34
C ASP C 264 -6.48 -3.22 -25.22
N GLY C 265 -7.70 -3.41 -24.76
CA GLY C 265 -7.95 -4.33 -23.66
C GLY C 265 -7.57 -5.74 -24.02
N ALA C 266 -7.94 -6.17 -25.22
CA ALA C 266 -7.63 -7.49 -25.67
C ALA C 266 -6.10 -7.70 -25.77
N VAL C 267 -5.40 -6.67 -26.24
CA VAL C 267 -3.98 -6.74 -26.37
C VAL C 267 -3.33 -6.79 -24.98
N ARG C 268 -3.88 -6.03 -24.04
CA ARG C 268 -3.43 -6.09 -22.63
C ARG C 268 -3.56 -7.50 -22.03
N GLU C 269 -4.66 -8.18 -22.36
CA GLU C 269 -4.87 -9.55 -21.92
C GLU C 269 -3.85 -10.49 -22.52
N PHE C 270 -3.53 -10.29 -23.78
CA PHE C 270 -2.51 -11.10 -24.42
C PHE C 270 -1.13 -10.83 -23.83
N GLU C 271 -0.83 -9.59 -23.49
CA GLU C 271 0.45 -9.25 -22.86
C GLU C 271 0.64 -10.02 -21.54
N ARG C 272 -0.44 -10.23 -20.81
CA ARG C 272 -0.37 -11.04 -19.55
C ARG C 272 -0.03 -12.50 -19.82
N VAL C 273 -0.57 -13.02 -20.91
CA VAL C 273 -0.21 -14.35 -21.39
C VAL C 273 1.28 -14.44 -21.74
N LEU C 274 1.77 -13.41 -22.42
CA LEU C 274 3.17 -13.40 -22.79
C LEU C 274 4.06 -13.24 -21.57
N SER C 275 3.69 -12.31 -20.71
CA SER C 275 4.45 -12.03 -19.51
C SER C 275 4.67 -13.28 -18.66
N ALA C 276 3.64 -14.11 -18.54
CA ALA C 276 3.70 -15.28 -17.66
C ALA C 276 4.66 -16.32 -18.26
N ARG C 277 4.84 -16.23 -19.57
CA ARG C 277 5.73 -17.13 -20.28
C ARG C 277 7.10 -16.51 -20.53
N ARG C 278 7.39 -15.42 -19.82
CA ARG C 278 8.66 -14.72 -19.90
C ARG C 278 9.02 -14.37 -21.34
N MET C 279 8.06 -13.87 -22.11
CA MET C 279 8.36 -13.51 -23.46
C MET C 279 8.50 -12.01 -23.59
N LEU C 280 9.39 -11.61 -24.47
CA LEU C 280 9.65 -10.20 -24.68
C LEU C 280 8.67 -9.64 -25.68
N ARG C 281 8.22 -8.42 -25.45
CA ARG C 281 7.23 -7.79 -26.32
C ARG C 281 7.17 -6.31 -26.01
N TRP C 282 6.65 -5.51 -26.94
CA TRP C 282 6.47 -4.08 -26.73
C TRP C 282 5.39 -3.54 -27.64
N ARG C 283 4.66 -2.54 -27.18
CA ARG C 283 3.75 -1.81 -28.02
C ARG C 283 4.58 -1.02 -29.05
N LEU C 284 4.02 -0.85 -30.24
CA LEU C 284 4.64 0.00 -31.26
C LEU C 284 4.41 1.45 -30.92
N PRO C 285 5.50 2.20 -30.76
CA PRO C 285 5.40 3.66 -30.56
C PRO C 285 4.71 4.34 -31.74
N GLY C 286 3.86 5.33 -31.46
CA GLY C 286 3.22 6.13 -32.53
C GLY C 286 1.98 5.47 -33.13
N VAL C 287 1.59 4.32 -32.56
CA VAL C 287 0.48 3.54 -33.11
C VAL C 287 -0.62 3.43 -32.08
N ASP C 288 -1.80 3.95 -32.43
CA ASP C 288 -2.96 3.93 -31.52
C ASP C 288 -4.14 3.30 -32.20
N PHE C 289 -3.85 2.37 -33.12
CA PHE C 289 -4.89 1.73 -33.90
C PHE C 289 -4.48 0.30 -34.21
N ALA C 290 -5.46 -0.51 -34.56
CA ALA C 290 -5.25 -1.94 -34.85
C ALA C 290 -5.04 -2.14 -36.35
N GLY C 291 -3.85 -1.80 -36.83
CA GLY C 291 -3.46 -2.09 -38.21
C GLY C 291 -3.55 -3.58 -38.57
N HIS C 292 -3.83 -3.86 -39.83
CA HIS C 292 -3.80 -5.22 -40.35
C HIS C 292 -4.78 -6.11 -39.58
N SER C 293 -5.94 -5.56 -39.27
CA SER C 293 -6.99 -6.27 -38.54
C SER C 293 -8.32 -6.10 -39.22
N PRO C 294 -9.34 -6.84 -38.76
CA PRO C 294 -10.69 -6.66 -39.33
C PRO C 294 -11.27 -5.26 -39.08
N GLN C 295 -10.72 -4.49 -38.14
CA GLN C 295 -11.13 -3.09 -37.95
C GLN C 295 -10.92 -2.27 -39.23
N VAL C 296 -10.01 -2.72 -40.08
CA VAL C 296 -9.66 -2.00 -41.31
C VAL C 296 -10.74 -2.19 -42.42
N ASP C 297 -11.54 -3.26 -42.30
CA ASP C 297 -12.62 -3.53 -43.29
C ASP C 297 -13.54 -2.32 -43.52
N ALA C 298 -13.87 -1.64 -42.42
CA ALA C 298 -14.77 -0.51 -42.45
C ALA C 298 -14.23 0.68 -43.24
N LEU C 299 -12.90 0.72 -43.45
CA LEU C 299 -12.28 1.85 -44.15
C LEU C 299 -12.23 1.63 -45.67
N ARG C 300 -12.47 0.41 -46.12
CA ARG C 300 -12.19 0.04 -47.48
C ARG C 300 -12.87 0.96 -48.49
N ALA C 301 -14.17 1.16 -48.32
CA ALA C 301 -14.95 1.96 -49.28
C ALA C 301 -14.41 3.39 -49.38
N GLU C 302 -14.21 4.06 -48.24
CA GLU C 302 -13.73 5.45 -48.25
C GLU C 302 -12.28 5.54 -48.79
N LEU C 303 -11.45 4.57 -48.46
CA LEU C 303 -10.05 4.61 -48.94
C LEU C 303 -10.00 4.44 -50.47
N LEU C 304 -10.75 3.47 -51.00
CA LEU C 304 -10.79 3.24 -52.47
C LEU C 304 -11.28 4.48 -53.20
N ALA C 305 -12.23 5.17 -52.61
CA ALA C 305 -12.75 6.41 -53.19
C ALA C 305 -11.75 7.55 -53.07
N ALA C 306 -11.18 7.76 -51.90
CA ALA C 306 -10.24 8.85 -51.71
C ALA C 306 -9.03 8.69 -52.63
N LEU C 307 -8.50 7.49 -52.72
CA LEU C 307 -7.33 7.25 -53.54
C LEU C 307 -7.69 7.35 -55.03
N GLY C 308 -8.82 6.75 -55.40
CA GLY C 308 -9.28 6.82 -56.78
C GLY C 308 -8.34 6.07 -57.68
N ASP C 309 -8.04 6.64 -58.85
CA ASP C 309 -7.00 6.09 -59.71
C ASP C 309 -5.61 6.53 -59.20
N ILE C 310 -4.74 5.55 -59.05
CA ILE C 310 -3.36 5.82 -58.66
C ILE C 310 -2.58 5.99 -59.96
N ALA C 311 -1.79 7.05 -60.03
CA ALA C 311 -0.79 7.17 -61.08
C ALA C 311 0.44 6.34 -60.70
N SER C 312 0.61 5.22 -61.36
CA SER C 312 1.79 4.39 -61.13
C SER C 312 2.29 3.80 -62.42
N ARG C 313 3.53 3.33 -62.39
CA ARG C 313 4.11 2.68 -63.55
C ARG C 313 5.07 1.60 -63.09
N GLU C 314 5.63 0.87 -64.04
CA GLU C 314 6.56 -0.20 -63.73
C GLU C 314 7.77 0.31 -62.94
N PRO C 315 8.10 -0.36 -61.83
CA PRO C 315 9.30 0.03 -61.08
C PRO C 315 10.57 -0.19 -61.89
N GLU C 316 11.54 0.68 -61.74
CA GLU C 316 12.83 0.56 -62.43
C GLU C 316 13.72 -0.48 -61.77
N ILE C 317 13.42 -0.85 -60.52
CA ILE C 317 14.08 -1.99 -59.88
C ILE C 317 13.06 -2.83 -59.14
N PRO C 318 13.40 -4.09 -58.85
CA PRO C 318 12.42 -4.96 -58.26
C PRO C 318 11.90 -4.45 -56.93
N LEU C 319 10.56 -4.44 -56.83
CA LEU C 319 9.88 -4.07 -55.61
C LEU C 319 9.23 -5.32 -55.04
N LEU C 320 9.76 -5.80 -53.92
CA LEU C 320 9.19 -6.98 -53.26
C LEU C 320 8.11 -6.51 -52.29
N SER C 321 6.86 -6.82 -52.61
CA SER C 321 5.75 -6.39 -51.77
C SER C 321 5.68 -7.21 -50.50
N THR C 322 5.35 -6.56 -49.39
CA THR C 322 5.05 -7.25 -48.18
C THR C 322 3.56 -7.53 -48.02
N VAL C 323 2.76 -7.21 -49.05
CA VAL C 323 1.40 -7.71 -49.10
C VAL C 323 1.40 -9.20 -49.49
N THR C 324 2.25 -9.53 -50.46
CA THR C 324 2.26 -10.87 -51.04
C THR C 324 3.51 -11.66 -50.67
N GLY C 325 4.59 -10.95 -50.36
CA GLY C 325 5.91 -11.55 -50.25
C GLY C 325 6.55 -11.85 -51.62
N GLU C 326 5.98 -11.28 -52.68
CA GLU C 326 6.46 -11.50 -54.04
C GLU C 326 6.65 -10.17 -54.79
N PRO C 327 7.29 -10.19 -55.95
CA PRO C 327 7.39 -8.95 -56.71
C PRO C 327 6.02 -8.31 -56.93
N ALA C 328 5.95 -7.00 -56.76
CA ALA C 328 4.67 -6.30 -56.74
C ALA C 328 4.05 -6.37 -58.10
N THR C 329 2.73 -6.42 -58.14
CA THR C 329 2.01 -6.31 -59.39
C THR C 329 1.42 -4.88 -59.52
N ARG C 330 0.12 -4.78 -59.68
CA ARG C 330 -0.49 -3.49 -59.93
C ARG C 330 -0.52 -2.70 -58.62
N LEU C 331 -0.05 -1.46 -58.62
CA LEU C 331 -0.12 -0.62 -57.41
C LEU C 331 -1.34 0.30 -57.42
N ASP C 332 -2.52 -0.30 -57.53
CA ASP C 332 -3.76 0.44 -57.57
C ASP C 332 -4.31 0.66 -56.16
N ALA C 333 -5.47 1.30 -56.06
CA ALA C 333 -6.01 1.64 -54.76
C ALA C 333 -6.21 0.39 -53.92
N GLU C 334 -6.61 -0.70 -54.57
CA GLU C 334 -6.89 -1.94 -53.86
C GLU C 334 -5.58 -2.48 -53.22
N HIS C 335 -4.46 -2.34 -53.92
CA HIS C 335 -3.16 -2.72 -53.36
C HIS C 335 -2.89 -1.93 -52.08
N TRP C 336 -3.11 -0.62 -52.13
CA TRP C 336 -2.86 0.22 -50.98
C TRP C 336 -3.84 -0.01 -49.83
N TYR C 337 -5.04 -0.49 -50.14
CA TYR C 337 -5.91 -1.01 -49.12
C TYR C 337 -5.33 -2.27 -48.48
N ARG C 338 -4.94 -3.23 -49.30
CA ARG C 338 -4.42 -4.49 -48.78
C ARG C 338 -3.10 -4.31 -47.98
N ASN C 339 -2.36 -3.28 -48.32
CA ASN C 339 -1.13 -2.89 -47.64
C ASN C 339 -1.44 -2.54 -46.16
N LEU C 340 -2.65 -2.06 -45.88
CA LEU C 340 -3.10 -1.76 -44.53
C LEU C 340 -3.91 -2.90 -43.90
N ARG C 341 -4.65 -3.66 -44.69
CA ARG C 341 -5.55 -4.69 -44.14
C ARG C 341 -4.79 -6.00 -43.87
N GLU C 342 -3.98 -6.41 -44.85
CA GLU C 342 -3.41 -7.76 -44.84
C GLU C 342 -2.15 -7.79 -43.98
N PRO C 343 -1.87 -8.95 -43.38
CA PRO C 343 -0.64 -9.06 -42.58
C PRO C 343 0.64 -8.78 -43.39
N VAL C 344 1.65 -8.25 -42.73
CA VAL C 344 2.86 -7.88 -43.40
C VAL C 344 3.77 -9.10 -43.56
N ARG C 345 4.07 -9.46 -44.79
CA ARG C 345 4.87 -10.64 -45.05
C ARG C 345 6.35 -10.23 -45.26
N PHE C 346 6.91 -9.62 -44.22
CA PHE C 346 8.25 -9.07 -44.31
C PHE C 346 9.32 -10.18 -44.41
N ALA C 347 9.20 -11.21 -43.58
CA ALA C 347 10.16 -12.32 -43.63
C ALA C 347 10.16 -12.98 -45.00
N ASP C 348 8.98 -13.16 -45.56
CA ASP C 348 8.84 -13.79 -46.86
C ASP C 348 9.54 -12.98 -47.94
N ALA C 349 9.34 -11.67 -47.91
CA ALA C 349 9.96 -10.80 -48.91
C ALA C 349 11.49 -10.82 -48.81
N VAL C 350 12.01 -10.77 -47.60
CA VAL C 350 13.44 -10.77 -47.37
C VAL C 350 14.09 -12.11 -47.80
N THR C 351 13.40 -13.20 -47.53
CA THR C 351 13.84 -14.55 -47.92
C THR C 351 13.87 -14.72 -49.44
N ALA C 352 12.87 -14.15 -50.12
CA ALA C 352 12.86 -14.15 -51.56
C ALA C 352 14.10 -13.43 -52.12
N LEU C 353 14.49 -12.32 -51.49
CA LEU C 353 15.68 -11.58 -51.93
C LEU C 353 16.99 -12.31 -51.60
N LEU C 354 17.05 -12.93 -50.43
CA LEU C 354 18.24 -13.71 -50.05
C LEU C 354 18.43 -14.85 -51.06
N ASP C 355 17.34 -15.39 -51.54
CA ASP C 355 17.40 -16.54 -52.46
C ASP C 355 17.73 -16.09 -53.88
N ARG C 356 17.75 -14.78 -54.11
CA ARG C 356 18.15 -14.22 -55.37
C ARG C 356 19.45 -13.41 -55.27
N GLY C 357 20.30 -13.76 -54.32
CA GLY C 357 21.68 -13.28 -54.32
C GLY C 357 21.84 -11.91 -53.70
N HIS C 358 20.84 -11.46 -52.90
CA HIS C 358 20.98 -10.18 -52.17
C HIS C 358 21.66 -10.42 -50.82
N ARG C 359 22.69 -9.64 -50.54
CA ARG C 359 23.50 -9.86 -49.36
C ARG C 359 23.77 -8.58 -48.56
N VAL C 360 23.27 -7.46 -49.05
CA VAL C 360 23.48 -6.17 -48.37
C VAL C 360 22.10 -5.56 -48.14
N PHE C 361 21.78 -5.31 -46.87
CA PHE C 361 20.45 -4.80 -46.49
C PHE C 361 20.62 -3.52 -45.67
N VAL C 362 20.11 -2.41 -46.21
CA VAL C 362 20.22 -1.12 -45.57
C VAL C 362 18.82 -0.69 -45.12
N GLU C 363 18.63 -0.62 -43.82
CA GLU C 363 17.35 -0.13 -43.28
C GLU C 363 17.39 1.37 -43.22
N VAL C 364 16.50 1.98 -43.98
CA VAL C 364 16.49 3.40 -44.21
C VAL C 364 15.54 4.03 -43.19
N SER C 365 16.00 4.11 -41.95
CA SER C 365 15.11 4.40 -40.84
C SER C 365 15.77 5.27 -39.79
N PRO C 366 14.95 5.93 -38.93
CA PRO C 366 15.47 6.71 -37.81
C PRO C 366 16.09 5.87 -36.71
N HIS C 367 15.69 4.62 -36.63
CA HIS C 367 16.18 3.68 -35.62
C HIS C 367 15.89 2.26 -36.11
N PRO C 368 16.83 1.34 -35.86
CA PRO C 368 16.71 0.05 -36.57
C PRO C 368 15.68 -0.83 -35.90
N VAL C 369 14.68 -1.22 -36.65
CA VAL C 369 13.59 -2.01 -36.09
C VAL C 369 13.43 -3.37 -36.76
N LEU C 370 13.99 -3.52 -37.94
CA LEU C 370 13.89 -4.78 -38.67
C LEU C 370 15.27 -5.45 -38.93
N THR C 371 16.34 -4.80 -38.52
CA THR C 371 17.71 -5.30 -38.81
C THR C 371 17.93 -6.66 -38.16
N THR C 372 17.50 -6.84 -36.92
CA THR C 372 17.78 -8.11 -36.26
C THR C 372 17.03 -9.27 -36.94
N SER C 373 15.85 -8.98 -37.49
CA SER C 373 15.12 -10.00 -38.24
C SER C 373 15.82 -10.31 -39.57
N VAL C 374 16.35 -9.29 -40.25
CA VAL C 374 17.08 -9.54 -41.50
C VAL C 374 18.32 -10.41 -41.20
N VAL C 375 19.01 -10.10 -40.11
CA VAL C 375 20.18 -10.85 -39.69
C VAL C 375 19.83 -12.30 -39.42
N ASP C 376 18.72 -12.53 -38.72
CA ASP C 376 18.25 -13.91 -38.37
C ASP C 376 17.93 -14.70 -39.64
N LEU C 377 17.31 -14.04 -40.60
CA LEU C 377 16.88 -14.67 -41.83
C LEU C 377 18.05 -14.97 -42.74
N ALA C 378 19.08 -14.12 -42.68
CA ALA C 378 20.18 -14.17 -43.60
C ALA C 378 21.16 -15.32 -43.26
N ALA C 379 21.17 -15.75 -41.99
CA ALA C 379 22.14 -16.77 -41.56
C ALA C 379 21.93 -18.06 -42.40
N PRO C 380 23.01 -18.65 -42.90
CA PRO C 380 24.36 -18.36 -42.45
C PRO C 380 25.19 -17.63 -43.51
N HIS C 381 24.52 -16.91 -44.42
CA HIS C 381 25.20 -16.20 -45.50
C HIS C 381 26.01 -15.06 -44.97
N ARG C 382 27.09 -14.72 -45.70
CA ARG C 382 27.89 -13.53 -45.36
C ARG C 382 27.11 -12.31 -45.85
N THR C 383 26.62 -11.51 -44.91
CA THR C 383 25.70 -10.42 -45.27
C THR C 383 26.05 -9.21 -44.42
N ALA C 384 25.83 -8.04 -45.00
CA ALA C 384 26.02 -6.78 -44.29
C ALA C 384 24.64 -6.19 -44.05
N VAL C 385 24.29 -5.99 -42.78
CA VAL C 385 22.96 -5.47 -42.45
C VAL C 385 23.14 -4.26 -41.56
N VAL C 386 22.72 -3.10 -42.05
CA VAL C 386 22.88 -1.88 -41.30
C VAL C 386 21.58 -1.09 -41.25
N GLY C 387 21.46 -0.20 -40.28
CA GLY C 387 20.42 0.83 -40.30
C GLY C 387 21.02 2.13 -40.75
N THR C 388 20.40 3.25 -40.35
CA THR C 388 20.82 4.55 -40.82
C THR C 388 21.06 5.48 -39.63
N LEU C 389 19.99 5.88 -38.95
CA LEU C 389 20.12 6.61 -37.68
C LEU C 389 19.74 5.76 -36.48
N ARG C 390 19.92 6.32 -35.28
CA ARG C 390 19.39 5.73 -34.06
C ARG C 390 18.66 6.78 -33.23
N ARG C 391 17.81 6.31 -32.33
CA ARG C 391 17.16 7.16 -31.31
C ARG C 391 18.17 8.12 -30.69
N ASP C 392 17.87 9.41 -30.73
CA ASP C 392 18.72 10.45 -30.15
C ASP C 392 20.06 10.60 -30.85
N GLU C 393 20.21 9.99 -32.02
CA GLU C 393 21.44 10.13 -32.79
C GLU C 393 21.12 10.43 -34.23
N GLY C 394 20.87 11.70 -34.51
CA GLY C 394 20.37 12.13 -35.81
C GLY C 394 21.37 12.97 -36.57
N GLY C 395 22.62 12.94 -36.15
CA GLY C 395 23.67 13.70 -36.81
C GLY C 395 24.24 13.06 -38.07
N LEU C 396 24.97 13.84 -38.85
CA LEU C 396 25.77 13.33 -39.97
C LEU C 396 26.78 12.28 -39.48
N ASP C 397 27.25 12.42 -38.25
CA ASP C 397 28.17 11.45 -37.66
C ASP C 397 27.56 10.04 -37.58
N ARG C 398 26.28 9.95 -37.21
CA ARG C 398 25.60 8.68 -37.13
C ARG C 398 25.39 8.14 -38.49
N PHE C 399 25.03 9.00 -39.44
CA PHE C 399 24.87 8.52 -40.82
C PHE C 399 26.19 7.92 -41.32
N LEU C 400 27.29 8.65 -41.10
CA LEU C 400 28.60 8.20 -41.57
C LEU C 400 29.04 6.90 -40.90
N LEU C 401 28.69 6.71 -39.64
CA LEU C 401 29.02 5.46 -38.97
C LEU C 401 28.25 4.30 -39.62
N SER C 402 27.01 4.54 -40.04
CA SER C 402 26.26 3.50 -40.75
C SER C 402 26.90 3.19 -42.13
N ALA C 403 27.37 4.23 -42.80
CA ALA C 403 28.05 4.04 -44.06
C ALA C 403 29.35 3.25 -43.80
N ALA C 404 30.00 3.53 -42.68
CA ALA C 404 31.25 2.84 -42.32
C ALA C 404 30.98 1.37 -42.04
N GLU C 405 29.82 1.06 -41.47
CA GLU C 405 29.47 -0.31 -41.19
C GLU C 405 29.35 -1.13 -42.46
N LEU C 406 29.00 -0.49 -43.57
CA LEU C 406 29.04 -1.14 -44.86
C LEU C 406 30.46 -1.29 -45.37
N HIS C 407 31.22 -0.19 -45.33
CA HIS C 407 32.61 -0.20 -45.79
C HIS C 407 33.43 -1.33 -45.16
N VAL C 408 33.30 -1.50 -43.86
CA VAL C 408 34.15 -2.49 -43.17
C VAL C 408 33.80 -3.94 -43.52
N ARG C 409 32.64 -4.16 -44.16
CA ARG C 409 32.24 -5.46 -44.64
C ARG C 409 32.55 -5.63 -46.12
N GLY C 410 33.24 -4.64 -46.70
CA GLY C 410 33.67 -4.75 -48.08
C GLY C 410 32.67 -4.24 -49.12
N VAL C 411 31.63 -3.57 -48.64
CA VAL C 411 30.61 -3.06 -49.52
C VAL C 411 31.09 -1.70 -50.03
N PRO C 412 30.98 -1.46 -51.37
CA PRO C 412 31.33 -0.16 -51.93
C PRO C 412 30.46 0.97 -51.37
N VAL C 413 31.09 1.98 -50.81
CA VAL C 413 30.41 3.18 -50.37
C VAL C 413 31.42 4.31 -50.41
N ASP C 414 30.95 5.48 -50.83
CA ASP C 414 31.85 6.61 -51.07
C ASP C 414 32.05 7.41 -49.78
N LEU C 415 32.80 6.84 -48.83
CA LEU C 415 33.11 7.53 -47.59
C LEU C 415 33.93 8.78 -47.90
N ALA C 416 34.72 8.72 -48.99
CA ALA C 416 35.63 9.81 -49.31
C ALA C 416 34.86 11.11 -49.60
N ARG C 417 33.59 10.98 -50.00
CA ARG C 417 32.76 12.16 -50.23
C ARG C 417 32.72 13.04 -49.00
N HIS C 418 32.81 12.44 -47.81
CA HIS C 418 32.71 13.18 -46.57
C HIS C 418 34.00 13.13 -45.74
N ALA C 419 35.13 12.83 -46.38
CA ALA C 419 36.39 12.64 -45.65
C ALA C 419 37.24 13.92 -45.60
N GLY C 420 36.77 14.98 -46.25
CA GLY C 420 37.49 16.28 -46.23
C GLY C 420 38.59 16.41 -47.26
N ALA C 421 39.54 17.31 -46.97
CA ALA C 421 40.54 17.73 -47.97
C ALA C 421 41.98 17.56 -47.45
N GLY C 422 42.16 16.62 -46.53
CA GLY C 422 43.45 16.41 -45.92
C GLY C 422 44.52 15.89 -46.86
N THR C 423 45.76 16.33 -46.64
CA THR C 423 46.89 15.78 -47.39
C THR C 423 47.97 15.17 -46.48
N ALA C 424 47.71 15.09 -45.19
CA ALA C 424 48.73 14.60 -44.25
C ALA C 424 48.93 13.11 -44.41
N GLU C 425 50.16 12.68 -44.66
CA GLU C 425 50.45 11.25 -44.88
C GLU C 425 50.90 10.62 -43.56
N VAL C 426 50.70 9.32 -43.41
CA VAL C 426 51.22 8.58 -42.26
C VAL C 426 52.31 7.58 -42.70
N VAL D 8 -37.11 -12.18 57.26
CA VAL D 8 -36.64 -11.10 56.31
C VAL D 8 -36.73 -11.60 54.86
N PRO D 9 -37.58 -10.96 54.04
CA PRO D 9 -37.69 -11.45 52.66
C PRO D 9 -36.40 -11.25 51.84
N VAL D 10 -36.20 -12.13 50.87
CA VAL D 10 -35.00 -12.13 50.04
C VAL D 10 -35.31 -11.47 48.67
N PRO D 11 -34.41 -10.64 48.19
CA PRO D 11 -34.70 -9.89 46.97
C PRO D 11 -34.59 -10.79 45.77
N VAL D 12 -35.49 -10.63 44.80
CA VAL D 12 -35.40 -11.36 43.55
C VAL D 12 -35.48 -10.41 42.35
N PRO D 13 -34.87 -10.78 41.24
CA PRO D 13 -34.96 -9.93 40.05
C PRO D 13 -36.21 -10.27 39.26
N VAL D 14 -37.07 -9.28 39.10
CA VAL D 14 -38.32 -9.46 38.36
C VAL D 14 -38.18 -8.79 36.98
N ALA D 15 -38.12 -9.62 35.95
CA ALA D 15 -37.79 -9.17 34.60
C ALA D 15 -39.01 -8.96 33.71
N VAL D 16 -38.96 -7.91 32.92
CA VAL D 16 -40.02 -7.52 31.99
C VAL D 16 -39.31 -7.04 30.72
N SER D 17 -39.87 -7.32 29.55
CA SER D 17 -39.26 -6.78 28.34
C SER D 17 -40.29 -6.54 27.22
N GLY D 18 -39.89 -5.74 26.24
CA GLY D 18 -40.71 -5.54 25.03
C GLY D 18 -39.86 -5.28 23.82
N ALA D 19 -40.50 -5.25 22.65
CA ALA D 19 -39.78 -4.99 21.42
C ALA D 19 -39.44 -3.50 21.30
N THR D 20 -40.15 -2.68 22.06
CA THR D 20 -39.95 -1.23 22.05
C THR D 20 -40.08 -0.75 23.48
N THR D 21 -39.68 0.49 23.72
CA THR D 21 -39.82 1.08 25.04
C THR D 21 -41.25 1.24 25.45
N ALA D 22 -42.12 1.61 24.52
CA ALA D 22 -43.51 1.69 24.86
C ALA D 22 -44.10 0.31 25.18
N GLY D 23 -43.62 -0.73 24.51
CA GLY D 23 -44.08 -2.07 24.79
C GLY D 23 -43.60 -2.53 26.19
N LEU D 24 -42.36 -2.19 26.50
CA LEU D 24 -41.77 -2.49 27.81
C LEU D 24 -42.58 -1.86 28.93
N ARG D 25 -42.93 -0.58 28.75
CA ARG D 25 -43.73 0.12 29.76
C ARG D 25 -45.13 -0.44 29.87
N ALA D 26 -45.71 -0.84 28.75
CA ALA D 26 -47.03 -1.47 28.78
C ALA D 26 -46.99 -2.80 29.53
N GLN D 27 -45.95 -3.60 29.26
CA GLN D 27 -45.79 -4.90 29.96
C GLN D 27 -45.67 -4.67 31.47
N ALA D 28 -44.96 -3.62 31.87
CA ALA D 28 -44.85 -3.28 33.27
C ALA D 28 -46.19 -2.96 33.90
N ALA D 29 -46.98 -2.14 33.22
CA ALA D 29 -48.34 -1.83 33.67
C ALA D 29 -49.24 -3.05 33.76
N ARG D 30 -49.12 -3.95 32.79
CA ARG D 30 -49.95 -5.15 32.75
C ARG D 30 -49.61 -6.07 33.95
N LEU D 31 -48.32 -6.20 34.25
CA LEU D 31 -47.89 -7.02 35.37
C LEU D 31 -48.34 -6.39 36.71
N ALA D 32 -48.22 -5.08 36.83
CA ALA D 32 -48.66 -4.41 38.05
C ALA D 32 -50.17 -4.64 38.25
N GLY D 33 -50.95 -4.52 37.18
CA GLY D 33 -52.41 -4.77 37.24
C GLY D 33 -52.74 -6.19 37.70
N HIS D 34 -52.03 -7.15 37.13
CA HIS D 34 -52.19 -8.56 37.48
C HIS D 34 -51.88 -8.80 38.95
N LEU D 35 -50.82 -8.16 39.43
CA LEU D 35 -50.47 -8.23 40.84
C LEU D 35 -51.50 -7.61 41.74
N ARG D 36 -52.06 -6.47 41.32
CA ARG D 36 -53.03 -5.78 42.15
C ARG D 36 -54.36 -6.52 42.22
N GLU D 37 -54.64 -7.33 41.22
CA GLU D 37 -55.81 -8.23 41.25
C GLU D 37 -55.57 -9.44 42.16
N ARG D 38 -54.32 -9.73 42.51
CA ARG D 38 -53.99 -10.95 43.26
C ARG D 38 -53.12 -10.64 44.45
N PRO D 39 -53.75 -10.14 45.54
CA PRO D 39 -53.04 -9.48 46.64
C PRO D 39 -52.04 -10.38 47.37
N ALA D 40 -52.20 -11.70 47.25
CA ALA D 40 -51.29 -12.65 47.92
C ALA D 40 -49.98 -12.86 47.13
N LEU D 41 -49.93 -12.41 45.88
CA LEU D 41 -48.81 -12.71 44.99
C LEU D 41 -47.60 -11.83 45.31
N GLY D 42 -46.48 -12.45 45.66
CA GLY D 42 -45.22 -11.71 45.89
C GLY D 42 -44.24 -11.81 44.74
N PRO D 43 -43.19 -10.98 44.76
CA PRO D 43 -42.17 -11.07 43.70
C PRO D 43 -41.57 -12.47 43.59
N GLU D 44 -41.40 -13.12 44.75
CA GLU D 44 -40.76 -14.46 44.77
C GLU D 44 -41.62 -15.55 44.11
N ALA D 45 -42.92 -15.31 43.99
CA ALA D 45 -43.81 -16.22 43.34
C ALA D 45 -43.74 -16.14 41.80
N VAL D 46 -43.43 -14.96 41.26
CA VAL D 46 -43.48 -14.76 39.81
C VAL D 46 -42.13 -14.60 39.13
N ALA D 47 -41.07 -14.30 39.88
CA ALA D 47 -39.79 -13.95 39.24
C ALA D 47 -39.24 -15.07 38.34
N ARG D 48 -39.24 -16.31 38.84
CA ARG D 48 -38.59 -17.37 38.09
C ARG D 48 -39.27 -17.63 36.72
N PRO D 49 -40.60 -17.74 36.70
CA PRO D 49 -41.24 -17.97 35.38
C PRO D 49 -41.10 -16.79 34.42
N LEU D 50 -41.03 -15.57 34.96
CA LEU D 50 -40.85 -14.40 34.11
C LEU D 50 -39.51 -14.38 33.41
N LEU D 51 -38.49 -15.00 34.03
CA LEU D 51 -37.20 -15.09 33.39
C LEU D 51 -37.10 -16.29 32.48
N LEU D 52 -37.64 -17.42 32.92
CA LEU D 52 -37.38 -18.67 32.23
C LEU D 52 -38.43 -18.96 31.13
N SER D 53 -39.65 -18.42 31.29
CA SER D 53 -40.72 -18.71 30.33
C SER D 53 -41.09 -17.60 29.35
N ARG D 54 -40.41 -16.45 29.42
CA ARG D 54 -40.68 -15.33 28.48
C ARG D 54 -39.44 -14.95 27.72
N ALA D 55 -39.61 -14.64 26.43
CA ALA D 55 -38.52 -14.15 25.62
C ALA D 55 -38.01 -12.84 26.23
N GLN D 56 -36.68 -12.65 26.19
CA GLN D 56 -36.07 -11.40 26.66
C GLN D 56 -35.74 -10.51 25.46
N ARG D 57 -36.58 -9.52 25.24
CA ARG D 57 -36.63 -8.82 23.96
C ARG D 57 -35.69 -7.59 23.99
N GLU D 58 -35.88 -6.69 23.02
CA GLU D 58 -34.91 -5.66 22.72
C GLU D 58 -34.82 -4.56 23.79
N ARG D 59 -35.92 -4.32 24.49
CA ARG D 59 -35.95 -3.30 25.53
C ARG D 59 -36.33 -3.97 26.84
N ARG D 60 -35.41 -3.92 27.79
CA ARG D 60 -35.47 -4.76 28.99
C ARG D 60 -35.46 -3.93 30.26
N ALA D 61 -36.14 -4.44 31.28
CA ALA D 61 -36.08 -3.90 32.62
C ALA D 61 -36.05 -5.02 33.63
N VAL D 62 -35.49 -4.71 34.81
CA VAL D 62 -35.61 -5.58 35.95
C VAL D 62 -35.94 -4.71 37.16
N VAL D 63 -36.90 -5.15 37.96
CA VAL D 63 -37.07 -4.61 39.31
C VAL D 63 -36.56 -5.62 40.33
N VAL D 64 -35.59 -5.21 41.14
CA VAL D 64 -35.09 -6.08 42.23
C VAL D 64 -35.84 -5.76 43.49
N ALA D 65 -36.69 -6.72 43.91
CA ALA D 65 -37.61 -6.48 45.00
C ALA D 65 -37.75 -7.70 45.88
N ALA D 66 -37.88 -7.46 47.19
CA ALA D 66 -38.10 -8.54 48.15
C ALA D 66 -39.57 -8.63 48.55
N ASP D 67 -40.33 -7.57 48.33
CA ASP D 67 -41.75 -7.60 48.68
C ASP D 67 -42.64 -6.95 47.65
N ARG D 68 -43.94 -7.19 47.79
CA ARG D 68 -44.95 -6.64 46.89
C ARG D 68 -44.83 -5.15 46.66
N ASP D 69 -44.85 -4.41 47.76
CA ASP D 69 -44.93 -2.95 47.69
C ASP D 69 -43.76 -2.39 46.88
N SER D 70 -42.57 -2.92 47.14
CA SER D 70 -41.37 -2.51 46.42
C SER D 70 -41.46 -2.86 44.94
N LEU D 71 -41.95 -4.06 44.64
CA LEU D 71 -42.09 -4.47 43.23
C LEU D 71 -43.07 -3.52 42.51
N LEU D 72 -44.21 -3.25 43.15
CA LEU D 72 -45.23 -2.45 42.52
C LEU D 72 -44.77 -0.99 42.33
N THR D 73 -44.01 -0.48 43.29
CA THR D 73 -43.39 0.83 43.16
C THR D 73 -42.47 0.89 41.96
N GLY D 74 -41.67 -0.15 41.78
CA GLY D 74 -40.75 -0.20 40.68
C GLY D 74 -41.47 -0.31 39.35
N LEU D 75 -42.50 -1.16 39.31
CA LEU D 75 -43.25 -1.38 38.05
C LEU D 75 -44.01 -0.11 37.65
N ASP D 76 -44.57 0.59 38.63
CA ASP D 76 -45.29 1.84 38.35
C ASP D 76 -44.33 2.89 37.80
N ALA D 77 -43.13 2.98 38.36
CA ALA D 77 -42.10 3.90 37.87
C ALA D 77 -41.72 3.56 36.43
N LEU D 78 -41.50 2.28 36.19
CA LEU D 78 -41.13 1.82 34.87
C LEU D 78 -42.26 2.14 33.86
N ALA D 79 -43.51 1.84 34.24
CA ALA D 79 -44.67 2.06 33.35
C ALA D 79 -44.78 3.53 32.99
N GLY D 80 -44.38 4.41 33.91
CA GLY D 80 -44.53 5.85 33.71
C GLY D 80 -43.29 6.49 33.15
N GLY D 81 -42.29 5.67 32.84
CA GLY D 81 -41.03 6.17 32.30
C GLY D 81 -40.15 6.94 33.30
N GLU D 82 -40.27 6.63 34.59
CA GLU D 82 -39.43 7.26 35.61
C GLU D 82 -38.33 6.32 36.06
N ALA D 83 -37.24 6.88 36.57
CA ALA D 83 -36.19 6.10 37.17
C ALA D 83 -36.61 5.67 38.57
N GLY D 84 -36.03 4.58 39.06
CA GLY D 84 -36.34 4.07 40.38
C GLY D 84 -35.09 3.48 40.98
N PRO D 85 -34.96 3.53 42.30
CA PRO D 85 -33.73 3.06 42.95
C PRO D 85 -33.44 1.56 42.83
N ARG D 86 -34.46 0.75 42.55
CA ARG D 86 -34.25 -0.69 42.34
C ARG D 86 -34.77 -1.14 40.97
N LEU D 87 -34.65 -0.24 40.01
CA LEU D 87 -35.08 -0.46 38.63
C LEU D 87 -33.89 -0.31 37.70
N ALA D 88 -33.58 -1.35 36.93
CA ALA D 88 -32.67 -1.23 35.82
C ALA D 88 -33.42 -1.38 34.49
N SER D 89 -33.02 -0.61 33.48
CA SER D 89 -33.61 -0.77 32.13
C SER D 89 -32.65 -0.29 31.08
N GLY D 90 -32.79 -0.84 29.88
CA GLY D 90 -31.85 -0.58 28.85
C GLY D 90 -32.23 -1.20 27.53
N ALA D 91 -31.38 -0.94 26.55
CA ALA D 91 -31.44 -1.57 25.25
C ALA D 91 -30.53 -2.77 25.24
N ALA D 92 -31.07 -3.90 24.82
CA ALA D 92 -30.32 -5.12 24.79
C ALA D 92 -29.49 -5.21 23.53
N ASP D 93 -28.43 -4.42 23.45
CA ASP D 93 -27.71 -4.26 22.20
C ASP D 93 -26.18 -4.46 22.31
N VAL D 94 -25.71 -5.00 23.44
CA VAL D 94 -24.26 -5.15 23.66
C VAL D 94 -23.80 -6.56 23.35
N THR D 95 -22.80 -6.67 22.50
CA THR D 95 -22.05 -7.89 22.33
C THR D 95 -20.57 -7.60 22.42
N GLY D 96 -19.79 -8.59 22.77
CA GLY D 96 -18.36 -8.42 22.88
C GLY D 96 -17.83 -8.98 24.18
N ARG D 97 -16.53 -8.93 24.32
CA ARG D 97 -15.85 -9.63 25.39
C ARG D 97 -15.91 -8.86 26.71
N VAL D 98 -15.66 -9.56 27.81
CA VAL D 98 -15.94 -9.09 29.16
C VAL D 98 -14.64 -8.80 29.90
N VAL D 99 -14.59 -7.64 30.53
CA VAL D 99 -13.48 -7.23 31.35
C VAL D 99 -13.94 -7.03 32.81
N LEU D 100 -13.22 -7.61 33.77
CA LEU D 100 -13.37 -7.20 35.15
C LEU D 100 -12.31 -6.15 35.49
N VAL D 101 -12.78 -5.05 36.05
CA VAL D 101 -11.95 -3.94 36.45
C VAL D 101 -11.87 -3.92 37.99
N PHE D 102 -10.66 -3.87 38.50
CA PHE D 102 -10.42 -3.88 39.93
C PHE D 102 -9.91 -2.50 40.33
N PRO D 103 -10.62 -1.85 41.24
CA PRO D 103 -10.25 -0.53 41.68
C PRO D 103 -8.98 -0.54 42.48
N GLY D 104 -8.42 0.62 42.69
CA GLY D 104 -7.35 0.78 43.67
C GLY D 104 -7.94 1.38 44.92
N GLN D 105 -7.60 2.64 45.17
CA GLN D 105 -8.06 3.34 46.35
C GLN D 105 -9.37 4.02 46.10
N GLY D 106 -10.04 4.35 47.21
CA GLY D 106 -11.09 5.34 47.19
C GLY D 106 -12.49 4.79 47.06
N ALA D 107 -12.63 3.47 47.02
CA ALA D 107 -13.94 2.89 46.77
C ALA D 107 -14.53 2.31 48.03
N HIS D 108 -13.69 1.95 48.99
CA HIS D 108 -14.14 1.15 50.11
C HIS D 108 -14.94 2.02 51.04
N TRP D 109 -15.90 1.44 51.74
CA TRP D 109 -16.66 2.21 52.74
C TRP D 109 -16.90 1.34 53.96
N THR D 110 -16.87 1.94 55.15
CA THR D 110 -16.83 1.17 56.38
C THR D 110 -18.13 0.39 56.57
N GLY D 111 -18.02 -0.92 56.78
CA GLY D 111 -19.20 -1.78 56.89
C GLY D 111 -19.46 -2.64 55.66
N VAL D 112 -18.89 -2.26 54.53
CA VAL D 112 -19.09 -3.05 53.31
C VAL D 112 -18.59 -4.48 53.50
N ALA D 113 -19.35 -5.41 52.93
CA ALA D 113 -19.08 -6.84 52.93
C ALA D 113 -19.72 -7.61 54.08
N GLU D 114 -20.09 -6.93 55.15
CA GLU D 114 -20.68 -7.63 56.30
C GLU D 114 -22.06 -8.16 55.93
N ARG D 115 -22.89 -7.29 55.36
CA ARG D 115 -24.25 -7.68 54.96
C ARG D 115 -24.20 -8.75 53.89
N LEU D 116 -23.32 -8.58 52.92
CA LEU D 116 -23.22 -9.54 51.82
C LEU D 116 -22.70 -10.90 52.27
N TRP D 117 -21.80 -10.90 53.25
CA TRP D 117 -21.35 -12.15 53.92
C TRP D 117 -22.57 -12.93 54.45
N ARG D 118 -23.50 -12.22 55.07
CA ARG D 118 -24.72 -12.82 55.61
C ARG D 118 -25.67 -13.32 54.53
N GLU D 119 -25.67 -12.67 53.36
CA GLU D 119 -26.74 -12.85 52.41
C GLU D 119 -26.37 -13.70 51.20
N ALA D 120 -25.07 -13.85 50.93
CA ALA D 120 -24.63 -14.54 49.72
C ALA D 120 -23.57 -15.56 50.02
N PRO D 121 -23.95 -16.86 50.03
CA PRO D 121 -23.01 -17.89 50.42
C PRO D 121 -21.73 -17.99 49.62
N VAL D 122 -21.79 -17.71 48.32
CA VAL D 122 -20.60 -17.78 47.51
C VAL D 122 -19.59 -16.68 47.96
N PHE D 123 -20.11 -15.49 48.24
CA PHE D 123 -19.31 -14.38 48.75
C PHE D 123 -18.76 -14.67 50.17
N ALA D 124 -19.61 -15.24 51.01
CA ALA D 124 -19.21 -15.71 52.34
C ALA D 124 -18.05 -16.70 52.26
N ASP D 125 -18.15 -17.67 51.37
CA ASP D 125 -17.11 -18.67 51.28
C ASP D 125 -15.77 -18.04 50.88
N SER D 126 -15.80 -17.20 49.86
CA SER D 126 -14.60 -16.55 49.40
C SER D 126 -14.01 -15.68 50.51
N MET D 127 -14.85 -14.95 51.21
CA MET D 127 -14.39 -14.10 52.30
C MET D 127 -13.75 -14.91 53.44
N ALA D 128 -14.31 -16.08 53.74
CA ALA D 128 -13.73 -16.96 54.76
C ALA D 128 -12.38 -17.53 54.34
N ARG D 129 -12.25 -17.88 53.06
CA ARG D 129 -10.99 -18.26 52.49
C ARG D 129 -9.95 -17.11 52.62
N CYS D 130 -10.39 -15.88 52.35
CA CYS D 130 -9.51 -14.71 52.52
C CYS D 130 -9.13 -14.55 54.00
N ALA D 131 -10.11 -14.73 54.89
CA ALA D 131 -9.87 -14.58 56.33
C ALA D 131 -8.77 -15.55 56.80
N ASP D 132 -8.80 -16.76 56.28
CA ASP D 132 -7.74 -17.77 56.61
C ASP D 132 -6.34 -17.25 56.23
N VAL D 133 -6.22 -16.75 55.01
CA VAL D 133 -4.94 -16.32 54.52
C VAL D 133 -4.48 -15.07 55.28
N LEU D 134 -5.39 -14.16 55.56
CA LEU D 134 -5.02 -12.93 56.24
C LEU D 134 -4.75 -13.15 57.75
N ARG D 135 -5.39 -14.13 58.35
CA ARG D 135 -5.15 -14.47 59.74
C ARG D 135 -3.67 -14.84 59.96
N ASP D 136 -3.17 -15.67 59.06
CA ASP D 136 -1.78 -16.11 59.06
C ASP D 136 -0.83 -14.92 58.89
N LEU D 137 -1.12 -14.07 57.90
CA LEU D 137 -0.20 -13.02 57.44
C LEU D 137 -0.20 -11.81 58.35
N ALA D 138 -1.41 -11.36 58.68
CA ALA D 138 -1.59 -10.03 59.28
C ALA D 138 -1.95 -10.12 60.76
N GLY D 139 -2.48 -11.28 61.16
CA GLY D 139 -2.80 -11.53 62.54
C GLY D 139 -3.96 -10.73 63.06
N TRP D 140 -4.91 -10.41 62.19
CA TRP D 140 -6.22 -9.98 62.63
C TRP D 140 -7.32 -10.77 61.91
N GLU D 141 -8.54 -10.60 62.36
CA GLU D 141 -9.69 -11.38 61.87
C GLU D 141 -10.53 -10.51 60.91
N LEU D 142 -10.54 -10.91 59.65
CA LEU D 142 -11.14 -10.10 58.56
C LEU D 142 -12.53 -9.59 58.89
N ARG D 143 -13.39 -10.49 59.37
CA ARG D 143 -14.77 -10.11 59.58
C ARG D 143 -14.93 -9.07 60.67
N GLU D 144 -14.04 -9.08 61.66
CA GLU D 144 -14.13 -8.12 62.77
C GLU D 144 -13.76 -6.73 62.32
N VAL D 145 -12.72 -6.65 61.48
CA VAL D 145 -12.20 -5.38 60.96
C VAL D 145 -13.14 -4.69 59.92
N LEU D 146 -14.05 -5.47 59.31
CA LEU D 146 -14.94 -4.92 58.27
C LEU D 146 -15.72 -3.74 58.75
N VAL D 147 -16.11 -3.80 60.02
CA VAL D 147 -17.03 -2.83 60.57
C VAL D 147 -16.33 -1.82 61.52
N ASP D 148 -15.00 -1.84 61.54
CA ASP D 148 -14.22 -0.98 62.47
C ASP D 148 -13.64 0.25 61.75
N PRO D 149 -14.27 1.43 61.92
CA PRO D 149 -13.88 2.62 61.16
C PRO D 149 -12.51 3.12 61.51
N VAL D 150 -12.03 2.77 62.70
CA VAL D 150 -10.74 3.26 63.15
C VAL D 150 -9.64 2.43 62.51
N ALA D 151 -9.80 1.10 62.58
CA ALA D 151 -8.89 0.15 61.92
C ALA D 151 -8.77 0.41 60.40
N LEU D 152 -9.89 0.72 59.76
CA LEU D 152 -9.94 0.89 58.31
C LEU D 152 -9.35 2.23 57.85
N GLU D 153 -9.01 3.12 58.78
CA GLU D 153 -8.25 4.31 58.41
C GLU D 153 -6.76 4.03 58.44
N ARG D 154 -6.36 2.83 58.83
CA ARG D 154 -4.97 2.43 58.72
C ARG D 154 -4.75 1.67 57.42
N VAL D 155 -3.76 2.08 56.65
CA VAL D 155 -3.61 1.54 55.28
C VAL D 155 -3.19 0.07 55.29
N ASP D 156 -2.48 -0.38 56.34
CA ASP D 156 -2.12 -1.79 56.46
C ASP D 156 -3.32 -2.74 56.77
N VAL D 157 -4.43 -2.18 57.25
CA VAL D 157 -5.66 -2.93 57.44
C VAL D 157 -6.58 -2.75 56.21
N LEU D 158 -6.76 -1.50 55.79
CA LEU D 158 -7.68 -1.21 54.67
C LEU D 158 -7.30 -1.93 53.37
N GLN D 159 -6.03 -1.92 53.01
CA GLN D 159 -5.65 -2.44 51.71
C GLN D 159 -5.90 -3.93 51.62
N PRO D 160 -5.49 -4.71 52.64
CA PRO D 160 -5.79 -6.14 52.53
C PRO D 160 -7.28 -6.48 52.65
N VAL D 161 -8.00 -5.73 53.46
CA VAL D 161 -9.45 -5.90 53.54
C VAL D 161 -10.09 -5.59 52.17
N SER D 162 -9.64 -4.52 51.53
CA SER D 162 -10.13 -4.12 50.21
C SER D 162 -9.87 -5.18 49.17
N PHE D 163 -8.67 -5.74 49.21
CA PHE D 163 -8.29 -6.88 48.38
C PHE D 163 -9.21 -8.09 48.58
N ALA D 164 -9.46 -8.44 49.83
CA ALA D 164 -10.35 -9.59 50.13
C ALA D 164 -11.76 -9.37 49.54
N VAL D 165 -12.29 -8.17 49.75
CA VAL D 165 -13.64 -7.85 49.30
C VAL D 165 -13.73 -7.92 47.77
N VAL D 166 -12.78 -7.33 47.04
CA VAL D 166 -12.89 -7.34 45.58
C VAL D 166 -12.66 -8.72 44.95
N VAL D 167 -11.77 -9.50 45.54
CA VAL D 167 -11.56 -10.86 45.09
C VAL D 167 -12.84 -11.68 45.32
N SER D 168 -13.52 -11.42 46.44
CA SER D 168 -14.71 -12.16 46.80
C SER D 168 -15.94 -11.71 45.97
N LEU D 169 -15.96 -10.43 45.59
CA LEU D 169 -16.98 -9.97 44.67
C LEU D 169 -16.78 -10.59 43.29
N ALA D 170 -15.54 -10.77 42.87
CA ALA D 170 -15.26 -11.44 41.59
C ALA D 170 -15.78 -12.87 41.59
N ALA D 171 -15.59 -13.55 42.72
CA ALA D 171 -16.11 -14.91 42.88
C ALA D 171 -17.63 -14.95 42.81
N LEU D 172 -18.29 -13.95 43.39
CA LEU D 172 -19.74 -13.86 43.35
C LEU D 172 -20.24 -13.60 41.93
N TRP D 173 -19.58 -12.72 41.20
CA TRP D 173 -19.88 -12.54 39.77
C TRP D 173 -19.73 -13.86 38.98
N ALA D 174 -18.66 -14.63 39.27
CA ALA D 174 -18.42 -15.85 38.55
C ALA D 174 -19.61 -16.83 38.79
N SER D 175 -20.18 -16.79 40.00
CA SER D 175 -21.23 -17.74 40.35
C SER D 175 -22.55 -17.42 39.61
N VAL D 176 -22.69 -16.21 39.07
CA VAL D 176 -23.81 -15.90 38.18
C VAL D 176 -23.37 -15.83 36.72
N GLY D 177 -22.28 -16.51 36.42
CA GLY D 177 -21.86 -16.71 35.04
C GLY D 177 -21.18 -15.51 34.39
N VAL D 178 -20.73 -14.54 35.20
CA VAL D 178 -20.02 -13.38 34.66
C VAL D 178 -18.54 -13.54 34.96
N ARG D 179 -17.81 -13.99 33.95
CA ARG D 179 -16.41 -14.31 34.07
C ARG D 179 -15.61 -13.45 33.10
N PRO D 180 -14.41 -13.01 33.50
CA PRO D 180 -13.63 -12.15 32.65
C PRO D 180 -13.00 -12.88 31.47
N ASP D 181 -13.03 -12.25 30.30
CA ASP D 181 -12.15 -12.59 29.19
C ASP D 181 -10.78 -11.92 29.34
N ALA D 182 -10.73 -10.85 30.15
CA ALA D 182 -9.49 -10.12 30.44
C ALA D 182 -9.72 -9.34 31.76
N VAL D 183 -8.65 -9.01 32.44
CA VAL D 183 -8.78 -8.22 33.66
C VAL D 183 -7.83 -7.00 33.62
N VAL D 184 -8.21 -5.95 34.35
CA VAL D 184 -7.35 -4.82 34.54
C VAL D 184 -7.54 -4.29 35.95
N GLY D 185 -6.42 -4.04 36.63
CA GLY D 185 -6.48 -3.54 38.01
C GLY D 185 -5.72 -2.21 38.13
N HIS D 186 -6.36 -1.27 38.78
CA HIS D 186 -5.83 0.08 39.01
C HIS D 186 -5.02 0.04 40.33
N SER D 187 -3.75 0.38 40.23
CA SER D 187 -2.92 0.49 41.43
C SER D 187 -3.01 -0.87 42.22
N GLN D 188 -3.41 -0.86 43.51
CA GLN D 188 -3.43 -2.13 44.28
C GLN D 188 -4.37 -3.16 43.67
N GLY D 189 -5.32 -2.68 42.88
CA GLY D 189 -6.21 -3.58 42.14
C GLY D 189 -5.50 -4.53 41.20
N GLU D 190 -4.32 -4.15 40.75
CA GLU D 190 -3.54 -5.03 39.89
C GLU D 190 -3.20 -6.36 40.61
N VAL D 191 -3.03 -6.33 41.92
CA VAL D 191 -2.70 -7.55 42.63
C VAL D 191 -3.92 -8.50 42.62
N ALA D 192 -5.10 -7.93 42.87
CA ALA D 192 -6.34 -8.70 42.78
C ALA D 192 -6.54 -9.25 41.36
N ALA D 193 -6.35 -8.38 40.37
CA ALA D 193 -6.52 -8.78 38.99
C ALA D 193 -5.59 -9.97 38.63
N ALA D 194 -4.33 -9.87 39.03
CA ALA D 194 -3.36 -10.95 38.79
C ALA D 194 -3.84 -12.27 39.40
N HIS D 195 -4.37 -12.22 40.60
CA HIS D 195 -4.89 -13.40 41.24
C HIS D 195 -6.09 -13.95 40.45
N VAL D 196 -7.05 -13.09 40.14
CA VAL D 196 -8.26 -13.53 39.46
C VAL D 196 -7.93 -14.10 38.08
N ALA D 197 -6.85 -13.61 37.47
CA ALA D 197 -6.40 -14.09 36.16
C ALA D 197 -5.66 -15.41 36.25
N GLY D 198 -5.34 -15.85 37.45
CA GLY D 198 -4.65 -17.13 37.66
C GLY D 198 -3.14 -17.06 37.75
N ALA D 199 -2.58 -15.84 37.75
CA ALA D 199 -1.13 -15.65 37.80
C ALA D 199 -0.54 -15.76 39.20
N LEU D 200 -1.38 -15.52 40.21
CA LEU D 200 -0.98 -15.63 41.62
C LEU D 200 -2.02 -16.42 42.36
N THR D 201 -1.57 -17.22 43.34
CA THR D 201 -2.49 -17.83 44.28
C THR D 201 -3.05 -16.76 45.20
N LEU D 202 -4.16 -17.07 45.85
CA LEU D 202 -4.76 -16.18 46.83
C LEU D 202 -3.73 -15.84 47.90
N ALA D 203 -3.01 -16.84 48.38
CA ALA D 203 -2.03 -16.62 49.47
C ALA D 203 -0.91 -15.64 49.03
N GLU D 204 -0.38 -15.85 47.83
CA GLU D 204 0.74 -15.05 47.36
C GLU D 204 0.28 -13.60 47.07
N ALA D 205 -0.89 -13.44 46.49
CA ALA D 205 -1.44 -12.12 46.24
C ALA D 205 -1.69 -11.39 47.56
N ALA D 206 -2.26 -12.08 48.53
CA ALA D 206 -2.49 -11.47 49.85
C ALA D 206 -1.18 -11.07 50.49
N ARG D 207 -0.16 -11.89 50.31
CA ARG D 207 1.15 -11.58 50.90
C ARG D 207 1.73 -10.28 50.32
N ILE D 208 1.59 -10.12 49.00
CA ILE D 208 2.04 -8.88 48.35
C ILE D 208 1.32 -7.67 48.95
N VAL D 209 -0.01 -7.74 49.04
CA VAL D 209 -0.77 -6.56 49.50
C VAL D 209 -0.48 -6.28 50.98
N VAL D 210 -0.45 -7.35 51.78
CA VAL D 210 -0.17 -7.21 53.23
C VAL D 210 1.22 -6.59 53.47
N LEU D 211 2.24 -7.09 52.77
CA LEU D 211 3.62 -6.59 52.99
C LEU D 211 3.80 -5.16 52.45
N ARG D 212 3.23 -4.89 51.29
CA ARG D 212 3.36 -3.60 50.70
C ARG D 212 2.58 -2.54 51.48
N SER D 213 1.36 -2.85 51.88
CA SER D 213 0.57 -1.91 52.64
C SER D 213 1.16 -1.60 54.01
N ALA D 214 1.73 -2.61 54.67
CA ALA D 214 2.37 -2.38 55.97
C ALA D 214 3.58 -1.46 55.81
N LEU D 215 4.34 -1.62 54.74
CA LEU D 215 5.48 -0.76 54.47
C LEU D 215 5.04 0.69 54.19
N ILE D 216 3.96 0.85 53.42
CA ILE D 216 3.41 2.17 53.17
C ILE D 216 3.00 2.83 54.48
N ALA D 217 2.35 2.07 55.34
CA ALA D 217 1.89 2.59 56.62
C ALA D 217 3.06 3.03 57.49
N ARG D 218 4.13 2.23 57.52
CA ARG D 218 5.29 2.54 58.35
C ARG D 218 6.04 3.77 57.84
N GLU D 219 6.13 3.95 56.52
CA GLU D 219 7.08 4.90 55.95
C GLU D 219 6.42 6.12 55.27
N LEU D 220 5.21 5.96 54.70
CA LEU D 220 4.59 7.03 53.90
C LEU D 220 3.37 7.66 54.54
N SER D 221 2.62 6.88 55.32
CA SER D 221 1.36 7.36 55.88
C SER D 221 1.64 8.60 56.72
N GLY D 222 0.78 9.62 56.59
CA GLY D 222 0.99 10.88 57.29
C GLY D 222 1.88 11.88 56.54
N ARG D 223 2.42 11.50 55.38
CA ARG D 223 3.38 12.36 54.69
C ARG D 223 2.91 12.79 53.28
N GLY D 224 1.65 12.51 52.97
CA GLY D 224 1.12 12.86 51.68
C GLY D 224 -0.37 12.66 51.52
N ALA D 225 -0.83 12.92 50.31
CA ALA D 225 -2.24 12.89 49.97
C ALA D 225 -2.37 12.61 48.47
N MET D 226 -3.56 12.17 48.06
CA MET D 226 -3.87 11.98 46.65
C MET D 226 -5.20 12.62 46.33
N LEU D 227 -5.28 13.18 45.14
CA LEU D 227 -6.41 14.02 44.77
C LEU D 227 -6.81 13.67 43.35
N THR D 228 -8.06 13.30 43.15
CA THR D 228 -8.57 13.07 41.83
C THR D 228 -9.30 14.31 41.30
N VAL D 229 -9.06 14.64 40.04
CA VAL D 229 -9.51 15.88 39.43
C VAL D 229 -10.33 15.58 38.20
N VAL D 230 -11.42 16.31 38.01
CA VAL D 230 -12.27 16.11 36.85
C VAL D 230 -11.74 16.98 35.70
N ALA D 231 -10.82 16.45 34.93
CA ALA D 231 -10.12 17.17 33.87
C ALA D 231 -9.29 16.14 33.16
N ASP D 232 -8.76 16.50 31.97
CA ASP D 232 -7.85 15.60 31.25
C ASP D 232 -6.43 15.87 31.59
N VAL D 233 -5.55 14.94 31.20
CA VAL D 233 -4.17 14.99 31.63
C VAL D 233 -3.45 16.24 31.07
N GLU D 234 -3.84 16.68 29.88
CA GLU D 234 -3.23 17.87 29.26
C GLU D 234 -3.53 19.11 30.14
N ARG D 235 -4.76 19.25 30.54
CA ARG D 235 -5.19 20.36 31.38
C ARG D 235 -4.57 20.31 32.78
N VAL D 236 -4.51 19.13 33.39
CA VAL D 236 -3.90 19.01 34.71
C VAL D 236 -2.41 19.33 34.65
N THR D 237 -1.75 18.85 33.60
CA THR D 237 -0.33 19.09 33.44
C THR D 237 -0.05 20.61 33.31
N ALA D 238 -0.89 21.30 32.58
CA ALA D 238 -0.79 22.77 32.44
C ALA D 238 -0.99 23.47 33.78
N LEU D 239 -1.91 22.99 34.58
CA LEU D 239 -2.17 23.60 35.86
C LEU D 239 -1.11 23.28 36.88
N LEU D 240 -0.28 22.27 36.61
CA LEU D 240 0.79 21.92 37.54
C LEU D 240 2.06 22.75 37.27
N ALA D 241 1.97 23.70 36.34
CA ALA D 241 3.01 24.74 36.22
C ALA D 241 3.26 25.39 37.57
N GLY D 242 4.51 25.32 38.03
CA GLY D 242 4.89 25.86 39.33
C GLY D 242 4.80 24.85 40.45
N PHE D 243 4.36 23.63 40.13
CA PHE D 243 4.29 22.58 41.14
C PHE D 243 5.30 21.44 40.89
N GLU D 244 6.24 21.69 39.97
CA GLU D 244 7.24 20.68 39.58
C GLU D 244 7.92 20.11 40.80
N GLY D 245 7.93 18.78 40.90
CA GLY D 245 8.52 18.10 42.03
C GLY D 245 7.79 18.28 43.35
N ARG D 246 6.60 18.87 43.35
CA ARG D 246 5.84 18.96 44.59
C ARG D 246 4.49 18.24 44.48
N VAL D 247 3.85 18.37 43.31
CA VAL D 247 2.62 17.66 43.04
C VAL D 247 2.73 17.07 41.66
N CYS D 248 2.57 15.75 41.55
CA CYS D 248 2.77 15.08 40.26
C CYS D 248 1.55 14.27 39.84
N VAL D 249 1.47 13.98 38.56
CA VAL D 249 0.40 13.12 38.06
C VAL D 249 0.66 11.68 38.51
N ALA D 250 -0.34 11.09 39.18
CA ALA D 250 -0.24 9.74 39.74
C ALA D 250 -1.11 8.71 38.95
N ALA D 251 -2.11 9.19 38.25
CA ALA D 251 -2.96 8.31 37.46
C ALA D 251 -3.63 9.09 36.36
N VAL D 252 -3.74 8.42 35.20
CA VAL D 252 -4.56 8.91 34.11
C VAL D 252 -5.68 7.91 33.89
N ASN D 253 -6.89 8.30 34.30
CA ASN D 253 -8.02 7.36 34.33
C ASN D 253 -8.92 7.51 33.14
N GLY D 254 -8.99 8.71 32.58
CA GLY D 254 -9.89 8.98 31.47
C GLY D 254 -9.84 10.44 31.10
N PRO D 255 -10.64 10.85 30.13
CA PRO D 255 -10.60 12.24 29.66
C PRO D 255 -11.15 13.23 30.69
N ALA D 256 -11.76 12.73 31.77
CA ALA D 256 -12.23 13.61 32.84
C ALA D 256 -11.90 13.03 34.25
N SER D 257 -10.76 12.37 34.36
CA SER D 257 -10.29 11.87 35.66
C SER D 257 -8.80 11.66 35.65
N VAL D 258 -8.09 12.49 36.39
CA VAL D 258 -6.67 12.38 36.55
C VAL D 258 -6.38 12.56 38.03
N THR D 259 -5.47 11.77 38.57
CA THR D 259 -5.17 11.83 40.00
C THR D 259 -3.78 12.39 40.17
N VAL D 260 -3.60 13.27 41.16
CA VAL D 260 -2.29 13.80 41.48
C VAL D 260 -1.92 13.48 42.93
N SER D 261 -0.65 13.65 43.26
CA SER D 261 -0.11 13.14 44.49
C SER D 261 1.00 14.05 44.98
N GLY D 262 1.09 14.22 46.29
CA GLY D 262 2.19 14.93 46.91
C GLY D 262 1.95 15.21 48.37
N GLU D 263 2.82 16.02 48.97
CA GLU D 263 2.66 16.39 50.37
C GLU D 263 1.37 17.20 50.54
N ASP D 264 0.77 17.11 51.72
CA ASP D 264 -0.55 17.66 51.99
C ASP D 264 -0.62 19.15 51.64
N GLY D 265 0.36 19.92 52.11
CA GLY D 265 0.36 21.35 51.90
C GLY D 265 0.42 21.70 50.42
N ALA D 266 1.28 21.02 49.70
CA ALA D 266 1.42 21.25 48.28
C ALA D 266 0.11 20.93 47.54
N VAL D 267 -0.53 19.83 47.93
CA VAL D 267 -1.78 19.44 47.32
C VAL D 267 -2.87 20.48 47.64
N ARG D 268 -2.87 20.99 48.86
CA ARG D 268 -3.82 22.06 49.26
C ARG D 268 -3.64 23.32 48.39
N GLU D 269 -2.39 23.66 48.08
CA GLU D 269 -2.10 24.78 47.18
C GLU D 269 -2.62 24.53 45.79
N PHE D 270 -2.48 23.31 45.31
CA PHE D 270 -3.01 22.97 44.01
C PHE D 270 -4.54 22.98 44.00
N GLU D 271 -5.17 22.56 45.09
CA GLU D 271 -6.63 22.62 45.19
C GLU D 271 -7.15 24.06 45.03
N ARG D 272 -6.41 25.04 45.54
CA ARG D 272 -6.79 26.46 45.37
C ARG D 272 -6.75 26.88 43.91
N VAL D 273 -5.75 26.38 43.19
CA VAL D 273 -5.64 26.59 41.75
C VAL D 273 -6.85 26.01 41.03
N LEU D 274 -7.22 24.80 41.42
CA LEU D 274 -8.38 24.14 40.84
C LEU D 274 -9.66 24.88 41.16
N SER D 275 -9.82 25.22 42.42
CA SER D 275 -11.01 25.88 42.89
C SER D 275 -11.31 27.19 42.13
N ALA D 276 -10.26 27.95 41.83
CA ALA D 276 -10.44 29.26 41.19
C ALA D 276 -10.92 29.06 39.76
N ARG D 277 -10.58 27.89 39.20
CA ARG D 277 -10.96 27.55 37.86
C ARG D 277 -12.21 26.66 37.81
N ARG D 278 -12.93 26.64 38.92
CA ARG D 278 -14.18 25.90 39.04
C ARG D 278 -14.02 24.46 38.60
N MET D 279 -12.94 23.81 39.00
CA MET D 279 -12.75 22.44 38.64
C MET D 279 -13.07 21.54 39.83
N LEU D 280 -13.68 20.41 39.53
CA LEU D 280 -14.11 19.49 40.56
C LEU D 280 -12.98 18.57 40.94
N ARG D 281 -12.89 18.25 42.22
CA ARG D 281 -11.80 17.41 42.71
C ARG D 281 -12.13 16.92 44.10
N TRP D 282 -11.45 15.86 44.52
CA TRP D 282 -11.62 15.34 45.88
C TRP D 282 -10.40 14.54 46.29
N ARG D 283 -10.10 14.57 47.59
CA ARG D 283 -9.09 13.70 48.15
C ARG D 283 -9.60 12.25 48.07
N LEU D 284 -8.67 11.31 47.91
CA LEU D 284 -9.02 9.90 47.93
C LEU D 284 -9.24 9.46 49.37
N PRO D 285 -10.42 8.93 49.66
CA PRO D 285 -10.70 8.37 50.99
C PRO D 285 -9.77 7.21 51.31
N GLY D 286 -9.29 7.11 52.56
CA GLY D 286 -8.45 5.98 52.98
C GLY D 286 -6.98 6.10 52.60
N VAL D 287 -6.62 7.25 52.02
CA VAL D 287 -5.27 7.49 51.54
C VAL D 287 -4.67 8.64 52.31
N ASP D 288 -3.55 8.38 52.98
CA ASP D 288 -2.85 9.40 53.76
C ASP D 288 -1.40 9.46 53.34
N PHE D 289 -1.13 9.11 52.08
CA PHE D 289 0.21 9.03 51.57
C PHE D 289 0.26 9.41 50.09
N ALA D 290 1.44 9.79 49.61
CA ALA D 290 1.65 10.22 48.24
C ALA D 290 2.04 9.04 47.35
N GLY D 291 1.06 8.19 47.02
CA GLY D 291 1.32 7.11 46.06
C GLY D 291 1.81 7.62 44.72
N HIS D 292 2.58 6.78 44.04
CA HIS D 292 3.00 7.04 42.66
C HIS D 292 3.77 8.37 42.58
N SER D 293 4.59 8.62 43.60
CA SER D 293 5.41 9.83 43.68
C SER D 293 6.85 9.48 44.02
N PRO D 294 7.73 10.48 43.96
CA PRO D 294 9.13 10.23 44.36
C PRO D 294 9.30 9.84 45.82
N GLN D 295 8.28 10.06 46.66
CA GLN D 295 8.32 9.60 48.06
C GLN D 295 8.45 8.06 48.13
N VAL D 296 8.05 7.40 47.05
CA VAL D 296 8.04 5.93 47.02
C VAL D 296 9.47 5.37 46.79
N ASP D 297 10.37 6.20 46.23
CA ASP D 297 11.78 5.79 45.99
C ASP D 297 12.43 5.19 47.24
N ALA D 298 12.20 5.81 48.38
CA ALA D 298 12.77 5.41 49.65
C ALA D 298 12.33 4.02 50.11
N LEU D 299 11.23 3.51 49.56
CA LEU D 299 10.70 2.19 49.98
C LEU D 299 11.31 1.06 49.17
N ARG D 300 11.92 1.37 48.05
CA ARG D 300 12.24 0.38 47.05
C ARG D 300 13.06 -0.79 47.63
N ALA D 301 14.12 -0.47 48.35
CA ALA D 301 15.02 -1.51 48.86
C ALA D 301 14.29 -2.44 49.82
N GLU D 302 13.56 -1.89 50.82
CA GLU D 302 12.84 -2.72 51.78
C GLU D 302 11.70 -3.54 51.11
N LEU D 303 11.03 -2.95 50.14
CA LEU D 303 9.95 -3.69 49.44
C LEU D 303 10.52 -4.88 48.65
N LEU D 304 11.60 -4.64 47.90
CA LEU D 304 12.22 -5.72 47.08
C LEU D 304 12.70 -6.87 47.96
N ALA D 305 13.20 -6.53 49.15
CA ALA D 305 13.62 -7.51 50.12
C ALA D 305 12.45 -8.24 50.75
N ALA D 306 11.44 -7.50 51.20
CA ALA D 306 10.31 -8.13 51.86
C ALA D 306 9.60 -9.08 50.89
N LEU D 307 9.40 -8.64 49.65
CA LEU D 307 8.69 -9.47 48.69
C LEU D 307 9.55 -10.65 48.27
N GLY D 308 10.82 -10.40 48.00
CA GLY D 308 11.73 -11.47 47.62
C GLY D 308 11.35 -12.05 46.30
N ASP D 309 11.39 -13.38 46.22
CA ASP D 309 10.91 -14.09 45.03
C ASP D 309 9.37 -14.21 45.09
N ILE D 310 8.72 -13.83 44.00
CA ILE D 310 7.28 -13.93 43.92
C ILE D 310 6.99 -15.27 43.25
N ALA D 311 6.12 -16.06 43.87
CA ALA D 311 5.56 -17.24 43.21
C ALA D 311 4.44 -16.80 42.24
N SER D 312 4.73 -16.83 40.96
CA SER D 312 3.76 -16.48 39.96
C SER D 312 3.88 -17.39 38.77
N ARG D 313 2.85 -17.39 37.93
CA ARG D 313 2.88 -18.15 36.70
C ARG D 313 2.06 -17.44 35.64
N GLU D 314 2.06 -17.97 34.43
CA GLU D 314 1.36 -17.35 33.32
C GLU D 314 -0.14 -17.21 33.62
N PRO D 315 -0.69 -16.02 33.40
CA PRO D 315 -2.13 -15.84 33.63
C PRO D 315 -2.95 -16.67 32.64
N GLU D 316 -4.08 -17.19 33.10
CA GLU D 316 -4.95 -17.99 32.27
C GLU D 316 -5.80 -17.10 31.34
N ILE D 317 -5.91 -15.82 31.66
CA ILE D 317 -6.52 -14.84 30.74
C ILE D 317 -5.70 -13.56 30.73
N PRO D 318 -5.89 -12.72 29.71
CA PRO D 318 -5.03 -11.56 29.59
C PRO D 318 -5.16 -10.64 30.81
N LEU D 319 -4.00 -10.28 31.35
CA LEU D 319 -3.88 -9.31 32.39
C LEU D 319 -3.25 -8.04 31.82
N LEU D 320 -4.05 -7.00 31.68
CA LEU D 320 -3.57 -5.70 31.18
C LEU D 320 -3.04 -4.88 32.36
N SER D 321 -1.73 -4.70 32.41
CA SER D 321 -1.11 -3.96 33.51
C SER D 321 -1.39 -2.48 33.39
N THR D 322 -1.64 -1.82 34.52
CA THR D 322 -1.68 -0.38 34.55
C THR D 322 -0.33 0.23 34.89
N VAL D 323 0.71 -0.61 35.03
CA VAL D 323 2.09 -0.08 35.07
C VAL D 323 2.51 0.37 33.66
N THR D 324 2.17 -0.45 32.67
CA THR D 324 2.62 -0.23 31.29
C THR D 324 1.48 0.19 30.37
N GLY D 325 0.25 -0.18 30.72
CA GLY D 325 -0.86 -0.08 29.81
C GLY D 325 -0.88 -1.19 28.75
N GLU D 326 -0.08 -2.23 28.97
CA GLU D 326 0.04 -3.36 28.04
C GLU D 326 -0.08 -4.70 28.77
N PRO D 327 -0.19 -5.79 28.03
CA PRO D 327 -0.25 -7.09 28.71
C PRO D 327 0.95 -7.28 29.63
N ALA D 328 0.69 -7.80 30.83
CA ALA D 328 1.72 -7.86 31.85
C ALA D 328 2.80 -8.83 31.43
N THR D 329 4.02 -8.54 31.84
CA THR D 329 5.12 -9.45 31.66
C THR D 329 5.41 -10.14 33.01
N ARG D 330 6.63 -10.03 33.49
CA ARG D 330 7.02 -10.78 34.67
C ARG D 330 6.40 -10.09 35.89
N LEU D 331 5.75 -10.84 36.76
CA LEU D 331 5.19 -10.27 38.00
C LEU D 331 6.14 -10.49 39.19
N ASP D 332 7.35 -9.96 39.06
CA ASP D 332 8.35 -10.08 40.09
C ASP D 332 8.26 -8.90 41.07
N ALA D 333 9.13 -8.90 42.07
CA ALA D 333 9.07 -7.87 43.10
C ALA D 333 9.21 -6.49 42.47
N GLU D 334 10.02 -6.37 41.43
CA GLU D 334 10.24 -5.09 40.78
C GLU D 334 8.92 -4.57 40.14
N HIS D 335 8.15 -5.49 39.56
CA HIS D 335 6.83 -5.12 39.02
C HIS D 335 5.94 -4.55 40.12
N TRP D 336 5.92 -5.23 41.27
CA TRP D 336 5.09 -4.78 42.37
C TRP D 336 5.59 -3.49 43.04
N TYR D 337 6.89 -3.22 42.92
CA TYR D 337 7.41 -1.90 43.23
C TYR D 337 6.89 -0.86 42.26
N ARG D 338 7.01 -1.11 40.97
CA ARG D 338 6.60 -0.15 39.97
C ARG D 338 5.08 0.11 39.98
N ASN D 339 4.33 -0.87 40.44
CA ASN D 339 2.88 -0.79 40.59
C ASN D 339 2.55 0.36 41.60
N LEU D 340 3.42 0.56 42.58
CA LEU D 340 3.28 1.64 43.56
C LEU D 340 3.98 2.94 43.14
N ARG D 341 5.11 2.84 42.44
CA ARG D 341 5.92 4.02 42.13
C ARG D 341 5.41 4.75 40.90
N GLU D 342 5.12 3.99 39.85
CA GLU D 342 4.85 4.58 38.54
C GLU D 342 3.40 5.00 38.45
N PRO D 343 3.13 6.03 37.64
CA PRO D 343 1.74 6.47 37.46
C PRO D 343 0.85 5.36 36.90
N VAL D 344 -0.41 5.40 37.26
CA VAL D 344 -1.35 4.38 36.82
C VAL D 344 -1.85 4.70 35.44
N ARG D 345 -1.60 3.80 34.51
CA ARG D 345 -1.98 3.99 33.14
C ARG D 345 -3.31 3.28 32.87
N PHE D 346 -4.35 3.71 33.59
CA PHE D 346 -5.64 3.04 33.53
C PHE D 346 -6.33 3.29 32.18
N ALA D 347 -6.35 4.54 31.72
CA ALA D 347 -6.97 4.84 30.44
C ALA D 347 -6.30 4.07 29.30
N ASP D 348 -4.98 3.96 29.36
CA ASP D 348 -4.24 3.21 28.37
C ASP D 348 -4.66 1.75 28.31
N ALA D 349 -4.78 1.14 29.48
CA ALA D 349 -5.14 -0.27 29.58
C ALA D 349 -6.56 -0.52 29.05
N VAL D 350 -7.48 0.36 29.41
CA VAL D 350 -8.85 0.23 29.01
C VAL D 350 -9.01 0.40 27.49
N THR D 351 -8.30 1.37 26.92
CA THR D 351 -8.37 1.60 25.48
C THR D 351 -7.73 0.45 24.68
N ALA D 352 -6.69 -0.18 25.22
CA ALA D 352 -6.12 -1.36 24.60
C ALA D 352 -7.16 -2.48 24.50
N LEU D 353 -7.99 -2.62 25.56
CA LEU D 353 -9.05 -3.63 25.56
C LEU D 353 -10.21 -3.26 24.64
N LEU D 354 -10.59 -1.98 24.61
CA LEU D 354 -11.66 -1.55 23.72
C LEU D 354 -11.24 -1.81 22.26
N ASP D 355 -9.95 -1.69 21.99
CA ASP D 355 -9.45 -1.81 20.61
C ASP D 355 -9.30 -3.29 20.22
N ARG D 356 -9.48 -4.18 21.19
CA ARG D 356 -9.46 -5.61 20.96
C ARG D 356 -10.84 -6.24 21.24
N GLY D 357 -11.91 -5.49 21.05
CA GLY D 357 -13.25 -6.07 20.97
C GLY D 357 -13.91 -6.28 22.33
N HIS D 358 -13.39 -5.64 23.38
CA HIS D 358 -14.05 -5.72 24.71
C HIS D 358 -15.12 -4.64 24.86
N ARG D 359 -16.31 -5.06 25.25
CA ARG D 359 -17.45 -4.17 25.30
C ARG D 359 -18.24 -4.23 26.61
N VAL D 360 -17.82 -5.12 27.53
CA VAL D 360 -18.52 -5.27 28.79
C VAL D 360 -17.50 -5.10 29.92
N PHE D 361 -17.74 -4.13 30.78
CA PHE D 361 -16.77 -3.77 31.84
C PHE D 361 -17.48 -3.79 33.20
N VAL D 362 -17.00 -4.68 34.07
CA VAL D 362 -17.59 -4.84 35.39
C VAL D 362 -16.60 -4.38 36.42
N GLU D 363 -16.91 -3.28 37.10
CA GLU D 363 -16.06 -2.82 38.19
C GLU D 363 -16.42 -3.58 39.44
N VAL D 364 -15.44 -4.30 39.96
CA VAL D 364 -15.61 -5.23 41.05
C VAL D 364 -15.25 -4.51 42.35
N SER D 365 -16.14 -3.63 42.79
CA SER D 365 -15.81 -2.66 43.84
C SER D 365 -16.98 -2.41 44.78
N PRO D 366 -16.70 -1.86 45.97
CA PRO D 366 -17.73 -1.44 46.92
C PRO D 366 -18.53 -0.24 46.49
N HIS D 367 -17.94 0.57 45.61
CA HIS D 367 -18.58 1.76 45.09
C HIS D 367 -17.88 2.18 43.80
N PRO D 368 -18.64 2.64 42.81
CA PRO D 368 -18.02 2.75 41.48
C PRO D 368 -17.17 3.99 41.39
N VAL D 369 -15.89 3.78 41.11
CA VAL D 369 -14.95 4.91 41.08
C VAL D 369 -14.30 5.09 39.72
N LEU D 370 -14.35 4.06 38.89
CA LEU D 370 -13.76 4.14 37.54
C LEU D 370 -14.76 3.95 36.41
N THR D 371 -16.02 3.73 36.74
CA THR D 371 -17.04 3.44 35.74
C THR D 371 -17.25 4.63 34.79
N THR D 372 -17.28 5.83 35.32
CA THR D 372 -17.53 7.01 34.48
C THR D 372 -16.37 7.21 33.49
N SER D 373 -15.15 6.88 33.90
CA SER D 373 -14.01 6.94 33.01
C SER D 373 -14.09 5.85 31.92
N VAL D 374 -14.52 4.65 32.28
CA VAL D 374 -14.65 3.60 31.29
C VAL D 374 -15.73 3.98 30.27
N VAL D 375 -16.84 4.54 30.74
CA VAL D 375 -17.92 4.99 29.87
C VAL D 375 -17.40 6.08 28.90
N ASP D 376 -16.64 7.02 29.43
CA ASP D 376 -16.06 8.13 28.60
C ASP D 376 -15.10 7.57 27.52
N LEU D 377 -14.30 6.59 27.90
CA LEU D 377 -13.32 5.99 27.00
C LEU D 377 -13.99 5.11 25.93
N ALA D 378 -15.12 4.51 26.29
CA ALA D 378 -15.77 3.55 25.45
C ALA D 378 -16.55 4.21 24.31
N ALA D 379 -16.94 5.48 24.49
CA ALA D 379 -17.75 6.19 23.48
C ALA D 379 -16.98 6.23 22.14
N PRO D 380 -17.65 5.89 21.03
CA PRO D 380 -19.09 5.81 20.96
C PRO D 380 -19.59 4.36 20.78
N HIS D 381 -18.78 3.38 21.20
CA HIS D 381 -19.13 1.98 21.07
C HIS D 381 -20.31 1.62 21.95
N ARG D 382 -21.07 0.59 21.55
CA ARG D 382 -22.15 0.06 22.39
C ARG D 382 -21.52 -0.81 23.47
N THR D 383 -21.59 -0.34 24.72
CA THR D 383 -20.84 -0.99 25.80
C THR D 383 -21.71 -1.01 27.06
N ALA D 384 -21.53 -2.04 27.86
CA ALA D 384 -22.21 -2.14 29.15
C ALA D 384 -21.18 -1.97 30.22
N VAL D 385 -21.39 -0.98 31.10
CA VAL D 385 -20.42 -0.67 32.13
C VAL D 385 -21.17 -0.61 33.45
N VAL D 386 -20.80 -1.47 34.38
CA VAL D 386 -21.48 -1.54 35.66
C VAL D 386 -20.46 -1.62 36.77
N GLY D 387 -20.91 -1.25 37.98
CA GLY D 387 -20.16 -1.53 39.19
C GLY D 387 -20.76 -2.73 39.87
N THR D 388 -20.56 -2.84 41.18
CA THR D 388 -21.04 -4.02 41.91
C THR D 388 -21.88 -3.55 43.12
N LEU D 389 -21.23 -2.96 44.12
CA LEU D 389 -21.96 -2.33 45.23
C LEU D 389 -21.90 -0.82 45.18
N ARG D 390 -22.63 -0.17 46.10
CA ARG D 390 -22.48 1.27 46.31
C ARG D 390 -22.37 1.57 47.81
N ARG D 391 -21.82 2.74 48.11
CA ARG D 391 -21.78 3.30 49.47
C ARG D 391 -23.11 3.08 50.16
N ASP D 392 -23.08 2.46 51.34
CA ASP D 392 -24.28 2.21 52.15
C ASP D 392 -25.27 1.25 51.50
N GLU D 393 -24.85 0.56 50.45
CA GLU D 393 -25.71 -0.42 49.79
C GLU D 393 -24.94 -1.68 49.51
N GLY D 394 -24.84 -2.53 50.53
CA GLY D 394 -23.99 -3.70 50.49
C GLY D 394 -24.75 -4.99 50.52
N GLY D 395 -26.05 -4.90 50.25
CA GLY D 395 -26.89 -6.08 50.24
C GLY D 395 -26.82 -6.89 48.95
N LEU D 396 -27.35 -8.11 49.02
CA LEU D 396 -27.55 -8.94 47.83
C LEU D 396 -28.45 -8.23 46.81
N ASP D 397 -29.36 -7.39 47.28
CA ASP D 397 -30.22 -6.60 46.40
C ASP D 397 -29.42 -5.68 45.47
N ARG D 398 -28.39 -5.04 46.01
CA ARG D 398 -27.57 -4.14 45.22
C ARG D 398 -26.76 -4.94 44.26
N PHE D 399 -26.24 -6.09 44.70
CA PHE D 399 -25.49 -6.94 43.77
C PHE D 399 -26.39 -7.34 42.60
N LEU D 400 -27.59 -7.81 42.93
CA LEU D 400 -28.53 -8.26 41.88
C LEU D 400 -28.93 -7.13 40.92
N LEU D 401 -29.04 -5.91 41.42
CA LEU D 401 -29.33 -4.78 40.53
C LEU D 401 -28.17 -4.53 39.58
N SER D 402 -26.93 -4.72 40.02
CA SER D 402 -25.78 -4.61 39.13
C SER D 402 -25.80 -5.73 38.05
N ALA D 403 -26.16 -6.94 38.48
CA ALA D 403 -26.28 -8.04 37.52
C ALA D 403 -27.42 -7.71 36.53
N ALA D 404 -28.47 -7.11 37.02
CA ALA D 404 -29.61 -6.71 36.16
C ALA D 404 -29.18 -5.66 35.15
N GLU D 405 -28.26 -4.78 35.54
CA GLU D 405 -27.77 -3.75 34.63
C GLU D 405 -27.05 -4.37 33.45
N LEU D 406 -26.44 -5.54 33.65
CA LEU D 406 -25.85 -6.28 32.55
C LEU D 406 -26.94 -6.94 31.70
N HIS D 407 -27.85 -7.63 32.37
CA HIS D 407 -28.94 -8.33 31.67
C HIS D 407 -29.71 -7.41 30.71
N VAL D 408 -30.03 -6.20 31.15
CA VAL D 408 -30.87 -5.32 30.34
C VAL D 408 -30.13 -4.78 29.10
N ARG D 409 -28.80 -4.95 29.06
CA ARG D 409 -28.01 -4.57 27.90
C ARG D 409 -27.71 -5.77 27.03
N GLY D 410 -28.33 -6.91 27.35
CA GLY D 410 -28.16 -8.11 26.52
C GLY D 410 -26.99 -9.00 26.87
N VAL D 411 -26.34 -8.71 27.99
CA VAL D 411 -25.17 -9.45 28.39
C VAL D 411 -25.66 -10.70 29.14
N PRO D 412 -25.09 -11.88 28.82
CA PRO D 412 -25.46 -13.10 29.54
C PRO D 412 -25.12 -13.03 31.03
N VAL D 413 -26.11 -13.24 31.87
CA VAL D 413 -25.89 -13.35 33.32
C VAL D 413 -27.00 -14.21 33.90
N ASP D 414 -26.64 -15.08 34.84
CA ASP D 414 -27.59 -16.07 35.36
C ASP D 414 -28.40 -15.47 36.51
N LEU D 415 -29.31 -14.57 36.17
CA LEU D 415 -30.21 -13.97 37.15
C LEU D 415 -31.07 -15.07 37.80
N ALA D 416 -31.35 -16.12 37.05
CA ALA D 416 -32.26 -17.17 37.53
C ALA D 416 -31.68 -17.87 38.78
N ARG D 417 -30.36 -17.83 38.93
CA ARG D 417 -29.74 -18.41 40.11
C ARG D 417 -30.33 -17.80 41.38
N HIS D 418 -30.72 -16.54 41.32
CA HIS D 418 -31.23 -15.84 42.48
C HIS D 418 -32.69 -15.41 42.35
N ALA D 419 -33.42 -16.05 41.44
CA ALA D 419 -34.80 -15.64 41.14
C ALA D 419 -35.83 -16.41 41.98
N GLY D 420 -35.36 -17.36 42.79
CA GLY D 420 -36.23 -18.07 43.75
C GLY D 420 -36.89 -19.29 43.13
N ALA D 421 -37.99 -19.73 43.74
CA ALA D 421 -38.58 -21.04 43.42
C ALA D 421 -40.07 -20.89 43.01
N GLY D 422 -40.41 -19.72 42.48
CA GLY D 422 -41.80 -19.42 42.12
C GLY D 422 -42.30 -20.21 40.93
N THR D 423 -43.57 -20.62 41.02
CA THR D 423 -44.23 -21.30 39.94
C THR D 423 -45.57 -20.61 39.59
N ALA D 424 -45.87 -19.47 40.20
CA ALA D 424 -47.07 -18.70 39.81
C ALA D 424 -46.91 -18.16 38.39
N GLU D 425 -47.88 -18.45 37.53
CA GLU D 425 -47.81 -18.02 36.12
C GLU D 425 -48.60 -16.72 35.94
N VAL D 426 -48.10 -15.83 35.09
CA VAL D 426 -48.91 -14.71 34.55
C VAL D 426 -49.42 -15.11 33.15
N PRO D 427 -50.73 -14.92 32.87
CA PRO D 427 -51.23 -15.34 31.51
C PRO D 427 -50.92 -14.32 30.41
#